data_7K4D
#
_entry.id   7K4D
#
_cell.length_a   1.00
_cell.length_b   1.00
_cell.length_c   1.00
_cell.angle_alpha   90.00
_cell.angle_beta   90.00
_cell.angle_gamma   90.00
#
_symmetry.space_group_name_H-M   'P 1'
#
loop_
_entity.id
_entity.type
_entity.pdbx_description
1 polymer 'Transient receptor potential cation channel subfamily V member 6'
2 non-polymer 5-[(4-{trans-4-hydroxy-4-[3-(trifluoromethyl)phenyl]cyclohexyl}piperazin-1-yl)methyl]pyridin-2(1H)-one
3 non-polymer 'CALCIUM ION'
#
_entity_poly.entity_id   1
_entity_poly.type   'polypeptide(L)'
_entity_poly.pdbx_seq_one_letter_code
;MGLSLPKEKGLILCLWSKFCRWFQRRESWAQSRDEQNLLQQKRIWESPLLLAAKDNDVQALNKLLKYEDCKVHQRGAMGE
TALHIAALYDNLEAAMVLMEAAPELVFEPMTSELYEGQTALHIAVVNQNMNLVRALLARRASVSARATGTAFRRSPCNLI
YFGEHPLSFAACVNSEEIVRLLIEHGADIRAQDSLGNTVLHILILQPNKTFACQMYNLLLSYDRHGDHLQPLDLVPNHQG
LTPFKLAGVEGNTVMFQHLMQKRKHTQWTYGPLTSTLYDLTEIDSSGDEQSLLELIITTKKREARQILDQTPVKELVSLK
WKRYGRPYFCMLGAIYLLYIICFTMCCIYRPLKPRTNNRTSPRDNTLLQQKLLQEAYMTPKDDIRLVGELVTVIGAIIIL
LVEVPDIFRMGVTRFFGQTILGGPFHVLIITYAFMVLVTMVMRLISASGEVVPMSFALVLGWCNVMYFARGFQMLGPFTI
MIQKMIFGDLMRFCWLMAVVILGFASAFYIIFQTEDPEELGHFYDYPMALFSTFELFLTIIDGPANYNVDLPFMYSITYA
AFAIIATLLMLNLLIAMMGDTHWRVAHERDELWRAQIVATTVMLERKLPRCLWPRSGICGREYGLGDRWFLRVEDRQDLN
RQRIQRYAQAFHTRGSEDLDKDSVEKLVPR
;
_entity_poly.pdbx_strand_id   A,B,C,D
#
# COMPACT_ATOMS: atom_id res chain seq x y z
N SER A 28 -35.23 1.25 24.27
CA SER A 28 -35.46 0.91 22.86
C SER A 28 -36.90 1.18 22.47
N TRP A 29 -37.46 2.27 22.99
CA TRP A 29 -38.84 2.67 22.75
C TRP A 29 -38.91 4.10 22.26
N ALA A 30 -38.13 4.42 21.22
CA ALA A 30 -38.15 5.73 20.60
C ALA A 30 -39.46 5.99 19.85
N GLN A 31 -40.20 4.92 19.56
CA GLN A 31 -41.51 5.03 18.90
C GLN A 31 -42.52 5.78 19.78
N SER A 32 -42.36 5.72 21.10
CA SER A 32 -43.20 6.55 21.96
C SER A 32 -42.81 8.02 21.86
N ARG A 33 -41.53 8.30 21.57
CA ARG A 33 -41.13 9.68 21.32
C ARG A 33 -41.54 10.11 19.93
N ASP A 34 -41.53 9.19 18.98
CA ASP A 34 -41.99 9.51 17.63
C ASP A 34 -43.50 9.73 17.57
N GLU A 35 -44.24 9.09 18.47
CA GLU A 35 -45.69 9.25 18.50
C GLU A 35 -46.08 10.63 19.00
N GLN A 36 -45.30 11.18 19.93
CA GLN A 36 -45.68 12.46 20.53
C GLN A 36 -45.45 13.63 19.58
N ASN A 37 -44.43 13.53 18.71
CA ASN A 37 -44.23 14.60 17.74
C ASN A 37 -45.31 14.63 16.69
N LEU A 38 -45.79 13.47 16.26
CA LEU A 38 -46.81 13.47 15.22
C LEU A 38 -48.18 13.74 15.80
N LEU A 39 -48.33 13.61 17.12
CA LEU A 39 -49.57 14.02 17.77
C LEU A 39 -49.62 15.54 17.93
N GLN A 40 -48.46 16.20 17.86
CA GLN A 40 -48.41 17.65 18.05
C GLN A 40 -49.09 18.39 16.91
N GLN A 41 -48.94 17.91 15.68
CA GLN A 41 -49.58 18.56 14.54
C GLN A 41 -51.10 18.44 14.56
N LYS A 42 -51.62 17.24 14.86
CA LYS A 42 -53.06 17.00 14.76
C LYS A 42 -53.83 17.79 15.81
N ARG A 43 -53.21 18.02 16.97
CA ARG A 43 -53.82 18.91 17.94
C ARG A 43 -53.82 20.34 17.44
N ILE A 44 -52.77 20.74 16.73
CA ILE A 44 -52.70 22.09 16.18
C ILE A 44 -53.67 22.24 15.01
N TRP A 45 -53.83 21.18 14.20
CA TRP A 45 -54.84 21.19 13.15
C TRP A 45 -56.26 21.27 13.69
N GLU A 46 -56.47 20.88 14.96
CA GLU A 46 -57.81 20.93 15.52
C GLU A 46 -58.22 22.34 15.89
N SER A 47 -57.50 22.95 16.82
CA SER A 47 -57.89 24.28 17.31
C SER A 47 -57.59 25.34 16.27
N PRO A 48 -58.48 26.32 16.11
CA PRO A 48 -58.29 27.28 15.01
C PRO A 48 -57.22 28.32 15.27
N LEU A 49 -57.01 28.71 16.53
CA LEU A 49 -56.03 29.76 16.80
C LEU A 49 -54.61 29.22 16.91
N LEU A 50 -54.43 27.91 17.14
CA LEU A 50 -53.09 27.37 17.09
C LEU A 50 -52.58 27.27 15.67
N LEU A 51 -53.47 27.03 14.70
CA LEU A 51 -53.11 27.27 13.31
C LEU A 51 -52.81 28.74 13.08
N ALA A 52 -53.59 29.62 13.72
CA ALA A 52 -53.32 31.05 13.61
C ALA A 52 -52.10 31.46 14.43
N ALA A 53 -51.65 30.58 15.33
CA ALA A 53 -50.35 30.80 15.95
C ALA A 53 -49.23 30.14 15.15
N LYS A 54 -49.57 29.17 14.31
CA LYS A 54 -48.55 28.53 13.49
C LYS A 54 -48.09 29.44 12.36
N ASP A 55 -48.99 30.27 11.84
CA ASP A 55 -48.67 31.24 10.80
C ASP A 55 -48.96 32.64 11.31
N ASN A 56 -48.76 33.62 10.43
CA ASN A 56 -49.10 35.01 10.74
C ASN A 56 -50.52 35.32 10.30
N ASP A 57 -51.47 34.74 11.03
CA ASP A 57 -52.88 34.89 10.74
C ASP A 57 -53.48 35.95 11.67
N VAL A 58 -52.72 37.03 11.88
CA VAL A 58 -53.01 38.10 12.84
C VAL A 58 -54.33 38.81 12.57
N GLN A 59 -54.87 38.67 11.36
CA GLN A 59 -56.24 39.10 11.12
C GLN A 59 -57.23 38.28 11.94
N ALA A 60 -56.99 36.98 12.09
CA ALA A 60 -57.86 36.14 12.90
C ALA A 60 -57.63 36.34 14.38
N LEU A 61 -56.44 36.80 14.78
CA LEU A 61 -56.16 37.01 16.20
C LEU A 61 -56.92 38.21 16.73
N ASN A 62 -57.20 39.20 15.88
CA ASN A 62 -58.07 40.30 16.28
C ASN A 62 -59.51 39.83 16.47
N LYS A 63 -59.90 38.75 15.79
CA LYS A 63 -61.28 38.26 15.84
C LYS A 63 -61.45 37.23 16.95
N LEU A 64 -60.50 36.29 17.06
CA LEU A 64 -60.73 35.08 17.85
C LEU A 64 -60.73 35.37 19.35
N LEU A 65 -60.01 36.41 19.79
CA LEU A 65 -60.01 36.77 21.20
C LEU A 65 -61.09 37.77 21.55
N LYS A 66 -61.52 38.60 20.60
CA LYS A 66 -62.56 39.58 20.81
C LYS A 66 -63.97 39.00 20.66
N TYR A 67 -64.16 38.04 19.76
CA TYR A 67 -65.51 37.53 19.46
C TYR A 67 -65.89 36.32 20.29
N GLU A 68 -64.99 35.34 20.44
CA GLU A 68 -65.30 34.13 21.18
C GLU A 68 -64.78 34.31 22.61
N ASP A 69 -64.85 33.28 23.43
CA ASP A 69 -64.42 33.36 24.83
C ASP A 69 -63.62 32.11 25.17
N CYS A 70 -62.80 32.24 26.23
CA CYS A 70 -62.29 31.15 27.07
C CYS A 70 -61.16 30.41 26.35
N LYS A 71 -60.77 30.81 25.15
CA LYS A 71 -59.65 30.16 24.46
C LYS A 71 -58.32 30.81 24.82
N VAL A 72 -57.96 30.71 26.11
CA VAL A 72 -56.77 31.36 26.63
C VAL A 72 -55.81 30.32 27.17
N HIS A 73 -56.36 29.21 27.70
CA HIS A 73 -55.57 28.30 28.51
C HIS A 73 -55.69 26.85 28.07
N GLN A 74 -56.15 26.59 26.86
CA GLN A 74 -56.13 25.22 26.36
C GLN A 74 -54.71 24.85 25.97
N ARG A 75 -54.38 23.57 26.07
CA ARG A 75 -53.01 23.14 25.86
C ARG A 75 -52.87 22.39 24.53
N GLY A 76 -51.62 22.14 24.15
CA GLY A 76 -51.30 21.36 22.98
C GLY A 76 -51.23 19.88 23.30
N ALA A 77 -50.58 19.14 22.42
CA ALA A 77 -50.40 17.71 22.66
C ALA A 77 -49.38 17.46 23.75
N MET A 78 -48.24 18.14 23.69
CA MET A 78 -47.23 18.07 24.72
C MET A 78 -47.36 19.20 25.74
N GLY A 79 -48.57 19.72 25.93
CA GLY A 79 -48.87 20.68 26.99
C GLY A 79 -48.18 22.02 26.82
N GLU A 80 -48.57 22.78 25.81
CA GLU A 80 -47.98 24.08 25.54
C GLU A 80 -49.09 25.10 25.28
N THR A 81 -48.71 26.35 25.14
CA THR A 81 -49.65 27.42 24.88
C THR A 81 -49.45 27.93 23.46
N ALA A 82 -50.35 28.84 23.06
CA ALA A 82 -50.22 29.48 21.76
C ALA A 82 -49.05 30.45 21.71
N LEU A 83 -48.56 30.89 22.88
CA LEU A 83 -47.35 31.70 22.91
C LEU A 83 -46.12 30.88 22.55
N HIS A 84 -46.11 29.58 22.90
CA HIS A 84 -45.01 28.71 22.54
C HIS A 84 -44.94 28.50 21.04
N ILE A 85 -46.08 28.28 20.41
CA ILE A 85 -46.12 27.91 19.00
C ILE A 85 -45.69 29.09 18.13
N ALA A 86 -46.12 30.30 18.50
CA ALA A 86 -45.65 31.49 17.81
C ALA A 86 -44.18 31.75 18.10
N ALA A 87 -43.67 31.25 19.23
CA ALA A 87 -42.26 31.36 19.50
C ALA A 87 -41.47 30.25 18.80
N LEU A 88 -42.11 29.12 18.53
CA LEU A 88 -41.38 28.00 17.94
C LEU A 88 -41.14 28.19 16.45
N TYR A 89 -42.10 28.78 15.74
CA TYR A 89 -41.97 29.05 14.32
C TYR A 89 -41.70 30.53 14.06
N ASP A 90 -40.97 31.17 14.99
CA ASP A 90 -40.47 32.55 15.05
C ASP A 90 -41.37 33.60 14.41
N ASN A 91 -42.67 33.53 14.71
CA ASN A 91 -43.64 34.48 14.18
C ASN A 91 -43.73 35.65 15.16
N LEU A 92 -43.09 36.76 14.77
CA LEU A 92 -42.97 37.90 15.68
C LEU A 92 -44.29 38.66 15.82
N GLU A 93 -45.03 38.80 14.72
CA GLU A 93 -46.23 39.63 14.74
C GLU A 93 -47.35 38.98 15.54
N ALA A 94 -47.48 37.66 15.44
CA ALA A 94 -48.56 36.97 16.15
C ALA A 94 -48.25 36.82 17.64
N ALA A 95 -46.97 36.79 18.00
CA ALA A 95 -46.62 36.68 19.41
C ALA A 95 -46.87 37.99 20.15
N MET A 96 -46.76 39.12 19.45
CA MET A 96 -46.90 40.40 20.13
C MET A 96 -48.37 40.71 20.43
N VAL A 97 -49.29 40.27 19.57
CA VAL A 97 -50.70 40.54 19.80
C VAL A 97 -51.23 39.66 20.93
N LEU A 98 -50.71 38.44 21.04
CA LEU A 98 -51.16 37.53 22.08
C LEU A 98 -50.68 37.96 23.47
N MET A 99 -49.52 38.62 23.54
CA MET A 99 -49.06 39.16 24.81
C MET A 99 -49.93 40.32 25.27
N GLU A 100 -50.42 41.12 24.32
CA GLU A 100 -51.28 42.24 24.67
C GLU A 100 -52.66 41.76 25.13
N ALA A 101 -53.10 40.60 24.63
CA ALA A 101 -54.44 40.10 24.92
C ALA A 101 -54.55 39.66 26.38
N ALA A 102 -53.56 38.93 26.88
CA ALA A 102 -53.53 38.47 28.27
C ALA A 102 -52.09 38.31 28.71
N PRO A 103 -51.50 39.34 29.36
CA PRO A 103 -50.09 39.26 29.79
C PRO A 103 -49.90 38.35 31.00
N GLU A 104 -50.17 37.07 30.82
CA GLU A 104 -49.92 36.08 31.85
C GLU A 104 -49.31 34.80 31.29
N LEU A 105 -49.36 34.60 29.97
CA LEU A 105 -48.95 33.35 29.34
C LEU A 105 -47.44 33.11 29.40
N VAL A 106 -46.65 34.12 29.70
CA VAL A 106 -45.20 33.93 29.83
C VAL A 106 -44.86 33.12 31.08
N PHE A 107 -45.65 33.23 32.14
CA PHE A 107 -45.39 32.52 33.39
C PHE A 107 -45.76 31.04 33.32
N GLU A 108 -46.52 30.62 32.30
CA GLU A 108 -46.96 29.25 32.21
C GLU A 108 -45.96 28.45 31.40
N PRO A 109 -45.30 27.44 31.97
CA PRO A 109 -44.33 26.66 31.22
C PRO A 109 -45.00 25.48 30.52
N MET A 110 -44.18 24.72 29.79
CA MET A 110 -44.62 23.42 29.31
C MET A 110 -44.73 22.46 30.48
N THR A 111 -45.52 21.39 30.28
CA THR A 111 -45.85 20.51 31.39
C THR A 111 -45.75 19.02 31.07
N SER A 112 -45.27 18.66 29.89
CA SER A 112 -45.19 17.25 29.51
C SER A 112 -43.97 16.60 30.15
N GLU A 113 -43.84 15.29 29.99
CA GLU A 113 -42.71 14.57 30.55
C GLU A 113 -41.48 14.62 29.66
N LEU A 114 -41.66 14.85 28.36
CA LEU A 114 -40.50 15.10 27.50
C LEU A 114 -39.99 16.52 27.71
N TYR A 115 -40.85 17.50 27.53
CA TYR A 115 -40.48 18.91 27.65
C TYR A 115 -41.13 19.42 28.94
N GLU A 116 -40.37 19.39 30.02
CA GLU A 116 -40.90 19.74 31.34
C GLU A 116 -40.41 21.12 31.74
N GLY A 117 -41.35 22.02 32.05
CA GLY A 117 -41.01 23.31 32.61
C GLY A 117 -40.42 24.31 31.64
N GLN A 118 -40.32 23.97 30.36
CA GLN A 118 -39.64 24.81 29.39
C GLN A 118 -40.54 26.00 29.07
N THR A 119 -40.13 27.18 29.52
CA THR A 119 -40.96 28.37 29.37
C THR A 119 -40.78 29.00 27.99
N ALA A 120 -41.52 30.08 27.75
CA ALA A 120 -41.53 30.71 26.44
C ALA A 120 -40.25 31.49 26.15
N LEU A 121 -39.54 31.91 27.20
CA LEU A 121 -38.23 32.54 26.99
C LEU A 121 -37.24 31.54 26.40
N HIS A 122 -37.34 30.27 26.79
CA HIS A 122 -36.38 29.27 26.37
C HIS A 122 -36.47 28.98 24.88
N ILE A 123 -37.64 29.16 24.28
CA ILE A 123 -37.83 28.77 22.89
C ILE A 123 -37.16 29.79 21.97
N ALA A 124 -37.37 31.08 22.22
CA ALA A 124 -36.86 32.11 21.32
C ALA A 124 -35.35 32.27 21.40
N VAL A 125 -34.74 31.86 22.51
CA VAL A 125 -33.30 32.01 22.64
C VAL A 125 -32.56 30.97 21.80
N VAL A 126 -33.15 29.78 21.65
CA VAL A 126 -32.55 28.75 20.82
C VAL A 126 -32.58 29.15 19.35
N ASN A 127 -33.60 29.89 18.92
CA ASN A 127 -33.68 30.39 17.55
C ASN A 127 -32.63 31.47 17.24
N GLN A 128 -31.96 32.00 18.27
CA GLN A 128 -30.66 32.67 18.28
C GLN A 128 -30.62 34.01 17.57
N ASN A 129 -31.70 34.41 16.90
CA ASN A 129 -31.77 35.74 16.28
C ASN A 129 -33.21 36.22 16.45
N MET A 130 -33.47 36.87 17.57
CA MET A 130 -34.80 37.40 17.85
C MET A 130 -34.68 38.73 18.56
N ASN A 131 -35.52 39.68 18.18
CA ASN A 131 -35.83 40.81 19.05
C ASN A 131 -37.04 40.54 19.94
N LEU A 132 -37.51 39.28 19.95
CA LEU A 132 -38.62 38.91 20.81
C LEU A 132 -38.21 38.91 22.28
N VAL A 133 -36.95 38.55 22.55
CA VAL A 133 -36.48 38.43 23.92
C VAL A 133 -36.43 39.78 24.61
N ARG A 134 -36.28 40.87 23.84
CA ARG A 134 -36.38 42.19 24.43
C ARG A 134 -37.83 42.53 24.72
N ALA A 135 -38.76 42.02 23.91
CA ALA A 135 -40.18 42.21 24.15
C ALA A 135 -40.76 41.18 25.11
N LEU A 136 -40.13 40.01 25.25
CA LEU A 136 -40.66 39.01 26.15
C LEU A 136 -40.17 39.26 27.58
N LEU A 137 -38.90 39.65 27.74
CA LEU A 137 -38.41 40.03 29.06
C LEU A 137 -38.97 41.35 29.54
N ALA A 138 -39.54 42.16 28.64
CA ALA A 138 -40.14 43.41 29.04
C ALA A 138 -41.38 43.19 29.91
N ARG A 139 -42.10 42.09 29.68
CA ARG A 139 -43.26 41.76 30.50
C ARG A 139 -42.92 40.88 31.68
N ARG A 140 -41.87 41.25 32.43
CA ARG A 140 -41.50 40.68 33.73
C ARG A 140 -41.25 39.16 33.65
N ALA A 141 -40.56 38.75 32.60
CA ALA A 141 -40.31 37.33 32.37
C ALA A 141 -39.27 36.81 33.35
N SER A 142 -39.28 35.51 33.58
CA SER A 142 -38.35 34.92 34.53
C SER A 142 -37.16 34.31 33.80
N VAL A 143 -35.99 34.41 34.43
CA VAL A 143 -34.74 33.94 33.83
C VAL A 143 -34.32 32.68 34.59
N SER A 144 -34.87 32.50 35.78
CA SER A 144 -34.45 31.38 36.62
C SER A 144 -35.39 30.20 36.50
N ALA A 145 -35.93 29.98 35.30
CA ALA A 145 -36.83 28.86 35.09
C ALA A 145 -36.05 27.55 35.00
N ARG A 146 -36.63 26.49 35.59
CA ARG A 146 -35.98 25.19 35.67
C ARG A 146 -36.43 24.35 34.49
N ALA A 147 -35.56 24.18 33.51
CA ALA A 147 -35.87 23.43 32.30
C ALA A 147 -35.30 22.02 32.40
N THR A 148 -35.99 21.18 33.16
CA THR A 148 -35.66 19.76 33.17
C THR A 148 -36.39 19.07 32.01
N GLY A 149 -36.40 17.75 32.01
CA GLY A 149 -37.06 16.99 30.98
C GLY A 149 -36.15 15.87 30.51
N THR A 150 -36.69 15.00 29.67
CA THR A 150 -35.90 13.86 29.20
C THR A 150 -35.28 14.07 27.85
N ALA A 151 -35.58 15.17 27.18
CA ALA A 151 -34.93 15.50 25.92
C ALA A 151 -33.81 16.52 26.09
N PHE A 152 -33.49 16.89 27.33
CA PHE A 152 -32.44 17.85 27.61
C PHE A 152 -31.26 17.28 28.38
N ARG A 153 -31.37 16.07 28.92
CA ARG A 153 -30.26 15.46 29.63
C ARG A 153 -29.32 14.78 28.64
N ARG A 154 -28.06 14.65 29.04
CA ARG A 154 -27.03 14.15 28.15
C ARG A 154 -27.21 12.65 27.91
N SER A 155 -27.44 12.29 26.65
CA SER A 155 -27.65 10.91 26.24
C SER A 155 -27.46 10.84 24.74
N PRO A 156 -27.07 9.67 24.22
CA PRO A 156 -27.05 9.50 22.76
C PRO A 156 -28.42 9.35 22.13
N CYS A 157 -29.49 9.32 22.92
CA CYS A 157 -30.83 9.39 22.33
C CYS A 157 -31.12 10.79 21.83
N ASN A 158 -30.67 11.80 22.56
CA ASN A 158 -30.81 13.18 22.11
C ASN A 158 -29.65 13.51 21.17
N LEU A 159 -29.82 14.55 20.37
CA LEU A 159 -28.72 15.02 19.54
C LEU A 159 -28.14 16.32 20.06
N ILE A 160 -28.55 16.77 21.24
CA ILE A 160 -28.17 18.06 21.79
C ILE A 160 -27.85 17.90 23.26
N TYR A 161 -27.14 18.88 23.81
CA TYR A 161 -27.00 19.00 25.26
C TYR A 161 -26.82 20.49 25.56
N PHE A 162 -27.92 21.12 25.94
CA PHE A 162 -27.98 22.55 26.14
C PHE A 162 -27.88 22.97 27.60
N GLY A 163 -27.83 22.02 28.53
CA GLY A 163 -27.86 22.41 29.93
C GLY A 163 -29.29 22.67 30.39
N GLU A 164 -29.44 23.59 31.32
CA GLU A 164 -30.80 23.85 31.82
C GLU A 164 -31.21 25.31 31.78
N HIS A 165 -30.32 26.21 32.06
CA HIS A 165 -30.68 27.60 32.21
C HIS A 165 -30.64 28.34 30.87
N PRO A 166 -31.46 29.40 30.70
CA PRO A 166 -31.43 30.14 29.42
C PRO A 166 -30.16 30.92 29.20
N LEU A 167 -29.41 31.20 30.27
CA LEU A 167 -28.05 31.67 30.11
C LEU A 167 -27.21 30.65 29.35
N SER A 168 -27.42 29.37 29.62
CA SER A 168 -26.70 28.34 28.88
C SER A 168 -27.33 28.04 27.53
N PHE A 169 -28.63 28.34 27.35
CA PHE A 169 -29.24 28.16 26.04
C PHE A 169 -28.64 29.11 25.03
N ALA A 170 -28.43 30.36 25.41
CA ALA A 170 -27.73 31.27 24.52
C ALA A 170 -26.27 30.89 24.38
N ALA A 171 -25.71 30.25 25.40
CA ALA A 171 -24.28 29.95 25.40
C ALA A 171 -23.92 28.83 24.44
N CYS A 172 -24.88 28.03 24.02
CA CYS A 172 -24.55 26.91 23.16
C CYS A 172 -24.74 27.22 21.68
N VAL A 173 -25.77 27.98 21.33
CA VAL A 173 -25.99 28.32 19.92
C VAL A 173 -25.17 29.51 19.46
N ASN A 174 -24.42 30.14 20.38
CA ASN A 174 -23.51 31.26 20.12
C ASN A 174 -24.26 32.46 19.53
N SER A 175 -25.16 33.00 20.33
CA SER A 175 -25.81 34.28 20.05
C SER A 175 -25.40 35.21 21.18
N GLU A 176 -24.23 35.84 21.04
CA GLU A 176 -23.64 36.56 22.16
C GLU A 176 -24.28 37.93 22.35
N GLU A 177 -25.07 38.40 21.38
CA GLU A 177 -25.83 39.62 21.57
C GLU A 177 -26.95 39.41 22.58
N ILE A 178 -27.47 38.18 22.65
CA ILE A 178 -28.52 37.86 23.61
C ILE A 178 -27.95 37.81 25.02
N VAL A 179 -26.68 37.41 25.14
CA VAL A 179 -26.08 37.12 26.44
C VAL A 179 -25.87 38.41 27.23
N ARG A 180 -25.45 39.48 26.53
CA ARG A 180 -25.32 40.77 27.20
C ARG A 180 -26.67 41.36 27.55
N LEU A 181 -27.73 40.95 26.86
CA LEU A 181 -29.06 41.46 27.15
C LEU A 181 -29.74 40.61 28.21
N LEU A 182 -29.37 39.34 28.30
CA LEU A 182 -29.99 38.46 29.29
C LEU A 182 -29.31 38.55 30.64
N ILE A 183 -28.01 38.88 30.67
CA ILE A 183 -27.30 39.00 31.94
C ILE A 183 -27.62 40.32 32.63
N GLU A 184 -28.19 41.28 31.89
CA GLU A 184 -28.53 42.57 32.48
C GLU A 184 -29.70 42.45 33.45
N HIS A 185 -30.65 41.56 33.14
CA HIS A 185 -31.90 41.46 33.89
C HIS A 185 -31.83 40.42 35.01
N GLY A 186 -30.65 40.12 35.53
CA GLY A 186 -30.54 39.31 36.72
C GLY A 186 -30.16 37.86 36.52
N ALA A 187 -29.52 37.53 35.40
CA ALA A 187 -29.09 36.16 35.15
C ALA A 187 -27.88 35.83 36.02
N ASP A 188 -27.94 34.73 36.75
CA ASP A 188 -26.81 34.34 37.58
C ASP A 188 -25.90 33.37 36.84
N ILE A 189 -24.59 33.58 36.97
CA ILE A 189 -23.64 32.74 36.25
C ILE A 189 -23.52 31.37 36.92
N ARG A 190 -23.20 31.34 38.20
CA ARG A 190 -22.95 30.09 38.91
C ARG A 190 -24.27 29.39 39.14
N ALA A 191 -24.70 28.61 38.17
CA ALA A 191 -25.97 27.89 38.28
C ALA A 191 -25.75 26.49 37.72
N GLN A 192 -25.88 25.48 38.58
CA GLN A 192 -25.70 24.10 38.16
C GLN A 192 -27.04 23.54 37.74
N ASP A 193 -27.13 22.22 37.52
CA ASP A 193 -28.39 21.63 37.05
C ASP A 193 -28.62 20.30 37.76
N SER A 194 -29.53 19.49 37.23
CA SER A 194 -29.81 18.18 37.80
C SER A 194 -28.68 17.19 37.55
N LEU A 195 -27.84 17.42 36.56
CA LEU A 195 -26.67 16.59 36.35
C LEU A 195 -25.45 17.11 37.10
N GLY A 196 -25.34 18.43 37.31
CA GLY A 196 -24.38 19.02 38.20
C GLY A 196 -23.45 20.03 37.54
N ASN A 197 -23.31 19.97 36.23
CA ASN A 197 -22.32 20.79 35.56
C ASN A 197 -22.80 22.24 35.45
N THR A 198 -21.85 23.14 35.21
CA THR A 198 -22.09 24.57 35.16
C THR A 198 -22.10 25.08 33.73
N VAL A 199 -22.25 26.40 33.59
CA VAL A 199 -22.36 27.06 32.31
C VAL A 199 -21.04 26.97 31.57
N LEU A 200 -19.95 26.98 32.34
CA LEU A 200 -18.62 26.83 31.73
C LEU A 200 -18.43 25.42 31.18
N HIS A 201 -19.09 24.44 31.79
CA HIS A 201 -18.93 23.05 31.36
C HIS A 201 -19.69 22.77 30.08
N ILE A 202 -20.74 23.55 29.79
CA ILE A 202 -21.51 23.31 28.58
C ILE A 202 -20.71 23.70 27.35
N LEU A 203 -19.86 24.72 27.47
CA LEU A 203 -19.05 25.16 26.35
C LEU A 203 -17.95 24.16 25.99
N ILE A 204 -17.60 23.27 26.92
CA ILE A 204 -16.55 22.30 26.65
C ILE A 204 -17.09 21.16 25.80
N LEU A 205 -18.39 20.86 25.90
CA LEU A 205 -19.00 19.68 25.30
C LEU A 205 -19.71 19.98 23.99
N GLN A 206 -19.17 20.84 23.18
CA GLN A 206 -19.86 21.09 21.93
C GLN A 206 -19.04 20.61 20.75
N PRO A 207 -19.68 20.17 19.68
CA PRO A 207 -18.92 19.76 18.49
C PRO A 207 -18.40 20.96 17.73
N ASN A 208 -18.99 22.13 17.95
CA ASN A 208 -18.55 23.37 17.31
C ASN A 208 -17.45 23.99 18.16
N LYS A 209 -16.27 23.36 18.09
CA LYS A 209 -15.21 23.65 19.06
C LYS A 209 -14.52 24.97 18.76
N THR A 210 -14.36 25.30 17.47
CA THR A 210 -13.45 26.35 17.01
C THR A 210 -13.80 27.75 17.51
N PHE A 211 -15.01 28.22 17.25
CA PHE A 211 -15.40 29.55 17.71
C PHE A 211 -16.40 29.50 18.86
N ALA A 212 -16.43 28.41 19.63
CA ALA A 212 -16.99 28.48 20.97
C ALA A 212 -15.93 28.88 21.98
N CYS A 213 -14.65 28.77 21.59
CA CYS A 213 -13.56 29.21 22.44
C CYS A 213 -13.56 30.71 22.61
N GLN A 214 -13.96 31.44 21.56
CA GLN A 214 -14.04 32.89 21.64
C GLN A 214 -15.20 33.35 22.53
N MET A 215 -16.14 32.46 22.82
CA MET A 215 -17.22 32.81 23.72
C MET A 215 -16.82 32.53 25.17
N TYR A 216 -15.85 31.63 25.37
CA TYR A 216 -15.39 31.31 26.72
C TYR A 216 -14.71 32.49 27.38
N ASN A 217 -14.19 33.44 26.59
CA ASN A 217 -13.60 34.63 27.15
C ASN A 217 -14.67 35.56 27.72
N LEU A 218 -15.89 35.50 27.17
CA LEU A 218 -16.94 36.41 27.64
C LEU A 218 -17.52 35.95 28.97
N LEU A 219 -17.80 34.65 29.10
CA LEU A 219 -18.48 34.14 30.29
C LEU A 219 -17.61 34.24 31.53
N LEU A 220 -16.28 34.18 31.36
CA LEU A 220 -15.41 34.41 32.50
C LEU A 220 -15.27 35.89 32.81
N SER A 221 -15.45 36.76 31.81
CA SER A 221 -15.23 38.19 32.00
C SER A 221 -16.37 38.86 32.76
N TYR A 222 -17.55 38.26 32.82
CA TYR A 222 -18.65 38.81 33.61
C TYR A 222 -18.65 38.18 34.99
N ASP A 223 -17.49 38.29 35.64
CA ASP A 223 -17.31 37.82 37.01
C ASP A 223 -16.73 39.00 37.78
N ARG A 224 -17.62 39.82 38.35
CA ARG A 224 -17.19 41.06 39.00
C ARG A 224 -16.43 40.78 40.29
N HIS A 225 -16.97 39.90 41.14
CA HIS A 225 -16.33 39.58 42.40
C HIS A 225 -16.29 38.06 42.56
N GLY A 226 -15.30 37.59 43.30
CA GLY A 226 -15.10 36.17 43.50
C GLY A 226 -15.90 35.54 44.60
N ASP A 227 -16.76 36.34 45.26
CA ASP A 227 -17.74 35.88 46.26
C ASP A 227 -17.05 35.28 47.49
N HIS A 228 -15.78 35.68 47.71
CA HIS A 228 -14.89 35.19 48.76
C HIS A 228 -14.75 33.68 48.80
N LEU A 229 -14.93 33.03 47.65
CA LEU A 229 -14.83 31.59 47.48
C LEU A 229 -14.11 31.34 46.16
N GLN A 230 -14.28 30.14 45.62
CA GLN A 230 -13.59 29.73 44.42
C GLN A 230 -14.01 30.61 43.24
N PRO A 231 -13.07 31.03 42.39
CA PRO A 231 -13.35 32.08 41.41
C PRO A 231 -13.89 31.54 40.08
N LEU A 232 -14.96 30.74 40.17
CA LEU A 232 -15.85 30.37 39.06
C LEU A 232 -15.18 29.50 37.99
N ASP A 233 -13.91 29.17 38.17
CA ASP A 233 -13.18 28.31 37.26
C ASP A 233 -12.76 27.02 37.95
N LEU A 234 -13.07 26.87 39.23
CA LEU A 234 -12.75 25.67 39.98
C LEU A 234 -13.96 24.99 40.57
N VAL A 235 -15.15 25.20 40.03
CA VAL A 235 -16.34 24.64 40.66
C VAL A 235 -16.47 23.16 40.29
N PRO A 236 -16.76 22.27 41.24
CA PRO A 236 -16.96 20.87 40.91
C PRO A 236 -18.44 20.57 40.66
N ASN A 237 -18.68 19.53 39.87
CA ASN A 237 -20.03 19.03 39.66
C ASN A 237 -20.30 17.88 40.63
N HIS A 238 -21.44 17.20 40.49
CA HIS A 238 -21.70 16.03 41.30
C HIS A 238 -20.81 14.85 40.90
N GLN A 239 -20.34 14.84 39.66
CA GLN A 239 -19.43 13.81 39.20
C GLN A 239 -17.98 14.15 39.53
N GLY A 240 -17.74 15.36 40.05
CA GLY A 240 -16.49 15.72 40.68
C GLY A 240 -15.37 16.13 39.74
N LEU A 241 -15.62 17.09 38.85
CA LEU A 241 -14.57 17.56 37.95
C LEU A 241 -14.61 19.09 37.87
N THR A 242 -13.44 19.65 37.60
CA THR A 242 -13.27 21.05 37.25
C THR A 242 -13.50 21.21 35.76
N PRO A 243 -13.70 22.43 35.25
CA PRO A 243 -13.79 22.60 33.79
C PRO A 243 -12.49 22.29 33.06
N PHE A 244 -11.35 22.47 33.71
CA PHE A 244 -10.08 22.14 33.08
C PHE A 244 -9.92 20.63 32.93
N LYS A 245 -10.29 19.86 33.95
CA LYS A 245 -10.21 18.41 33.84
C LYS A 245 -11.24 17.86 32.85
N LEU A 246 -12.37 18.54 32.71
CA LEU A 246 -13.43 18.04 31.83
C LEU A 246 -13.02 18.19 30.37
N ALA A 247 -12.14 19.14 30.07
CA ALA A 247 -11.51 19.17 28.76
C ALA A 247 -10.62 17.96 28.56
N GLY A 248 -10.06 17.42 29.64
CA GLY A 248 -9.19 16.28 29.51
C GLY A 248 -9.89 14.98 29.23
N VAL A 249 -11.08 14.77 29.80
CA VAL A 249 -11.75 13.49 29.66
C VAL A 249 -12.42 13.35 28.30
N GLU A 250 -13.06 14.41 27.82
CA GLU A 250 -13.79 14.34 26.56
C GLU A 250 -12.91 14.61 25.34
N GLY A 251 -11.63 14.88 25.54
CA GLY A 251 -10.73 15.05 24.41
C GLY A 251 -10.86 16.34 23.66
N ASN A 252 -11.37 17.39 24.31
CA ASN A 252 -11.55 18.68 23.66
C ASN A 252 -10.20 19.35 23.50
N THR A 253 -9.54 19.12 22.36
CA THR A 253 -8.14 19.48 22.19
C THR A 253 -7.94 20.99 22.10
N VAL A 254 -8.74 21.65 21.27
CA VAL A 254 -8.52 23.07 20.99
C VAL A 254 -8.88 23.91 22.20
N MET A 255 -9.89 23.49 22.96
CA MET A 255 -10.22 24.18 24.19
C MET A 255 -9.18 23.93 25.29
N PHE A 256 -8.47 22.81 25.22
CA PHE A 256 -7.43 22.53 26.22
C PHE A 256 -6.24 23.49 26.08
N GLN A 257 -6.02 24.02 24.87
CA GLN A 257 -4.94 24.97 24.68
C GLN A 257 -5.25 26.31 25.33
N HIS A 258 -6.47 26.81 25.15
CA HIS A 258 -6.82 28.12 25.70
C HIS A 258 -6.98 28.08 27.21
N LEU A 259 -7.27 26.90 27.77
CA LEU A 259 -7.33 26.78 29.23
C LEU A 259 -5.94 26.80 29.83
N MET A 260 -4.93 26.42 29.04
CA MET A 260 -3.56 26.35 29.53
C MET A 260 -2.97 27.75 29.63
N GLN A 261 -3.56 28.69 28.88
CA GLN A 261 -3.02 30.03 28.75
C GLN A 261 -3.10 30.83 30.04
N LYS A 262 -4.01 30.47 30.94
CA LYS A 262 -4.07 31.15 32.22
C LYS A 262 -3.07 30.55 33.21
N ARG A 263 -2.64 29.31 32.97
CA ARG A 263 -1.78 28.63 33.94
C ARG A 263 -0.31 28.98 33.78
N LYS A 264 0.22 28.97 32.56
CA LYS A 264 1.64 29.23 32.37
C LYS A 264 1.91 30.73 32.37
N HIS A 265 3.16 31.10 32.62
CA HIS A 265 3.59 32.49 32.48
C HIS A 265 5.07 32.47 32.11
N THR A 266 5.41 33.26 31.09
CA THR A 266 6.78 33.25 30.56
C THR A 266 7.73 33.89 31.55
N GLN A 267 9.00 33.52 31.45
CA GLN A 267 9.99 33.90 32.45
C GLN A 267 11.07 34.80 31.86
N TRP A 268 11.73 34.39 30.78
CA TRP A 268 12.72 35.23 30.11
C TRP A 268 12.88 34.79 28.68
N THR A 269 12.66 35.74 27.76
CA THR A 269 12.83 35.50 26.33
C THR A 269 14.19 35.98 25.89
N TYR A 270 14.87 35.19 25.06
CA TYR A 270 16.26 35.43 24.68
C TYR A 270 16.41 35.07 23.21
N GLY A 271 16.16 36.03 22.34
CA GLY A 271 16.19 35.83 20.91
C GLY A 271 15.16 34.81 20.47
N PRO A 272 15.59 33.80 19.72
CA PRO A 272 14.68 32.72 19.36
C PRO A 272 14.54 31.69 20.47
N LEU A 273 15.29 31.82 21.55
CA LEU A 273 15.17 30.91 22.67
C LEU A 273 14.30 31.52 23.74
N THR A 274 13.24 30.82 24.12
CA THR A 274 12.33 31.28 25.16
C THR A 274 12.20 30.19 26.20
N SER A 275 11.70 30.55 27.38
CA SER A 275 11.68 29.62 28.50
C SER A 275 10.51 29.93 29.41
N THR A 276 9.58 28.99 29.50
CA THR A 276 8.35 29.17 30.26
C THR A 276 8.43 28.38 31.57
N LEU A 277 7.32 28.38 32.30
CA LEU A 277 7.24 27.73 33.62
C LEU A 277 5.79 27.31 33.82
N TYR A 278 5.50 26.03 33.58
CA TYR A 278 4.14 25.55 33.67
C TYR A 278 3.72 25.41 35.13
N ASP A 279 2.41 25.46 35.37
CA ASP A 279 1.92 25.53 36.73
C ASP A 279 1.98 24.17 37.40
N LEU A 280 1.23 23.20 36.86
CA LEU A 280 1.23 21.80 37.26
C LEU A 280 0.82 21.66 38.74
N THR A 281 -0.42 22.03 39.01
CA THR A 281 -1.05 21.68 40.28
C THR A 281 -2.23 20.75 40.08
N GLU A 282 -2.56 20.44 38.83
CA GLU A 282 -3.77 19.71 38.51
C GLU A 282 -3.52 18.61 37.49
N ILE A 283 -2.37 18.60 36.83
CA ILE A 283 -2.07 17.60 35.83
C ILE A 283 -1.11 16.56 36.38
N ASP A 284 -1.06 16.42 37.70
CA ASP A 284 -0.15 15.48 38.33
C ASP A 284 -0.83 14.70 39.45
N SER A 285 -0.41 13.45 39.67
CA SER A 285 -1.08 12.57 40.62
C SER A 285 -0.74 12.86 42.08
N SER A 286 -0.01 13.94 42.35
CA SER A 286 0.27 14.33 43.72
C SER A 286 -0.99 14.81 44.41
N GLY A 287 -1.58 13.97 45.25
CA GLY A 287 -2.79 14.32 45.95
C GLY A 287 -3.31 13.20 46.84
N ASP A 288 -4.63 13.10 46.95
CA ASP A 288 -5.27 12.07 47.77
C ASP A 288 -6.37 11.44 46.94
N GLU A 289 -6.64 12.03 45.78
CA GLU A 289 -7.77 11.64 44.94
C GLU A 289 -7.36 11.69 43.47
N GLN A 290 -8.35 11.71 42.58
CA GLN A 290 -8.16 11.71 41.13
C GLN A 290 -7.31 12.87 40.65
N SER A 291 -6.59 12.62 39.55
CA SER A 291 -5.82 13.64 38.84
C SER A 291 -6.17 13.61 37.37
N LEU A 292 -5.42 14.35 36.55
CA LEU A 292 -5.67 14.32 35.12
C LEU A 292 -5.14 13.04 34.47
N LEU A 293 -3.92 12.64 34.83
CA LEU A 293 -3.35 11.42 34.27
C LEU A 293 -4.06 10.15 34.74
N GLU A 294 -4.84 10.23 35.82
CA GLU A 294 -5.64 9.08 36.19
C GLU A 294 -6.82 8.89 35.25
N LEU A 295 -7.43 9.98 34.81
CA LEU A 295 -8.70 9.87 34.09
C LEU A 295 -8.52 9.71 32.59
N ILE A 296 -7.37 10.10 32.03
CA ILE A 296 -7.17 9.93 30.60
C ILE A 296 -6.98 8.47 30.25
N ILE A 297 -6.37 7.71 31.16
CA ILE A 297 -6.21 6.28 30.93
C ILE A 297 -7.53 5.56 31.15
N THR A 298 -8.32 6.02 32.14
CA THR A 298 -9.51 5.29 32.55
C THR A 298 -10.62 5.40 31.51
N THR A 299 -10.74 6.57 30.87
CA THR A 299 -11.69 6.68 29.77
C THR A 299 -11.17 5.94 28.55
N LYS A 300 -12.08 5.63 27.63
CA LYS A 300 -11.74 4.88 26.43
C LYS A 300 -12.06 5.65 25.15
N LYS A 301 -12.34 6.95 25.27
CA LYS A 301 -12.59 7.79 24.11
C LYS A 301 -11.34 7.93 23.26
N ARG A 302 -11.50 7.76 21.94
CA ARG A 302 -10.36 7.72 21.03
C ARG A 302 -9.72 9.10 20.90
N GLU A 303 -10.52 10.16 21.00
CA GLU A 303 -10.00 11.51 20.94
C GLU A 303 -9.29 11.91 22.22
N ALA A 304 -9.64 11.29 23.35
CA ALA A 304 -9.11 11.70 24.65
C ALA A 304 -7.63 11.38 24.80
N ARG A 305 -7.11 10.40 24.08
CA ARG A 305 -5.71 10.06 24.19
C ARG A 305 -4.83 10.84 23.22
N GLN A 306 -5.25 12.02 22.79
CA GLN A 306 -4.37 12.92 22.06
C GLN A 306 -3.90 14.09 22.90
N ILE A 307 -4.30 14.15 24.16
CA ILE A 307 -3.79 15.20 25.04
C ILE A 307 -2.41 14.84 25.56
N LEU A 308 -2.02 13.57 25.42
CA LEU A 308 -0.68 13.07 25.71
C LEU A 308 0.36 13.48 24.68
N ASP A 309 0.04 14.37 23.74
CA ASP A 309 1.01 14.87 22.78
C ASP A 309 1.26 16.37 22.93
N GLN A 310 0.45 17.07 23.72
CA GLN A 310 0.61 18.49 23.90
C GLN A 310 1.74 18.77 24.89
N THR A 311 2.25 20.00 24.86
CA THR A 311 3.50 20.34 25.56
C THR A 311 3.57 20.25 27.09
N PRO A 312 2.50 20.42 27.89
CA PRO A 312 2.68 20.17 29.33
C PRO A 312 2.61 18.71 29.73
N VAL A 313 1.84 17.88 29.03
CA VAL A 313 1.64 16.51 29.47
C VAL A 313 2.76 15.60 28.99
N LYS A 314 3.27 15.83 27.77
CA LYS A 314 4.33 14.99 27.22
C LYS A 314 5.64 15.18 27.98
N GLU A 315 5.94 16.42 28.38
CA GLU A 315 7.17 16.68 29.13
C GLU A 315 7.09 16.09 30.53
N LEU A 316 5.89 16.01 31.10
CA LEU A 316 5.76 15.45 32.45
C LEU A 316 5.90 13.94 32.42
N VAL A 317 5.33 13.28 31.40
CA VAL A 317 5.37 11.83 31.40
C VAL A 317 6.72 11.31 30.93
N SER A 318 7.45 12.05 30.10
CA SER A 318 8.76 11.58 29.68
C SER A 318 9.83 11.86 30.71
N LEU A 319 9.68 12.90 31.52
CA LEU A 319 10.61 13.12 32.61
C LEU A 319 10.39 12.10 33.73
N LYS A 320 9.16 11.65 33.92
CA LYS A 320 8.86 10.59 34.86
C LYS A 320 9.03 9.20 34.28
N TRP A 321 9.73 9.04 33.16
CA TRP A 321 9.99 7.72 32.65
C TRP A 321 11.44 7.48 32.22
N LYS A 322 12.18 8.49 31.79
CA LYS A 322 13.59 8.28 31.54
C LYS A 322 14.35 8.13 32.85
N ARG A 323 13.90 8.79 33.88
CA ARG A 323 14.34 8.55 35.24
C ARG A 323 13.11 8.27 36.10
N TYR A 324 13.36 7.67 37.27
CA TYR A 324 12.42 7.42 38.36
C TYR A 324 11.38 6.35 38.04
N GLY A 325 11.27 5.90 36.80
CA GLY A 325 10.28 4.91 36.46
C GLY A 325 10.81 3.68 35.78
N ARG A 326 11.89 3.81 35.03
CA ARG A 326 12.36 2.69 34.22
C ARG A 326 13.26 1.72 34.98
N PRO A 327 14.23 2.14 35.82
CA PRO A 327 14.90 1.13 36.66
C PRO A 327 14.02 0.58 37.77
N TYR A 328 12.91 1.23 38.13
CA TYR A 328 11.96 0.57 39.02
C TYR A 328 11.05 -0.36 38.23
N PHE A 329 11.05 -0.25 36.90
CA PHE A 329 10.26 -1.17 36.11
C PHE A 329 11.05 -2.41 35.73
N CYS A 330 12.37 -2.28 35.61
CA CYS A 330 13.19 -3.45 35.36
C CYS A 330 13.72 -4.08 36.63
N MET A 331 13.61 -3.41 37.78
CA MET A 331 13.82 -4.12 39.03
C MET A 331 12.71 -5.13 39.27
N LEU A 332 11.46 -4.75 38.98
CA LEU A 332 10.37 -5.71 38.93
C LEU A 332 10.45 -6.62 37.71
N GLY A 333 11.29 -6.31 36.74
CA GLY A 333 11.52 -7.21 35.64
C GLY A 333 12.30 -8.43 36.06
N ALA A 334 13.48 -8.20 36.65
CA ALA A 334 14.36 -9.31 36.98
C ALA A 334 13.88 -10.12 38.18
N ILE A 335 13.08 -9.53 39.07
CA ILE A 335 12.53 -10.31 40.17
C ILE A 335 11.50 -11.30 39.65
N TYR A 336 10.72 -10.91 38.66
CA TYR A 336 9.71 -11.81 38.11
C TYR A 336 10.32 -12.92 37.28
N LEU A 337 11.42 -12.66 36.58
CA LEU A 337 12.02 -13.70 35.76
C LEU A 337 12.75 -14.71 36.61
N LEU A 338 13.26 -14.28 37.78
CA LEU A 338 13.83 -15.22 38.73
C LEU A 338 12.76 -15.84 39.64
N TYR A 339 11.49 -15.65 39.32
CA TYR A 339 10.44 -16.38 40.02
C TYR A 339 10.04 -17.63 39.27
N ILE A 340 9.88 -17.53 37.95
CA ILE A 340 9.38 -18.66 37.17
C ILE A 340 10.51 -19.66 36.89
N ILE A 341 11.75 -19.18 36.80
CA ILE A 341 12.87 -20.10 36.66
C ILE A 341 13.08 -20.90 37.94
N CYS A 342 12.81 -20.28 39.10
CA CYS A 342 12.76 -21.06 40.32
C CYS A 342 11.44 -21.79 40.50
N PHE A 343 10.56 -21.77 39.51
CA PHE A 343 9.34 -22.55 39.48
C PHE A 343 9.38 -23.69 38.46
N THR A 344 9.94 -23.43 37.27
CA THR A 344 10.11 -24.49 36.27
C THR A 344 11.09 -25.54 36.77
N MET A 345 12.18 -25.11 37.41
CA MET A 345 13.08 -26.02 38.10
C MET A 345 12.37 -26.76 39.24
N CYS A 346 11.37 -26.15 39.86
CA CYS A 346 10.55 -26.89 40.81
C CYS A 346 9.55 -27.80 40.10
N CYS A 347 9.25 -27.55 38.83
CA CYS A 347 8.25 -28.35 38.13
C CYS A 347 8.85 -29.66 37.61
N ILE A 348 10.00 -29.59 36.93
CA ILE A 348 10.50 -30.76 36.23
C ILE A 348 11.06 -31.83 37.15
N TYR A 349 11.25 -31.55 38.42
CA TYR A 349 11.66 -32.57 39.38
C TYR A 349 10.48 -33.04 40.21
N ARG A 350 9.48 -33.62 39.56
CA ARG A 350 8.37 -34.16 40.34
C ARG A 350 8.76 -35.49 40.99
N PRO A 351 8.24 -35.77 42.19
CA PRO A 351 8.56 -37.05 42.85
C PRO A 351 7.85 -38.22 42.16
N LEU A 352 8.64 -39.15 41.64
CA LEU A 352 8.14 -40.25 40.83
C LEU A 352 8.70 -41.58 41.34
N LYS A 353 8.16 -42.67 40.80
CA LYS A 353 8.55 -44.03 41.13
C LYS A 353 8.14 -44.93 39.96
N PRO A 354 8.48 -46.23 39.94
CA PRO A 354 7.86 -47.10 38.94
C PRO A 354 6.44 -47.49 39.34
N ARG A 355 5.67 -47.97 38.37
CA ARG A 355 4.23 -48.14 38.52
C ARG A 355 3.92 -49.51 39.12
N THR A 356 3.90 -49.54 40.45
CA THR A 356 3.66 -50.79 41.17
C THR A 356 2.19 -50.90 41.57
N ASN A 357 1.76 -52.15 41.82
CA ASN A 357 0.45 -52.52 42.37
C ASN A 357 -0.70 -52.17 41.41
N ASN A 358 -0.37 -51.73 40.20
CA ASN A 358 -1.36 -51.39 39.18
C ASN A 358 -0.85 -51.86 37.83
N ARG A 359 -0.41 -53.12 37.77
CA ARG A 359 0.18 -53.70 36.57
C ARG A 359 -0.76 -53.62 35.38
N THR A 360 -0.17 -53.45 34.20
CA THR A 360 -0.86 -52.98 32.99
C THR A 360 -1.93 -53.96 32.52
N SER A 361 -3.21 -53.61 32.72
CA SER A 361 -4.31 -54.47 32.34
C SER A 361 -4.66 -54.36 30.85
N PRO A 362 -4.90 -53.15 30.24
CA PRO A 362 -5.16 -53.17 28.78
C PRO A 362 -3.87 -53.35 28.02
N ARG A 363 -3.91 -54.07 26.90
CA ARG A 363 -2.69 -54.32 26.15
C ARG A 363 -2.52 -53.29 25.04
N ASP A 364 -1.35 -52.64 25.04
CA ASP A 364 -0.84 -51.71 24.03
C ASP A 364 -1.77 -50.51 23.83
N ASN A 365 -2.56 -50.15 24.83
CA ASN A 365 -3.40 -48.98 24.75
C ASN A 365 -3.36 -48.11 25.99
N THR A 366 -2.47 -48.42 26.94
CA THR A 366 -2.14 -47.49 28.02
C THR A 366 -0.62 -47.51 28.15
N LEU A 367 -0.05 -46.32 28.36
CA LEU A 367 1.40 -46.25 28.35
C LEU A 367 1.83 -45.33 29.49
N LEU A 368 1.31 -45.59 30.69
CA LEU A 368 1.74 -44.93 31.90
C LEU A 368 2.69 -45.86 32.65
N GLN A 369 3.75 -45.30 33.23
CA GLN A 369 4.61 -46.12 34.08
C GLN A 369 5.21 -45.33 35.25
N GLN A 370 4.52 -44.29 35.71
CA GLN A 370 5.09 -43.51 36.82
C GLN A 370 4.26 -43.50 38.10
N LYS A 371 3.02 -43.00 38.08
CA LYS A 371 2.10 -43.00 39.23
C LYS A 371 2.71 -42.28 40.45
N LEU A 372 2.78 -40.94 40.39
CA LEU A 372 3.53 -40.07 41.30
C LEU A 372 3.38 -40.32 42.80
N LEU A 373 4.42 -39.93 43.56
CA LEU A 373 4.52 -40.10 45.01
C LEU A 373 3.57 -39.17 45.74
N GLN A 374 3.40 -39.42 47.04
CA GLN A 374 2.52 -38.57 47.85
C GLN A 374 3.11 -38.17 49.21
N GLU A 375 3.99 -39.00 49.78
CA GLU A 375 4.52 -38.78 51.12
C GLU A 375 6.03 -39.03 51.10
N ALA A 376 6.71 -38.39 50.16
CA ALA A 376 8.14 -38.60 49.96
C ALA A 376 8.90 -37.28 49.97
N TYR A 377 8.62 -36.42 50.95
CA TYR A 377 9.49 -35.29 51.27
C TYR A 377 10.42 -35.62 52.43
N MET A 378 10.75 -36.91 52.61
CA MET A 378 11.70 -37.34 53.62
C MET A 378 12.77 -38.16 52.89
N THR A 379 13.76 -37.45 52.35
CA THR A 379 14.82 -37.99 51.50
C THR A 379 15.95 -36.96 51.49
N PRO A 380 17.22 -37.38 51.65
CA PRO A 380 18.30 -36.38 51.72
C PRO A 380 18.79 -35.87 50.37
N LYS A 381 17.87 -35.55 49.47
CA LYS A 381 18.16 -34.71 48.32
C LYS A 381 17.02 -33.69 48.23
N ASP A 382 15.87 -34.08 48.76
CA ASP A 382 14.61 -33.42 48.45
C ASP A 382 14.41 -32.18 49.32
N ASP A 383 15.37 -31.88 50.20
CA ASP A 383 15.23 -30.73 51.06
C ASP A 383 15.40 -29.42 50.29
N ILE A 384 16.05 -29.47 49.13
CA ILE A 384 16.17 -28.24 48.34
C ILE A 384 14.86 -27.95 47.62
N ARG A 385 14.13 -29.00 47.23
CA ARG A 385 12.87 -28.78 46.53
C ARG A 385 11.76 -28.37 47.48
N LEU A 386 11.91 -28.66 48.78
CA LEU A 386 10.98 -28.13 49.78
C LEU A 386 11.09 -26.61 49.85
N VAL A 387 12.30 -26.07 49.64
CA VAL A 387 12.46 -24.64 49.43
C VAL A 387 11.83 -24.22 48.11
N GLY A 388 11.83 -25.13 47.13
CA GLY A 388 11.34 -24.79 45.80
C GLY A 388 9.84 -24.51 45.76
N GLU A 389 9.05 -25.33 46.47
CA GLU A 389 7.63 -25.00 46.57
C GLU A 389 7.39 -23.83 47.53
N LEU A 390 8.21 -23.70 48.57
CA LEU A 390 7.97 -22.69 49.59
C LEU A 390 8.25 -21.29 49.05
N VAL A 391 9.12 -21.17 48.05
CA VAL A 391 9.33 -19.87 47.41
C VAL A 391 8.14 -19.52 46.54
N THR A 392 7.73 -20.45 45.67
CA THR A 392 6.70 -20.12 44.68
C THR A 392 5.31 -20.05 45.28
N VAL A 393 5.10 -20.60 46.47
CA VAL A 393 3.75 -20.51 47.04
C VAL A 393 3.63 -19.29 47.94
N ILE A 394 4.75 -18.70 48.38
CA ILE A 394 4.67 -17.42 49.08
C ILE A 394 4.35 -16.30 48.09
N GLY A 395 4.93 -16.37 46.89
CA GLY A 395 4.63 -15.37 45.87
C GLY A 395 3.20 -15.43 45.37
N ALA A 396 2.60 -16.62 45.34
CA ALA A 396 1.21 -16.72 44.93
C ALA A 396 0.27 -16.12 45.96
N ILE A 397 0.68 -16.07 47.22
CA ILE A 397 -0.07 -15.31 48.20
C ILE A 397 0.08 -13.81 47.95
N ILE A 398 1.28 -13.38 47.53
CA ILE A 398 1.55 -11.97 47.33
C ILE A 398 0.86 -11.46 46.05
N ILE A 399 0.68 -12.32 45.05
CA ILE A 399 -0.06 -11.94 43.86
C ILE A 399 -1.53 -11.69 44.18
N LEU A 400 -2.15 -12.57 44.95
CA LEU A 400 -3.55 -12.37 45.28
C LEU A 400 -3.75 -11.29 46.35
N LEU A 401 -2.69 -10.92 47.06
CA LEU A 401 -2.83 -9.81 48.00
C LEU A 401 -2.32 -8.50 47.44
N VAL A 402 -2.20 -8.37 46.13
CA VAL A 402 -1.83 -7.12 45.49
C VAL A 402 -2.75 -6.78 44.32
N GLU A 403 -3.61 -7.70 43.90
CA GLU A 403 -4.57 -7.45 42.84
C GLU A 403 -6.02 -7.62 43.26
N VAL A 404 -6.34 -8.63 44.06
CA VAL A 404 -7.71 -8.80 44.54
C VAL A 404 -8.18 -7.64 45.42
N PRO A 405 -7.32 -6.97 46.25
CA PRO A 405 -7.77 -5.70 46.84
C PRO A 405 -7.82 -4.50 45.90
N ASP A 406 -7.74 -4.70 44.59
CA ASP A 406 -8.07 -3.63 43.66
C ASP A 406 -9.40 -3.83 42.97
N ILE A 407 -10.25 -4.75 43.44
CA ILE A 407 -11.61 -4.85 42.94
C ILE A 407 -12.62 -4.95 44.08
N PHE A 408 -12.17 -4.63 45.29
CA PHE A 408 -13.12 -4.37 46.38
C PHE A 408 -13.13 -2.89 46.68
N ARG A 409 -12.00 -2.22 46.49
CA ARG A 409 -11.96 -0.77 46.56
C ARG A 409 -12.44 -0.14 45.27
N MET A 410 -12.16 -0.75 44.13
CA MET A 410 -12.63 -0.33 42.83
C MET A 410 -13.78 -1.25 42.43
N GLY A 411 -14.45 -0.95 41.32
CA GLY A 411 -15.57 -1.75 40.87
C GLY A 411 -15.15 -3.08 40.26
N VAL A 412 -16.11 -4.01 40.23
CA VAL A 412 -15.86 -5.37 39.76
C VAL A 412 -15.92 -5.46 38.24
N THR A 413 -16.17 -4.35 37.55
CA THR A 413 -16.15 -4.32 36.10
C THR A 413 -14.95 -3.60 35.51
N ARG A 414 -13.97 -3.21 36.33
CA ARG A 414 -12.83 -2.48 35.80
C ARG A 414 -11.80 -3.42 35.18
N PHE A 415 -11.84 -4.70 35.57
CA PHE A 415 -11.04 -5.70 34.85
C PHE A 415 -11.58 -5.90 33.44
N PHE A 416 -12.89 -5.77 33.26
CA PHE A 416 -13.50 -5.63 31.95
C PHE A 416 -13.64 -4.16 31.53
N GLY A 417 -12.91 -3.26 32.18
CA GLY A 417 -12.99 -1.84 31.89
C GLY A 417 -11.71 -1.21 31.37
N GLN A 418 -10.56 -1.70 31.83
CA GLN A 418 -9.26 -1.29 31.31
C GLN A 418 -8.69 -2.28 30.31
N THR A 419 -9.55 -3.12 29.72
CA THR A 419 -9.11 -4.27 28.94
C THR A 419 -8.43 -3.87 27.62
N ILE A 420 -8.71 -2.68 27.11
CA ILE A 420 -8.09 -2.25 25.86
C ILE A 420 -6.63 -1.87 26.09
N LEU A 421 -6.36 -1.09 27.14
CA LEU A 421 -5.03 -0.55 27.33
C LEU A 421 -4.06 -1.53 28.00
N GLY A 422 -4.30 -1.85 29.26
CA GLY A 422 -3.40 -2.66 30.05
C GLY A 422 -4.13 -3.76 30.80
N GLY A 423 -5.14 -4.34 30.15
CA GLY A 423 -6.14 -5.13 30.81
C GLY A 423 -6.03 -6.66 30.88
N PRO A 424 -5.81 -7.37 29.77
CA PRO A 424 -5.89 -8.85 29.85
C PRO A 424 -4.75 -9.50 30.61
N PHE A 425 -3.70 -8.75 30.93
CA PHE A 425 -2.68 -9.31 31.82
C PHE A 425 -3.15 -9.35 33.27
N HIS A 426 -4.01 -8.43 33.68
CA HIS A 426 -4.55 -8.50 35.04
C HIS A 426 -5.55 -9.63 35.18
N VAL A 427 -6.17 -10.06 34.08
CA VAL A 427 -6.90 -11.31 34.11
C VAL A 427 -5.94 -12.48 34.20
N LEU A 428 -4.79 -12.38 33.53
CA LEU A 428 -3.93 -13.54 33.33
C LEU A 428 -3.10 -13.84 34.58
N ILE A 429 -2.68 -12.80 35.32
CA ILE A 429 -1.91 -13.01 36.55
C ILE A 429 -2.79 -13.54 37.69
N ILE A 430 -4.08 -13.21 37.71
CA ILE A 430 -4.99 -13.79 38.69
C ILE A 430 -5.15 -15.28 38.45
N THR A 431 -5.30 -15.68 37.19
CA THR A 431 -5.50 -17.08 36.86
C THR A 431 -4.24 -17.90 37.08
N TYR A 432 -3.06 -17.27 37.00
CA TYR A 432 -1.82 -17.96 37.31
C TYR A 432 -1.76 -18.37 38.78
N ALA A 433 -1.97 -17.40 39.67
CA ALA A 433 -1.86 -17.68 41.10
C ALA A 433 -2.98 -18.57 41.59
N PHE A 434 -4.12 -18.59 40.89
CA PHE A 434 -5.19 -19.49 41.29
C PHE A 434 -4.89 -20.92 40.89
N MET A 435 -4.09 -21.11 39.84
CA MET A 435 -3.71 -22.48 39.46
C MET A 435 -2.59 -23.03 40.32
N VAL A 436 -1.67 -22.19 40.78
CA VAL A 436 -0.59 -22.68 41.64
C VAL A 436 -1.11 -22.99 43.03
N LEU A 437 -2.15 -22.29 43.47
CA LEU A 437 -2.77 -22.68 44.73
C LEU A 437 -3.58 -23.97 44.63
N VAL A 438 -3.98 -24.37 43.43
CA VAL A 438 -4.66 -25.66 43.28
C VAL A 438 -3.69 -26.81 43.52
N THR A 439 -2.50 -26.73 42.93
CA THR A 439 -1.53 -27.83 43.05
C THR A 439 -0.94 -27.95 44.45
N MET A 440 -1.10 -26.93 45.30
CA MET A 440 -0.81 -27.13 46.71
C MET A 440 -1.91 -27.93 47.39
N VAL A 441 -3.16 -27.69 47.01
CA VAL A 441 -4.29 -28.38 47.62
C VAL A 441 -4.28 -29.86 47.26
N MET A 442 -3.96 -30.17 46.01
CA MET A 442 -4.01 -31.56 45.58
C MET A 442 -2.83 -32.37 46.13
N ARG A 443 -1.65 -31.77 46.21
CA ARG A 443 -0.49 -32.50 46.71
C ARG A 443 -0.53 -32.68 48.22
N LEU A 444 -1.13 -31.74 48.95
CA LEU A 444 -1.27 -31.92 50.39
C LEU A 444 -2.32 -32.96 50.70
N ILE A 445 -3.38 -33.03 49.89
CA ILE A 445 -4.43 -34.05 50.10
C ILE A 445 -4.06 -35.35 49.42
N SER A 446 -2.92 -35.41 48.73
CA SER A 446 -2.41 -36.59 48.01
C SER A 446 -3.37 -37.05 46.92
N ALA A 447 -3.62 -36.16 45.97
CA ALA A 447 -4.51 -36.48 44.86
C ALA A 447 -3.76 -37.27 43.79
N SER A 448 -4.50 -37.77 42.81
CA SER A 448 -3.91 -38.56 41.74
C SER A 448 -3.70 -37.72 40.49
N GLY A 449 -4.77 -37.12 39.98
CA GLY A 449 -4.65 -36.25 38.82
C GLY A 449 -3.95 -34.97 39.20
N GLU A 450 -2.73 -34.79 38.72
CA GLU A 450 -1.87 -33.73 39.25
C GLU A 450 -1.33 -32.80 38.20
N VAL A 451 -1.08 -33.28 36.98
CA VAL A 451 -0.44 -32.42 35.99
C VAL A 451 -1.46 -31.58 35.23
N VAL A 452 -2.75 -31.73 35.51
CA VAL A 452 -3.79 -30.99 34.79
C VAL A 452 -3.78 -29.52 35.16
N PRO A 453 -3.70 -29.08 36.44
CA PRO A 453 -3.52 -27.65 36.66
C PRO A 453 -2.09 -27.19 36.60
N MET A 454 -1.13 -28.11 36.73
CA MET A 454 0.26 -27.69 36.79
C MET A 454 0.79 -27.38 35.40
N SER A 455 0.15 -27.91 34.36
CA SER A 455 0.53 -27.54 33.01
C SER A 455 -0.11 -26.22 32.61
N PHE A 456 -1.27 -25.89 33.20
CA PHE A 456 -1.82 -24.55 33.00
C PHE A 456 -1.03 -23.53 33.78
N ALA A 457 -0.36 -23.96 34.86
CA ALA A 457 0.41 -23.04 35.67
C ALA A 457 1.81 -22.82 35.13
N LEU A 458 2.10 -23.24 33.91
CA LEU A 458 3.40 -23.07 33.33
C LEU A 458 3.36 -22.46 31.94
N VAL A 459 2.22 -22.56 31.25
CA VAL A 459 1.99 -21.67 30.12
C VAL A 459 1.64 -20.27 30.60
N LEU A 460 0.71 -20.16 31.55
CA LEU A 460 0.31 -18.85 32.07
C LEU A 460 1.38 -18.17 32.91
N GLY A 461 2.41 -18.90 33.34
CA GLY A 461 3.58 -18.23 33.88
C GLY A 461 4.42 -17.60 32.79
N TRP A 462 4.94 -18.41 31.88
CA TRP A 462 5.87 -17.94 30.86
C TRP A 462 5.22 -17.03 29.84
N CYS A 463 3.91 -17.12 29.66
CA CYS A 463 3.28 -16.16 28.76
C CYS A 463 2.86 -14.91 29.50
N ASN A 464 3.17 -14.80 30.78
CA ASN A 464 2.87 -13.57 31.50
C ASN A 464 4.12 -12.75 31.73
N VAL A 465 5.26 -13.20 31.20
CA VAL A 465 6.45 -12.36 31.19
C VAL A 465 6.39 -11.58 29.87
N MET A 466 5.36 -11.87 29.07
CA MET A 466 4.98 -11.02 27.95
C MET A 466 4.63 -9.62 28.39
N TYR A 467 4.06 -9.48 29.60
CA TYR A 467 3.65 -8.18 30.15
C TYR A 467 4.81 -7.20 30.29
N PHE A 468 6.02 -7.70 30.45
CA PHE A 468 7.16 -6.80 30.54
C PHE A 468 7.76 -6.44 29.19
N ALA A 469 7.00 -6.55 28.10
CA ALA A 469 7.48 -6.09 26.82
C ALA A 469 6.98 -4.70 26.47
N ARG A 470 6.09 -4.13 27.28
CA ARG A 470 5.66 -2.77 27.02
C ARG A 470 6.69 -1.74 27.45
N GLY A 471 7.63 -2.12 28.29
CA GLY A 471 8.63 -1.18 28.75
C GLY A 471 9.65 -0.83 27.70
N PHE A 472 10.11 -1.82 26.95
CA PHE A 472 11.19 -1.60 26.00
C PHE A 472 10.60 -1.15 24.68
N GLN A 473 11.15 -0.09 24.10
CA GLN A 473 10.82 0.20 22.72
C GLN A 473 11.53 -0.84 21.86
N MET A 474 10.97 -1.09 20.66
CA MET A 474 11.32 -2.16 19.70
C MET A 474 10.86 -3.50 20.28
N LEU A 475 10.00 -3.46 21.29
CA LEU A 475 9.28 -4.65 21.71
C LEU A 475 7.88 -4.26 22.13
N GLY A 476 7.53 -3.00 21.92
CA GLY A 476 6.32 -2.39 22.42
C GLY A 476 5.21 -2.25 21.40
N PRO A 477 5.53 -1.85 20.16
CA PRO A 477 4.56 -2.00 19.08
C PRO A 477 4.44 -3.41 18.53
N PHE A 478 4.88 -4.43 19.26
CA PHE A 478 4.72 -5.80 18.82
C PHE A 478 3.97 -6.64 19.86
N THR A 479 3.73 -6.06 21.04
CA THR A 479 2.78 -6.67 21.97
C THR A 479 1.41 -6.04 21.83
N ILE A 480 1.34 -4.73 21.62
CA ILE A 480 0.05 -4.08 21.40
C ILE A 480 -0.51 -4.39 20.02
N MET A 481 0.32 -4.92 19.11
CA MET A 481 -0.20 -5.41 17.85
C MET A 481 -0.87 -6.77 18.00
N ILE A 482 -0.28 -7.66 18.78
CA ILE A 482 -0.81 -9.02 18.87
C ILE A 482 -2.03 -9.05 19.80
N GLN A 483 -2.19 -8.03 20.65
CA GLN A 483 -3.42 -7.88 21.41
C GLN A 483 -4.57 -7.46 20.52
N LYS A 484 -4.28 -6.68 19.48
CA LYS A 484 -5.27 -6.28 18.49
C LYS A 484 -5.52 -7.40 17.49
N MET A 485 -4.81 -8.52 17.59
CA MET A 485 -4.91 -9.57 16.60
C MET A 485 -5.48 -10.86 17.15
N ILE A 486 -5.18 -11.24 18.40
CA ILE A 486 -5.80 -12.41 19.00
C ILE A 486 -7.27 -12.15 19.31
N PHE A 487 -7.67 -10.88 19.44
CA PHE A 487 -9.06 -10.49 19.37
C PHE A 487 -9.24 -9.85 18.01
N GLY A 488 -10.46 -9.76 17.55
CA GLY A 488 -10.65 -9.15 16.25
C GLY A 488 -10.47 -10.16 15.13
N ASP A 489 -9.27 -10.21 14.55
CA ASP A 489 -9.11 -10.89 13.26
C ASP A 489 -9.06 -12.40 13.42
N LEU A 490 -8.46 -12.92 14.49
CA LEU A 490 -8.42 -14.37 14.62
C LEU A 490 -9.73 -14.92 15.17
N MET A 491 -10.50 -14.12 15.89
CA MET A 491 -11.86 -14.54 16.23
C MET A 491 -12.81 -14.32 15.07
N ARG A 492 -12.37 -13.57 14.06
CA ARG A 492 -13.11 -13.50 12.80
C ARG A 492 -12.89 -14.76 11.97
N PHE A 493 -11.85 -15.52 12.30
CA PHE A 493 -11.47 -16.65 11.47
C PHE A 493 -11.70 -18.00 12.17
N CYS A 494 -11.65 -18.01 13.51
CA CYS A 494 -11.72 -19.28 14.23
C CYS A 494 -13.12 -19.86 14.19
N TRP A 495 -14.14 -19.03 13.93
CA TRP A 495 -15.45 -19.58 13.66
C TRP A 495 -15.48 -20.31 12.34
N LEU A 496 -15.11 -19.64 11.25
CA LEU A 496 -15.06 -20.26 9.94
C LEU A 496 -13.98 -21.32 9.82
N MET A 497 -13.02 -21.34 10.73
CA MET A 497 -12.17 -22.52 10.81
C MET A 497 -12.92 -23.67 11.48
N ALA A 498 -13.64 -23.40 12.57
CA ALA A 498 -14.36 -24.45 13.28
C ALA A 498 -15.74 -24.71 12.70
N VAL A 499 -15.98 -24.36 11.44
CA VAL A 499 -17.17 -24.77 10.72
C VAL A 499 -16.82 -25.70 9.57
N VAL A 500 -15.69 -25.45 8.90
CA VAL A 500 -15.24 -26.36 7.87
C VAL A 500 -14.69 -27.65 8.47
N ILE A 501 -13.87 -27.55 9.53
CA ILE A 501 -13.22 -28.76 10.04
C ILE A 501 -14.20 -29.60 10.83
N LEU A 502 -15.23 -28.97 11.42
CA LEU A 502 -16.23 -29.72 12.17
C LEU A 502 -17.08 -30.60 11.26
N GLY A 503 -17.17 -30.25 9.98
CA GLY A 503 -17.91 -31.07 9.04
C GLY A 503 -17.05 -32.11 8.35
N PHE A 504 -15.89 -31.68 7.85
CA PHE A 504 -14.99 -32.60 7.15
C PHE A 504 -14.45 -33.70 8.04
N ALA A 505 -14.32 -33.44 9.33
CA ALA A 505 -13.96 -34.52 10.25
C ALA A 505 -15.08 -35.54 10.34
N SER A 506 -16.31 -35.07 10.29
CA SER A 506 -17.44 -35.98 10.23
C SER A 506 -17.56 -36.64 8.86
N ALA A 507 -16.92 -36.08 7.84
CA ALA A 507 -16.91 -36.75 6.55
C ALA A 507 -15.86 -37.84 6.50
N PHE A 508 -14.71 -37.61 7.13
CA PHE A 508 -13.68 -38.64 7.16
C PHE A 508 -14.02 -39.74 8.15
N TYR A 509 -14.75 -39.43 9.21
CA TYR A 509 -15.04 -40.46 10.19
C TYR A 509 -16.09 -41.44 9.70
N ILE A 510 -16.95 -41.03 8.76
CA ILE A 510 -17.79 -42.00 8.08
C ILE A 510 -16.95 -42.90 7.17
N ILE A 511 -15.99 -42.31 6.46
CA ILE A 511 -15.35 -43.01 5.36
C ILE A 511 -14.27 -43.99 5.82
N PHE A 512 -13.88 -43.96 7.09
CA PHE A 512 -12.99 -44.97 7.63
C PHE A 512 -13.68 -45.81 8.70
N GLN A 513 -15.00 -45.84 8.70
CA GLN A 513 -15.69 -46.93 9.36
C GLN A 513 -15.36 -48.27 8.73
N THR A 514 -15.17 -48.28 7.41
CA THR A 514 -14.82 -49.48 6.67
C THR A 514 -13.30 -49.59 6.50
N GLU A 515 -12.59 -49.58 7.63
CA GLU A 515 -11.14 -49.62 7.60
C GLU A 515 -10.60 -50.10 8.94
N ASP A 516 -9.67 -51.04 8.88
CA ASP A 516 -8.96 -51.48 10.08
C ASP A 516 -8.01 -50.37 10.51
N PRO A 517 -8.06 -49.90 11.76
CA PRO A 517 -7.14 -48.84 12.20
C PRO A 517 -5.69 -49.26 12.36
N GLU A 518 -5.32 -50.51 12.04
CA GLU A 518 -3.92 -50.91 12.07
C GLU A 518 -3.11 -50.18 11.00
N GLU A 519 -3.75 -49.81 9.91
CA GLU A 519 -3.19 -48.89 8.94
C GLU A 519 -4.12 -47.70 8.84
N LEU A 520 -3.54 -46.52 8.60
CA LEU A 520 -4.23 -45.23 8.65
C LEU A 520 -5.00 -45.07 9.96
N GLY A 521 -4.23 -45.00 11.04
CA GLY A 521 -4.85 -44.82 12.32
C GLY A 521 -5.19 -43.38 12.64
N HIS A 522 -5.47 -42.56 11.63
CA HIS A 522 -5.77 -41.16 11.93
C HIS A 522 -7.24 -40.98 12.27
N PHE A 523 -8.06 -42.02 12.11
CA PHE A 523 -9.51 -41.90 12.28
C PHE A 523 -10.01 -43.22 12.86
N TYR A 524 -10.13 -43.30 14.18
CA TYR A 524 -10.79 -44.46 14.75
C TYR A 524 -11.88 -44.03 15.72
N ASP A 525 -11.62 -42.95 16.46
CA ASP A 525 -12.63 -42.33 17.30
C ASP A 525 -12.91 -40.93 16.80
N TYR A 526 -14.17 -40.57 16.75
CA TYR A 526 -14.62 -39.22 16.44
C TYR A 526 -14.02 -38.14 17.35
N PRO A 527 -13.66 -38.39 18.63
CA PRO A 527 -12.85 -37.38 19.32
C PRO A 527 -11.44 -37.22 18.78
N MET A 528 -10.93 -38.16 17.99
CA MET A 528 -9.62 -37.90 17.40
C MET A 528 -9.73 -37.43 15.97
N ALA A 529 -10.81 -37.82 15.27
CA ALA A 529 -11.04 -37.36 13.91
C ALA A 529 -11.28 -35.86 13.87
N LEU A 530 -11.94 -35.33 14.90
CA LEU A 530 -12.08 -33.90 15.03
C LEU A 530 -10.75 -33.24 15.34
N PHE A 531 -9.83 -33.97 15.97
CA PHE A 531 -8.50 -33.41 16.22
C PHE A 531 -7.62 -33.50 14.98
N SER A 532 -7.62 -34.65 14.31
CA SER A 532 -6.71 -34.84 13.20
C SER A 532 -7.12 -34.07 11.96
N THR A 533 -8.33 -33.52 11.93
CA THR A 533 -8.71 -32.61 10.86
C THR A 533 -8.19 -31.21 11.17
N PHE A 534 -8.31 -30.77 12.41
CA PHE A 534 -7.78 -29.48 12.82
C PHE A 534 -6.25 -29.45 12.73
N GLU A 535 -5.62 -30.58 12.95
CA GLU A 535 -4.16 -30.59 12.89
C GLU A 535 -3.69 -30.78 11.46
N LEU A 536 -4.59 -31.12 10.54
CA LEU A 536 -4.23 -31.18 9.14
C LEU A 536 -4.63 -29.91 8.40
N PHE A 537 -5.53 -29.12 8.99
CA PHE A 537 -5.98 -27.87 8.40
C PHE A 537 -4.87 -26.83 8.40
N LEU A 538 -3.93 -26.95 9.34
CA LEU A 538 -2.78 -26.08 9.42
C LEU A 538 -1.54 -26.72 8.83
N THR A 539 -1.69 -27.90 8.22
CA THR A 539 -0.60 -28.68 7.60
C THR A 539 0.55 -28.96 8.56
N ILE A 540 0.20 -29.42 9.77
CA ILE A 540 1.18 -29.87 10.73
C ILE A 540 1.01 -31.38 11.00
N ILE A 541 0.38 -32.10 10.10
CA ILE A 541 0.62 -33.53 9.91
C ILE A 541 0.85 -33.67 8.42
N ASP A 542 1.45 -34.79 8.02
CA ASP A 542 1.68 -35.04 6.60
C ASP A 542 0.36 -35.16 5.86
N GLY A 543 -0.37 -36.22 6.13
CA GLY A 543 -1.55 -36.51 5.38
C GLY A 543 -1.67 -38.00 5.20
N PRO A 544 -2.85 -38.54 5.37
CA PRO A 544 -3.01 -40.00 5.44
C PRO A 544 -2.73 -40.68 4.11
N ALA A 545 -1.68 -41.50 4.09
CA ALA A 545 -1.35 -42.28 2.91
C ALA A 545 -0.60 -43.51 3.36
N ASN A 546 -0.93 -44.65 2.77
CA ASN A 546 -0.24 -45.88 3.12
C ASN A 546 0.62 -46.41 1.99
N TYR A 547 0.12 -46.36 0.76
CA TYR A 547 0.82 -46.67 -0.50
C TYR A 547 1.23 -48.13 -0.63
N ASN A 548 0.89 -49.00 0.32
CA ASN A 548 1.08 -50.43 0.14
C ASN A 548 -0.27 -51.08 -0.18
N VAL A 549 -1.26 -50.83 0.66
CA VAL A 549 -2.64 -51.14 0.34
C VAL A 549 -3.26 -49.90 -0.31
N ASP A 550 -4.39 -50.08 -0.97
CA ASP A 550 -5.09 -48.97 -1.58
C ASP A 550 -5.90 -48.21 -0.53
N LEU A 551 -6.65 -47.22 -0.98
CA LEU A 551 -7.50 -46.38 -0.17
C LEU A 551 -8.94 -46.52 -0.67
N PRO A 552 -9.93 -46.17 0.14
CA PRO A 552 -11.29 -46.07 -0.41
C PRO A 552 -11.39 -44.91 -1.38
N PHE A 553 -12.19 -45.08 -2.44
CA PHE A 553 -12.14 -44.16 -3.57
C PHE A 553 -12.69 -42.79 -3.25
N MET A 554 -13.72 -42.72 -2.41
CA MET A 554 -14.31 -41.44 -2.05
C MET A 554 -13.38 -40.63 -1.15
N TYR A 555 -12.37 -41.26 -0.55
CA TYR A 555 -11.38 -40.52 0.24
C TYR A 555 -10.58 -39.56 -0.63
N SER A 556 -10.14 -40.01 -1.80
CA SER A 556 -9.16 -39.25 -2.55
C SER A 556 -9.78 -38.00 -3.17
N ILE A 557 -11.09 -38.02 -3.40
CA ILE A 557 -11.74 -36.81 -3.93
C ILE A 557 -11.97 -35.81 -2.82
N THR A 558 -12.62 -36.24 -1.74
CA THR A 558 -13.06 -35.28 -0.72
C THR A 558 -11.90 -34.82 0.16
N TYR A 559 -10.73 -35.44 0.00
CA TYR A 559 -9.54 -34.89 0.66
C TYR A 559 -8.84 -33.88 -0.24
N ALA A 560 -8.94 -34.04 -1.55
CA ALA A 560 -8.39 -33.02 -2.44
C ALA A 560 -9.25 -31.77 -2.44
N ALA A 561 -10.54 -31.91 -2.09
CA ALA A 561 -11.36 -30.72 -1.93
C ALA A 561 -11.08 -30.04 -0.60
N PHE A 562 -10.47 -30.77 0.34
CA PHE A 562 -10.06 -30.15 1.59
C PHE A 562 -8.81 -29.30 1.37
N ALA A 563 -7.83 -29.83 0.63
CA ALA A 563 -6.57 -29.13 0.41
C ALA A 563 -6.77 -27.86 -0.41
N ILE A 564 -7.76 -27.88 -1.31
CA ILE A 564 -8.01 -26.71 -2.15
C ILE A 564 -8.76 -25.65 -1.35
N ILE A 565 -9.24 -26.00 -0.16
CA ILE A 565 -9.77 -24.98 0.73
C ILE A 565 -8.75 -24.66 1.83
N ALA A 566 -8.16 -25.68 2.43
CA ALA A 566 -7.42 -25.50 3.67
C ALA A 566 -6.06 -24.86 3.50
N THR A 567 -5.37 -25.09 2.41
CA THR A 567 -4.00 -24.63 2.31
C THR A 567 -3.83 -23.62 1.17
N LEU A 568 -4.83 -23.47 0.31
CA LEU A 568 -4.65 -22.59 -0.82
C LEU A 568 -5.70 -21.48 -0.87
N LEU A 569 -6.81 -21.60 -0.13
CA LEU A 569 -7.76 -20.50 -0.05
C LEU A 569 -7.95 -19.96 1.36
N MET A 570 -8.28 -20.84 2.32
CA MET A 570 -8.71 -20.38 3.63
C MET A 570 -7.55 -19.95 4.51
N LEU A 571 -6.38 -20.57 4.39
CA LEU A 571 -5.27 -20.17 5.25
C LEU A 571 -4.45 -19.05 4.67
N ASN A 572 -4.35 -18.94 3.34
CA ASN A 572 -3.67 -17.78 2.76
C ASN A 572 -4.47 -16.50 2.92
N LEU A 573 -5.77 -16.59 3.21
CA LEU A 573 -6.56 -15.40 3.43
C LEU A 573 -6.27 -14.77 4.79
N LEU A 574 -5.53 -15.45 5.66
CA LEU A 574 -5.01 -14.78 6.86
C LEU A 574 -3.94 -13.77 6.49
N ILE A 575 -2.98 -14.18 5.66
CA ILE A 575 -1.88 -13.31 5.29
C ILE A 575 -2.37 -12.15 4.43
N ALA A 576 -3.48 -12.34 3.73
CA ALA A 576 -4.11 -11.20 3.08
C ALA A 576 -4.77 -10.28 4.10
N MET A 577 -5.27 -10.82 5.21
CA MET A 577 -5.84 -9.93 6.22
C MET A 577 -4.80 -9.43 7.21
N MET A 578 -3.77 -10.24 7.49
CA MET A 578 -2.68 -9.75 8.31
C MET A 578 -1.93 -8.61 7.62
N GLY A 579 -1.79 -8.68 6.31
CA GLY A 579 -1.09 -7.64 5.58
C GLY A 579 -1.95 -6.44 5.28
N ASP A 580 -3.26 -6.58 5.47
CA ASP A 580 -4.12 -5.43 5.27
C ASP A 580 -4.44 -4.73 6.58
N THR A 581 -4.48 -5.46 7.68
CA THR A 581 -4.70 -4.81 8.97
C THR A 581 -3.45 -4.05 9.41
N HIS A 582 -2.27 -4.62 9.17
CA HIS A 582 -1.04 -4.15 9.81
C HIS A 582 -0.51 -2.84 9.23
N TRP A 583 -1.17 -2.24 8.24
CA TRP A 583 -0.76 -0.90 7.86
C TRP A 583 -1.85 0.15 8.08
N ARG A 584 -3.11 -0.26 8.27
CA ARG A 584 -4.13 0.71 8.62
C ARG A 584 -4.45 0.72 10.10
N VAL A 585 -3.68 0.01 10.91
CA VAL A 585 -3.61 0.31 12.33
C VAL A 585 -2.18 0.67 12.72
N ALA A 586 -1.35 1.02 11.74
CA ALA A 586 0.04 1.38 12.01
C ALA A 586 0.19 2.78 12.59
N HIS A 587 -0.89 3.54 12.70
CA HIS A 587 -0.85 4.78 13.45
C HIS A 587 -1.49 4.65 14.82
N GLU A 588 -2.49 3.78 14.97
CA GLU A 588 -2.95 3.43 16.30
C GLU A 588 -1.90 2.62 17.06
N ARG A 589 -1.04 1.92 16.33
CA ARG A 589 -0.03 1.09 16.97
C ARG A 589 0.97 1.93 17.76
N ASP A 590 1.51 2.97 17.14
CA ASP A 590 2.55 3.73 17.81
C ASP A 590 1.97 4.74 18.79
N GLU A 591 0.66 4.93 18.77
CA GLU A 591 0.03 5.80 19.75
C GLU A 591 -0.44 5.02 20.98
N LEU A 592 -0.95 3.80 20.75
CA LEU A 592 -1.34 2.94 21.87
C LEU A 592 -0.16 2.57 22.75
N TRP A 593 1.04 2.52 22.18
CA TRP A 593 2.22 2.29 22.99
C TRP A 593 2.52 3.46 23.90
N ARG A 594 2.22 4.68 23.45
CA ARG A 594 2.45 5.84 24.32
C ARG A 594 1.43 5.91 25.43
N ALA A 595 0.20 5.48 25.16
CA ALA A 595 -0.77 5.43 26.23
C ALA A 595 -0.54 4.26 27.16
N GLN A 596 0.11 3.21 26.68
CA GLN A 596 0.42 2.06 27.52
C GLN A 596 1.59 2.35 28.44
N ILE A 597 2.47 3.28 28.06
CA ILE A 597 3.58 3.62 28.94
C ILE A 597 3.10 4.49 30.10
N VAL A 598 1.91 5.10 29.98
CA VAL A 598 1.41 5.96 31.05
C VAL A 598 0.65 5.15 32.08
N ALA A 599 -0.08 4.11 31.62
CA ALA A 599 -0.77 3.21 32.54
C ALA A 599 0.21 2.39 33.37
N THR A 600 1.45 2.26 32.90
CA THR A 600 2.50 1.76 33.77
C THR A 600 2.99 2.85 34.71
N THR A 601 3.00 4.10 34.25
CA THR A 601 3.58 5.17 35.05
C THR A 601 2.68 5.55 36.22
N VAL A 602 1.37 5.65 35.98
CA VAL A 602 0.47 6.05 37.06
C VAL A 602 0.29 4.91 38.07
N MET A 603 0.34 3.66 37.60
CA MET A 603 0.09 2.53 38.48
C MET A 603 1.22 2.31 39.47
N LEU A 604 2.47 2.47 39.03
CA LEU A 604 3.60 2.23 39.92
C LEU A 604 3.73 3.33 40.97
N GLU A 605 3.43 4.58 40.61
CA GLU A 605 3.51 5.66 41.59
C GLU A 605 2.41 5.55 42.65
N ARG A 606 1.29 4.91 42.32
CA ARG A 606 0.22 4.73 43.28
C ARG A 606 0.51 3.61 44.28
N LYS A 607 1.30 2.60 43.89
CA LYS A 607 1.58 1.48 44.78
C LYS A 607 2.94 1.53 45.46
N LEU A 608 3.94 2.17 44.87
CA LEU A 608 5.20 2.35 45.56
C LEU A 608 5.05 3.39 46.67
N PRO A 609 5.84 3.27 47.76
CA PRO A 609 5.71 4.25 48.85
C PRO A 609 6.35 5.60 48.53
N ARG A 610 6.38 6.50 49.51
CA ARG A 610 6.72 7.89 49.27
C ARG A 610 8.20 8.21 49.35
N CYS A 611 9.01 7.35 49.98
CA CYS A 611 10.46 7.57 49.98
C CYS A 611 11.02 7.39 48.58
N LEU A 612 10.52 6.40 47.86
CA LEU A 612 10.73 6.29 46.43
C LEU A 612 9.73 7.21 45.72
N TRP A 613 9.98 7.43 44.42
CA TRP A 613 9.23 8.37 43.57
C TRP A 613 9.13 9.76 44.16
N PRO A 614 10.18 10.57 44.15
CA PRO A 614 10.01 11.99 44.44
C PRO A 614 9.17 12.63 43.36
N ARG A 615 8.38 13.63 43.75
CA ARG A 615 7.46 14.26 42.82
C ARG A 615 8.25 15.07 41.81
N SER A 616 7.87 14.97 40.54
CA SER A 616 8.67 15.56 39.48
C SER A 616 8.49 17.07 39.44
N GLY A 617 9.61 17.78 39.42
CA GLY A 617 9.57 19.23 39.32
C GLY A 617 10.14 19.96 40.53
N ILE A 618 10.31 21.26 40.40
CA ILE A 618 10.90 22.04 41.48
C ILE A 618 9.80 22.50 42.43
N CYS A 619 10.05 22.36 43.73
CA CYS A 619 9.04 22.65 44.72
C CYS A 619 8.92 24.15 44.98
N GLY A 620 7.92 24.49 45.79
CA GLY A 620 7.66 25.86 46.18
C GLY A 620 8.07 26.13 47.60
N ARG A 621 7.41 27.15 48.20
CA ARG A 621 7.62 27.75 49.52
C ARG A 621 9.08 27.99 49.87
N GLU A 622 9.88 28.27 48.84
CA GLU A 622 11.28 28.65 48.96
C GLU A 622 11.63 29.81 48.05
N TYR A 623 10.85 30.06 47.00
CA TYR A 623 11.18 31.06 45.99
C TYR A 623 10.02 32.02 45.75
N GLY A 624 9.17 32.23 46.76
CA GLY A 624 8.09 33.18 46.68
C GLY A 624 6.99 32.84 45.70
N LEU A 625 6.67 31.56 45.52
CA LEU A 625 5.68 31.14 44.55
C LEU A 625 4.40 30.61 45.17
N GLY A 626 4.49 29.95 46.32
CA GLY A 626 3.34 29.35 46.96
C GLY A 626 3.67 27.94 47.40
N ASP A 627 2.66 27.08 47.42
CA ASP A 627 2.83 25.71 47.85
C ASP A 627 2.69 24.70 46.73
N ARG A 628 2.17 25.10 45.58
CA ARG A 628 2.10 24.19 44.45
C ARG A 628 3.47 24.08 43.79
N TRP A 629 3.72 22.93 43.16
CA TRP A 629 5.05 22.59 42.67
C TRP A 629 5.08 22.63 41.15
N PHE A 630 6.11 23.25 40.59
CA PHE A 630 6.13 23.65 39.19
C PHE A 630 7.02 22.76 38.34
N LEU A 631 6.95 22.99 37.03
CA LEU A 631 7.81 22.40 36.01
C LEU A 631 8.13 23.47 34.99
N ARG A 632 9.29 23.33 34.33
CA ARG A 632 9.66 24.25 33.27
C ARG A 632 9.98 23.48 31.99
N VAL A 633 9.88 24.18 30.87
CA VAL A 633 10.27 23.65 29.57
C VAL A 633 10.69 24.82 28.70
N GLU A 634 11.67 24.60 27.83
CA GLU A 634 12.14 25.62 26.92
C GLU A 634 12.27 25.05 25.51
N ASP A 635 12.06 25.89 24.52
CA ASP A 635 12.02 25.45 23.13
C ASP A 635 12.46 26.60 22.23
N ARG A 636 12.97 26.26 21.06
CA ARG A 636 13.34 27.23 20.05
C ARG A 636 12.07 27.71 19.36
N GLN A 637 11.94 29.03 19.24
CA GLN A 637 10.73 29.63 18.69
C GLN A 637 10.56 29.31 17.21
N ASP A 638 11.66 29.03 16.51
CA ASP A 638 11.79 28.81 15.07
C ASP A 638 11.40 30.06 14.28
N LEU A 639 11.43 31.23 14.92
CA LEU A 639 11.26 32.57 14.32
C LEU A 639 9.96 32.75 13.54
N SER B 28 23.23 13.88 33.14
CA SER B 28 21.81 13.68 33.41
C SER B 28 21.38 14.47 34.65
N TRP B 29 21.90 15.68 34.77
CA TRP B 29 21.64 16.57 35.90
C TRP B 29 21.18 17.93 35.42
N ALA B 30 20.18 17.95 34.54
CA ALA B 30 19.58 19.18 34.04
C ALA B 30 18.80 19.91 35.13
N GLN B 31 18.46 19.20 36.22
CA GLN B 31 17.76 19.80 37.35
C GLN B 31 18.62 20.85 38.05
N SER B 32 19.95 20.73 37.97
CA SER B 32 20.80 21.80 38.48
C SER B 32 20.76 23.01 37.57
N ARG B 33 20.52 22.81 36.28
CA ARG B 33 20.32 23.94 35.39
C ARG B 33 18.92 24.52 35.55
N ASP B 34 17.95 23.67 35.83
CA ASP B 34 16.60 24.16 36.10
C ASP B 34 16.49 24.91 37.41
N GLU B 35 17.35 24.58 38.37
CA GLU B 35 17.34 25.27 39.66
C GLU B 35 17.86 26.70 39.53
N GLN B 36 18.83 26.91 38.65
CA GLN B 36 19.45 28.22 38.55
C GLN B 36 18.53 29.23 37.86
N ASN B 37 17.70 28.78 36.92
CA ASN B 37 16.77 29.70 36.29
C ASN B 37 15.69 30.15 37.25
N LEU B 38 15.21 29.26 38.10
CA LEU B 38 14.13 29.64 39.00
C LEU B 38 14.68 30.39 40.20
N LEU B 39 15.99 30.31 40.44
CA LEU B 39 16.61 31.14 41.47
C LEU B 39 16.82 32.56 40.96
N GLN B 40 16.78 32.75 39.63
CA GLN B 40 17.02 34.08 39.06
C GLN B 40 15.89 35.03 39.38
N GLN B 41 14.64 34.55 39.37
CA GLN B 41 13.50 35.41 39.67
C GLN B 41 13.48 35.86 41.13
N LYS B 42 13.72 34.93 42.07
CA LYS B 42 13.56 35.24 43.49
C LYS B 42 14.61 36.24 43.95
N ARG B 43 15.80 36.21 43.34
CA ARG B 43 16.78 37.26 43.62
C ARG B 43 16.31 38.60 43.07
N ILE B 44 15.65 38.59 41.91
CA ILE B 44 15.14 39.83 41.33
C ILE B 44 13.93 40.33 42.13
N TRP B 45 13.09 39.41 42.63
CA TRP B 45 12.01 39.81 43.53
C TRP B 45 12.52 40.40 44.84
N GLU B 46 13.76 40.10 45.23
CA GLU B 46 14.28 40.63 46.48
C GLU B 46 14.67 42.10 46.35
N SER B 47 15.65 42.39 45.49
CA SER B 47 16.15 43.75 45.39
C SER B 47 15.15 44.64 44.67
N PRO B 48 14.98 45.89 45.13
CA PRO B 48 13.92 46.73 44.56
C PRO B 48 14.25 47.30 43.19
N LEU B 49 15.53 47.56 42.89
CA LEU B 49 15.85 48.16 41.61
C LEU B 49 16.00 47.14 40.50
N LEU B 50 16.19 45.86 40.82
CA LEU B 50 16.18 44.85 39.78
C LEU B 50 14.77 44.60 39.28
N LEU B 51 13.77 44.71 40.16
CA LEU B 51 12.39 44.82 39.68
C LEU B 51 12.21 46.08 38.84
N ALA B 52 12.85 47.18 39.27
CA ALA B 52 12.80 48.41 38.49
C ALA B 52 13.67 48.32 37.25
N ALA B 53 14.54 47.32 37.18
CA ALA B 53 15.21 47.03 35.92
C ALA B 53 14.44 46.03 35.10
N LYS B 54 13.56 45.26 35.74
CA LYS B 54 12.75 44.30 34.99
C LYS B 54 11.67 44.99 34.18
N ASP B 55 11.14 46.10 34.69
CA ASP B 55 10.14 46.90 33.99
C ASP B 55 10.67 48.30 33.77
N ASN B 56 9.83 49.15 33.18
CA ASN B 56 10.16 50.56 32.99
C ASN B 56 9.68 51.38 34.18
N ASP B 57 10.36 51.17 35.31
CA ASP B 57 10.04 51.85 36.55
C ASP B 57 10.97 53.03 36.74
N VAL B 58 11.23 53.76 35.65
CA VAL B 58 12.21 54.84 35.57
C VAL B 58 11.93 56.00 36.52
N GLN B 59 10.69 56.09 37.03
CA GLN B 59 10.41 56.99 38.14
C GLN B 59 11.18 56.59 39.39
N ALA B 60 11.30 55.29 39.65
CA ALA B 60 12.06 54.82 40.80
C ALA B 60 13.56 54.90 40.57
N LEU B 61 14.00 54.89 39.31
CA LEU B 61 15.44 54.95 39.03
C LEU B 61 15.99 56.35 39.31
N ASN B 62 15.14 57.38 39.18
CA ASN B 62 15.54 58.72 39.60
C ASN B 62 15.68 58.81 41.11
N LYS B 63 14.95 57.96 41.84
CA LYS B 63 14.95 58.01 43.31
C LYS B 63 16.02 57.11 43.89
N LEU B 64 16.13 55.88 43.37
CA LEU B 64 16.89 54.83 44.05
C LEU B 64 18.40 55.09 44.01
N LEU B 65 18.87 55.78 42.98
CA LEU B 65 20.29 56.09 42.89
C LEU B 65 20.64 57.42 43.55
N LYS B 66 19.69 58.36 43.59
CA LYS B 66 19.91 59.66 44.22
C LYS B 66 19.69 59.64 45.73
N TYR B 67 18.75 58.83 46.23
CA TYR B 67 18.41 58.86 47.65
C TYR B 67 19.19 57.86 48.49
N GLU B 68 19.34 56.63 48.02
CA GLU B 68 20.04 55.60 48.79
C GLU B 68 21.48 55.57 48.29
N ASP B 69 22.29 54.61 48.77
CA ASP B 69 23.69 54.52 48.40
C ASP B 69 24.03 53.05 48.13
N CYS B 70 25.11 52.86 47.37
CA CYS B 70 25.94 51.63 47.33
C CYS B 70 25.25 50.55 46.52
N LYS B 71 24.07 50.78 45.97
CA LYS B 71 23.39 49.78 45.14
C LYS B 71 23.82 49.89 43.68
N VAL B 72 25.11 49.64 43.44
CA VAL B 72 25.69 49.80 42.11
C VAL B 72 26.24 48.47 41.62
N HIS B 73 26.72 47.65 42.55
CA HIS B 73 27.53 46.49 42.19
C HIS B 73 27.04 45.19 42.82
N GLN B 74 25.80 45.14 43.31
CA GLN B 74 25.28 43.86 43.77
C GLN B 74 24.92 43.00 42.57
N ARG B 75 25.00 41.69 42.74
CA ARG B 75 24.82 40.78 41.62
C ARG B 75 23.49 40.06 41.71
N GLY B 76 23.14 39.36 40.63
CA GLY B 76 21.96 38.53 40.58
C GLY B 76 22.25 37.14 41.07
N ALA B 77 21.36 36.21 40.70
CA ALA B 77 21.56 34.82 41.08
C ALA B 77 22.68 34.18 40.26
N MET B 78 22.68 34.41 38.95
CA MET B 78 23.74 33.95 38.08
C MET B 78 24.78 35.04 37.82
N GLY B 79 24.94 35.97 38.76
CA GLY B 79 26.02 36.95 38.73
C GLY B 79 25.92 37.95 37.59
N GLU B 80 24.90 38.81 37.63
CA GLU B 80 24.68 39.80 36.59
C GLU B 80 24.43 41.15 37.23
N THR B 81 24.34 42.19 36.41
CA THR B 81 24.06 43.53 36.88
C THR B 81 22.67 43.95 36.45
N ALA B 82 22.26 45.12 36.92
CA ALA B 82 20.99 45.69 36.52
C ALA B 82 21.00 46.17 35.08
N LEU B 83 22.20 46.36 34.51
CA LEU B 83 22.29 46.67 33.08
C LEU B 83 21.94 45.46 32.23
N HIS B 84 22.27 44.25 32.72
CA HIS B 84 21.91 43.03 32.00
C HIS B 84 20.41 42.83 31.94
N ILE B 85 19.74 43.06 33.07
CA ILE B 85 18.32 42.76 33.19
C ILE B 85 17.50 43.70 32.32
N ALA B 86 17.88 44.97 32.28
CA ALA B 86 17.24 45.92 31.38
C ALA B 86 17.59 45.60 29.93
N ALA B 87 18.73 44.95 29.69
CA ALA B 87 19.04 44.51 28.34
C ALA B 87 18.34 43.21 27.99
N LEU B 88 18.01 42.40 29.00
CA LEU B 88 17.43 41.10 28.71
C LEU B 88 15.95 41.20 28.36
N TYR B 89 15.23 42.11 29.00
CA TYR B 89 13.81 42.34 28.72
C TYR B 89 13.60 43.61 27.91
N ASP B 90 14.57 43.92 27.04
CA ASP B 90 14.68 45.02 26.06
C ASP B 90 14.04 46.35 26.48
N ASN B 91 14.30 46.75 27.73
CA ASN B 91 13.77 48.00 28.26
C ASN B 91 14.77 49.10 27.95
N LEU B 92 14.43 49.91 26.95
CA LEU B 92 15.37 50.91 26.43
C LEU B 92 15.49 52.10 27.38
N GLU B 93 14.37 52.52 27.98
CA GLU B 93 14.37 53.74 28.79
C GLU B 93 15.12 53.53 30.10
N ALA B 94 14.98 52.35 30.70
CA ALA B 94 15.64 52.11 31.98
C ALA B 94 17.13 51.83 31.82
N ALA B 95 17.53 51.33 30.65
CA ALA B 95 18.95 51.07 30.42
C ALA B 95 19.71 52.38 30.21
N MET B 96 19.05 53.40 29.66
CA MET B 96 19.76 54.63 29.35
C MET B 96 20.02 55.46 30.60
N VAL B 97 19.12 55.41 31.59
CA VAL B 97 19.31 56.17 32.81
C VAL B 97 20.40 55.53 33.66
N LEU B 98 20.48 54.21 33.64
CA LEU B 98 21.49 53.51 34.44
C LEU B 98 22.90 53.71 33.88
N MET B 99 23.03 53.90 32.57
CA MET B 99 24.34 54.21 31.99
C MET B 99 24.80 55.61 32.39
N GLU B 100 23.85 56.54 32.52
CA GLU B 100 24.19 57.90 32.92
C GLU B 100 24.60 57.96 34.38
N ALA B 101 24.05 57.05 35.20
CA ALA B 101 24.30 57.08 36.64
C ALA B 101 25.73 56.69 36.97
N ALA B 102 26.25 55.64 36.33
CA ALA B 102 27.62 55.20 36.54
C ALA B 102 28.10 54.50 35.28
N PRO B 103 28.80 55.23 34.38
CA PRO B 103 29.27 54.63 33.12
C PRO B 103 30.46 53.70 33.31
N GLU B 104 30.24 52.61 34.04
CA GLU B 104 31.25 51.58 34.21
C GLU B 104 30.69 50.19 34.10
N LEU B 105 29.36 50.02 34.16
CA LEU B 105 28.70 48.72 34.21
C LEU B 105 28.81 47.94 32.92
N VAL B 106 29.16 48.58 31.80
CA VAL B 106 29.33 47.87 30.55
C VAL B 106 30.56 46.97 30.57
N PHE B 107 31.62 47.36 31.31
CA PHE B 107 32.84 46.58 31.38
C PHE B 107 32.72 45.35 32.27
N GLU B 108 31.67 45.26 33.09
CA GLU B 108 31.53 44.13 34.01
C GLU B 108 30.73 43.03 33.34
N PRO B 109 31.30 41.85 33.12
CA PRO B 109 30.55 40.77 32.48
C PRO B 109 29.80 39.93 33.51
N MET B 110 29.08 38.94 32.99
CA MET B 110 28.55 37.91 33.87
C MET B 110 29.69 37.03 34.38
N THR B 111 29.45 36.33 35.48
CA THR B 111 30.52 35.62 36.17
C THR B 111 30.16 34.21 36.61
N SER B 112 28.98 33.70 36.26
CA SER B 112 28.58 32.37 36.69
C SER B 112 29.24 31.32 35.82
N GLU B 113 29.05 30.04 36.17
CA GLU B 113 29.62 28.95 35.41
C GLU B 113 28.76 28.55 34.21
N LEU B 114 27.47 28.85 34.24
CA LEU B 114 26.66 28.66 33.04
C LEU B 114 26.92 29.78 32.05
N TYR B 115 26.73 31.03 32.48
CA TYR B 115 26.91 32.19 31.63
C TYR B 115 28.18 32.89 32.09
N GLU B 116 29.29 32.58 31.44
CA GLU B 116 30.60 33.07 31.85
C GLU B 116 31.06 34.18 30.91
N GLY B 117 31.35 35.34 31.47
CA GLY B 117 31.96 36.42 30.69
C GLY B 117 31.04 37.13 29.73
N GLN B 118 29.76 36.79 29.72
CA GLN B 118 28.82 37.34 28.73
C GLN B 118 28.51 38.78 29.11
N THR B 119 29.00 39.73 28.32
CA THR B 119 28.87 41.14 28.64
C THR B 119 27.51 41.67 28.18
N ALA B 120 27.27 42.95 28.47
CA ALA B 120 25.97 43.56 28.19
C ALA B 120 25.76 43.82 26.71
N LEU B 121 26.82 43.94 25.92
CA LEU B 121 26.69 44.03 24.47
C LEU B 121 26.10 42.75 23.89
N HIS B 122 26.45 41.60 24.48
CA HIS B 122 26.04 40.31 23.93
C HIS B 122 24.54 40.09 24.07
N ILE B 123 23.92 40.71 25.07
CA ILE B 123 22.51 40.44 25.32
C ILE B 123 21.63 41.14 24.29
N ALA B 124 21.91 42.42 24.02
CA ALA B 124 21.05 43.20 23.14
C ALA B 124 21.19 42.79 21.67
N VAL B 125 22.30 42.17 21.30
CA VAL B 125 22.50 41.77 19.91
C VAL B 125 21.64 40.54 19.58
N VAL B 126 21.45 39.66 20.55
CA VAL B 126 20.61 38.49 20.35
C VAL B 126 19.14 38.88 20.16
N ASN B 127 18.71 39.96 20.83
CA ASN B 127 17.35 40.47 20.65
C ASN B 127 17.10 41.09 19.28
N GLN B 128 18.16 41.31 18.50
CA GLN B 128 18.24 41.47 17.04
C GLN B 128 17.56 42.71 16.49
N ASN B 129 16.88 43.48 17.31
CA ASN B 129 16.28 44.75 16.86
C ASN B 129 16.41 45.72 18.02
N MET B 130 17.55 46.42 18.08
CA MET B 130 17.79 47.39 19.13
C MET B 130 18.54 48.57 18.54
N ASN B 131 18.17 49.77 18.97
CA ASN B 131 19.05 50.93 18.87
C ASN B 131 19.89 51.10 20.12
N LEU B 132 19.85 50.11 21.02
CA LEU B 132 20.67 50.17 22.23
C LEU B 132 22.14 50.01 21.91
N VAL B 133 22.45 49.20 20.89
CA VAL B 133 23.84 48.89 20.55
C VAL B 133 24.56 50.12 20.02
N ARG B 134 23.83 51.08 19.45
CA ARG B 134 24.45 52.35 19.09
C ARG B 134 24.70 53.19 20.32
N ALA B 135 23.85 53.07 21.34
CA ALA B 135 24.05 53.77 22.60
C ALA B 135 24.95 53.02 23.56
N LEU B 136 25.08 51.70 23.41
CA LEU B 136 25.95 50.95 24.31
C LEU B 136 27.39 50.98 23.81
N LEU B 137 27.60 50.88 22.50
CA LEU B 137 28.95 51.02 21.96
C LEU B 137 29.44 52.46 22.00
N ALA B 138 28.54 53.42 22.20
CA ALA B 138 28.97 54.81 22.32
C ALA B 138 29.79 55.05 23.58
N ARG B 139 29.50 54.30 24.64
CA ARG B 139 30.27 54.41 25.88
C ARG B 139 31.45 53.45 25.93
N ARG B 140 32.24 53.41 24.85
CA ARG B 140 33.53 52.71 24.77
C ARG B 140 33.42 51.22 25.10
N ALA B 141 32.37 50.59 24.57
CA ALA B 141 32.13 49.18 24.85
C ALA B 141 33.12 48.31 24.12
N SER B 142 33.32 47.09 24.61
CA SER B 142 34.28 46.19 24.01
C SER B 142 33.57 45.19 23.10
N VAL B 143 34.25 44.84 22.00
CA VAL B 143 33.67 43.96 20.99
C VAL B 143 34.41 42.62 21.10
N SER B 144 35.58 42.64 21.72
CA SER B 144 36.41 41.44 21.77
C SER B 144 36.21 40.68 23.08
N ALA B 145 34.99 40.70 23.62
CA ALA B 145 34.73 39.99 24.86
C ALA B 145 34.64 38.48 24.62
N ARG B 146 35.16 37.71 25.56
CA ARG B 146 35.24 36.26 25.45
C ARG B 146 34.02 35.66 26.13
N ALA B 147 33.07 35.19 25.33
CA ALA B 147 31.83 34.62 25.86
C ALA B 147 31.91 33.10 25.86
N THR B 148 32.62 32.56 26.83
CA THR B 148 32.60 31.12 27.06
C THR B 148 31.41 30.78 27.94
N GLY B 149 31.37 29.56 28.44
CA GLY B 149 30.29 29.10 29.28
C GLY B 149 29.82 27.74 28.85
N THR B 150 28.94 27.13 29.63
CA THR B 150 28.48 25.79 29.31
C THR B 150 27.15 25.77 28.59
N ALA B 151 26.50 26.92 28.43
CA ALA B 151 25.27 27.00 27.65
C ALA B 151 25.50 27.52 26.25
N PHE B 152 26.77 27.74 25.86
CA PHE B 152 27.09 28.23 24.54
C PHE B 152 27.90 27.26 23.70
N ARG B 153 28.40 26.17 24.27
CA ARG B 153 29.12 25.18 23.49
C ARG B 153 28.15 24.21 22.83
N ARG B 154 28.60 23.62 21.72
CA ARG B 154 27.71 22.78 20.92
C ARG B 154 27.43 21.47 21.62
N SER B 155 26.17 21.24 21.92
CA SER B 155 25.71 20.03 22.61
C SER B 155 24.22 19.90 22.39
N PRO B 156 23.67 18.69 22.45
CA PRO B 156 22.21 18.54 22.42
C PRO B 156 21.53 18.91 23.74
N CYS B 157 22.28 19.28 24.77
CA CYS B 157 21.65 19.85 25.96
C CYS B 157 21.18 21.26 25.70
N ASN B 158 21.95 22.03 24.94
CA ASN B 158 21.53 23.36 24.54
C ASN B 158 20.64 23.25 23.31
N LEU B 159 19.86 24.29 23.03
CA LEU B 159 19.09 24.34 21.82
C LEU B 159 19.66 25.31 20.81
N ILE B 160 20.84 25.86 21.07
CA ILE B 160 21.44 26.92 20.27
C ILE B 160 22.91 26.64 20.09
N TYR B 161 23.51 27.28 19.09
CA TYR B 161 24.96 27.32 18.97
C TYR B 161 25.31 28.63 18.28
N PHE B 162 25.67 29.62 19.08
CA PHE B 162 25.91 30.98 18.60
C PHE B 162 27.38 31.30 18.42
N GLY B 163 28.28 30.39 18.76
CA GLY B 163 29.69 30.74 18.70
C GLY B 163 30.10 31.51 19.95
N GLU B 164 31.05 32.42 19.79
CA GLU B 164 31.51 33.14 20.98
C GLU B 164 31.51 34.65 20.81
N HIS B 165 31.84 35.15 19.67
CA HIS B 165 32.01 36.59 19.49
C HIS B 165 30.69 37.28 19.14
N PRO B 166 30.52 38.56 19.50
CA PRO B 166 29.27 39.26 19.15
C PRO B 166 29.12 39.52 17.66
N LEU B 167 30.21 39.47 16.91
CA LEU B 167 30.11 39.41 15.46
C LEU B 167 29.35 38.17 15.03
N SER B 168 29.58 37.04 15.71
CA SER B 168 28.84 35.84 15.39
C SER B 168 27.47 35.82 16.04
N PHE B 169 27.26 36.57 17.13
CA PHE B 169 25.92 36.65 17.71
C PHE B 169 24.94 37.32 16.77
N ALA B 170 25.37 38.40 16.11
CA ALA B 170 24.52 39.00 15.09
C ALA B 170 24.42 38.10 13.87
N ALA B 171 25.45 37.29 13.62
CA ALA B 171 25.49 36.48 12.42
C ALA B 171 24.50 35.33 12.45
N CYS B 172 24.04 34.93 13.63
CA CYS B 172 23.16 33.79 13.69
C CYS B 172 21.68 34.16 13.70
N VAL B 173 21.31 35.26 14.36
CA VAL B 173 19.91 35.67 14.38
C VAL B 173 19.52 36.48 13.17
N ASN B 174 20.46 36.77 12.28
CA ASN B 174 20.27 37.48 11.00
C ASN B 174 19.69 38.88 11.23
N SER B 175 20.48 39.71 11.90
CA SER B 175 20.21 41.15 12.02
C SER B 175 21.38 41.84 11.34
N GLU B 176 21.29 41.98 10.02
CA GLU B 176 22.44 42.43 9.25
C GLU B 176 22.65 43.93 9.34
N GLU B 177 21.67 44.67 9.86
CA GLU B 177 21.86 46.10 10.12
C GLU B 177 22.83 46.30 11.28
N ILE B 178 22.86 45.35 12.23
CA ILE B 178 23.77 45.42 13.35
C ILE B 178 25.20 45.15 12.89
N VAL B 179 25.35 44.30 11.87
CA VAL B 179 26.67 43.80 11.49
C VAL B 179 27.48 44.91 10.83
N ARG B 180 26.84 45.74 10.02
CA ARG B 180 27.54 46.89 9.45
C ARG B 180 27.86 47.93 10.50
N LEU B 181 27.12 47.96 11.60
CA LEU B 181 27.38 48.92 12.66
C LEU B 181 28.40 48.37 13.66
N LEU B 182 28.48 47.05 13.79
CA LEU B 182 29.40 46.45 14.72
C LEU B 182 30.80 46.27 14.11
N ILE B 183 30.87 46.10 12.79
CA ILE B 183 32.16 45.92 12.14
C ILE B 183 32.87 47.26 11.97
N GLU B 184 32.15 48.37 12.12
CA GLU B 184 32.76 49.68 11.98
C GLU B 184 33.68 50.00 13.15
N HIS B 185 33.32 49.53 14.35
CA HIS B 185 34.03 49.89 15.57
C HIS B 185 35.12 48.88 15.95
N GLY B 186 35.67 48.16 14.97
CA GLY B 186 36.84 47.35 15.23
C GLY B 186 36.61 45.87 15.40
N ALA B 187 35.51 45.33 14.87
CA ALA B 187 35.24 43.90 14.98
C ALA B 187 36.13 43.14 14.01
N ASP B 188 36.83 42.13 14.50
CA ASP B 188 37.70 41.34 13.64
C ASP B 188 36.95 40.11 13.12
N ILE B 189 37.13 39.82 11.83
CA ILE B 189 36.43 38.69 11.22
C ILE B 189 37.05 37.38 11.64
N ARG B 190 38.35 37.21 11.41
CA ARG B 190 39.03 35.95 11.67
C ARG B 190 39.20 35.79 13.17
N ALA B 191 38.19 35.23 13.82
CA ALA B 191 38.24 35.03 15.26
C ALA B 191 37.66 33.66 15.56
N GLN B 192 38.48 32.76 16.08
CA GLN B 192 38.03 31.42 16.40
C GLN B 192 37.54 31.39 17.85
N ASP B 193 37.30 30.20 18.41
CA ASP B 193 36.77 30.13 19.76
C ASP B 193 37.44 28.96 20.50
N SER B 194 36.86 28.57 21.62
CA SER B 194 37.38 27.44 22.39
C SER B 194 37.14 26.11 21.71
N LEU B 195 36.18 26.02 20.79
CA LEU B 195 36.00 24.82 20.00
C LEU B 195 36.80 24.84 18.71
N GLY B 196 37.04 26.02 18.14
CA GLY B 196 37.98 26.20 17.05
C GLY B 196 37.38 26.80 15.79
N ASN B 197 36.06 26.71 15.63
CA ASN B 197 35.45 27.12 14.38
C ASN B 197 35.36 28.64 14.29
N THR B 198 35.17 29.14 13.07
CA THR B 198 35.16 30.56 12.76
C THR B 198 33.75 31.04 12.52
N VAL B 199 33.65 32.33 12.17
CA VAL B 199 32.37 33.01 11.98
C VAL B 199 31.68 32.43 10.76
N LEU B 200 32.48 32.03 9.76
CA LEU B 200 31.92 31.41 8.57
C LEU B 200 31.33 30.04 8.89
N HIS B 201 31.90 29.36 9.89
CA HIS B 201 31.43 28.03 10.23
C HIS B 201 30.11 28.06 10.99
N ILE B 202 29.82 29.17 11.66
CA ILE B 202 28.58 29.25 12.43
C ILE B 202 27.39 29.33 11.49
N LEU B 203 27.56 29.96 10.33
CA LEU B 203 26.47 30.08 9.36
C LEU B 203 26.13 28.75 8.71
N ILE B 204 27.04 27.79 8.74
CA ILE B 204 26.79 26.50 8.11
C ILE B 204 25.88 25.65 9.00
N LEU B 205 25.93 25.86 10.31
CA LEU B 205 25.29 24.99 11.30
C LEU B 205 23.96 25.54 11.80
N GLN B 206 23.19 26.16 10.94
CA GLN B 206 21.92 26.66 11.44
C GLN B 206 20.76 25.92 10.81
N PRO B 207 19.66 25.76 11.53
CA PRO B 207 18.49 25.12 10.92
C PRO B 207 17.76 26.05 9.96
N ASN B 208 18.01 27.36 10.09
CA ASN B 208 17.41 28.36 9.20
C ASN B 208 18.32 28.50 7.98
N LYS B 209 18.27 27.50 7.12
CA LYS B 209 19.28 27.36 6.07
C LYS B 209 19.03 28.33 4.92
N THR B 210 17.77 28.60 4.60
CA THR B 210 17.35 29.23 3.35
C THR B 210 17.89 30.65 3.17
N PHE B 211 17.60 31.54 4.12
CA PHE B 211 18.08 32.92 4.01
C PHE B 211 19.20 33.23 5.00
N ALA B 212 19.93 32.22 5.46
CA ALA B 212 21.25 32.47 6.01
C ALA B 212 22.30 32.44 4.92
N CYS B 213 21.96 31.87 3.76
CA CYS B 213 22.86 31.87 2.62
C CYS B 213 23.07 33.27 2.06
N GLN B 214 22.03 34.09 2.13
CA GLN B 214 22.15 35.47 1.68
C GLN B 214 23.00 36.31 2.61
N MET B 215 23.24 35.83 3.82
CA MET B 215 24.12 36.55 4.73
C MET B 215 25.57 36.12 4.53
N TYR B 216 25.78 34.93 3.96
CA TYR B 216 27.13 34.44 3.71
C TYR B 216 27.85 35.28 2.67
N ASN B 217 27.09 35.97 1.81
CA ASN B 217 27.71 36.86 0.84
C ASN B 217 28.27 38.10 1.51
N LEU B 218 27.68 38.52 2.64
CA LEU B 218 28.14 39.73 3.30
C LEU B 218 29.43 39.51 4.07
N LEU B 219 29.51 38.40 4.82
CA LEU B 219 30.68 38.17 5.68
C LEU B 219 31.94 37.92 4.88
N LEU B 220 31.82 37.38 3.66
CA LEU B 220 32.98 37.25 2.82
C LEU B 220 33.33 38.57 2.15
N SER B 221 32.35 39.45 1.95
CA SER B 221 32.59 40.71 1.23
C SER B 221 33.34 41.73 2.07
N TYR B 222 33.33 41.62 3.39
CA TYR B 222 34.09 42.53 4.24
C TYR B 222 35.47 41.92 4.53
N ASP B 223 36.17 41.59 3.45
CA ASP B 223 37.53 41.07 3.50
C ASP B 223 38.34 41.94 2.55
N ARG B 224 38.90 43.03 3.09
CA ARG B 224 39.60 44.02 2.27
C ARG B 224 40.90 43.46 1.72
N HIS B 225 41.72 42.83 2.58
CA HIS B 225 42.99 42.27 2.16
C HIS B 225 43.10 40.84 2.69
N GLY B 226 43.86 40.03 1.97
CA GLY B 226 44.03 38.62 2.32
C GLY B 226 45.09 38.34 3.35
N ASP B 227 45.75 39.38 3.87
CA ASP B 227 46.70 39.31 4.98
C ASP B 227 47.93 38.48 4.61
N HIS B 228 48.20 38.38 3.30
CA HIS B 228 49.27 37.58 2.70
C HIS B 228 49.27 36.12 3.13
N LEU B 229 48.10 35.60 3.49
CA LEU B 229 47.90 34.23 3.93
C LEU B 229 46.61 33.74 3.29
N GLN B 230 46.02 32.70 3.89
CA GLN B 230 44.83 32.08 3.34
C GLN B 230 43.66 33.07 3.35
N PRO B 231 42.85 33.12 2.29
CA PRO B 231 41.88 34.21 2.12
C PRO B 231 40.53 33.94 2.77
N LEU B 232 40.57 33.57 4.06
CA LEU B 232 39.42 33.58 4.97
C LEU B 232 38.35 32.53 4.64
N ASP B 233 38.56 31.76 3.59
CA ASP B 233 37.65 30.70 3.19
C ASP B 233 38.32 29.34 3.30
N LEU B 234 39.59 29.30 3.71
CA LEU B 234 40.30 28.05 3.87
C LEU B 234 40.86 27.86 5.28
N VAL B 235 40.27 28.50 6.28
CA VAL B 235 40.85 28.41 7.62
C VAL B 235 40.44 27.09 8.26
N PRO B 236 41.36 26.37 8.91
CA PRO B 236 40.99 25.14 9.60
C PRO B 236 40.67 25.41 11.06
N ASN B 237 39.84 24.55 11.65
CA ASN B 237 39.57 24.58 13.07
C ASN B 237 40.51 23.61 13.79
N HIS B 238 40.30 23.40 15.09
CA HIS B 238 41.08 22.39 15.80
C HIS B 238 40.68 20.98 15.40
N GLN B 239 39.45 20.80 14.91
CA GLN B 239 39.00 19.51 14.42
C GLN B 239 39.40 19.30 12.97
N GLY B 240 39.94 20.33 12.33
CA GLY B 240 40.62 20.19 11.05
C GLY B 240 39.74 20.17 9.82
N LEU B 241 38.86 21.16 9.67
CA LEU B 241 38.00 21.23 8.48
C LEU B 241 37.97 22.65 7.95
N THR B 242 37.76 22.75 6.65
CA THR B 242 37.45 23.98 5.95
C THR B 242 35.95 24.24 6.05
N PRO B 243 35.47 25.47 5.76
CA PRO B 243 34.01 25.66 5.72
C PRO B 243 33.32 24.91 4.61
N PHE B 244 34.02 24.65 3.50
CA PHE B 244 33.42 23.87 2.42
C PHE B 244 33.23 22.41 2.82
N LYS B 245 34.21 21.82 3.49
CA LYS B 245 34.07 20.45 3.95
C LYS B 245 33.04 20.33 5.07
N LEU B 246 32.88 21.38 5.87
CA LEU B 246 31.95 21.32 6.99
C LEU B 246 30.51 21.32 6.51
N ALA B 247 30.26 21.89 5.33
CA ALA B 247 28.97 21.70 4.68
C ALA B 247 28.77 20.25 4.28
N GLY B 248 29.85 19.53 4.01
CA GLY B 248 29.72 18.14 3.61
C GLY B 248 29.38 17.19 4.75
N VAL B 249 29.90 17.44 5.94
CA VAL B 249 29.71 16.50 7.03
C VAL B 249 28.33 16.64 7.65
N GLU B 250 27.85 17.87 7.84
CA GLU B 250 26.57 18.08 8.48
C GLU B 250 25.40 18.02 7.53
N GLY B 251 25.63 17.80 6.25
CA GLY B 251 24.54 17.63 5.30
C GLY B 251 23.83 18.90 4.91
N ASN B 252 24.48 20.05 5.02
CA ASN B 252 23.86 21.32 4.69
C ASN B 252 23.77 21.46 3.18
N THR B 253 22.65 21.01 2.60
CA THR B 253 22.53 20.82 1.17
C THR B 253 22.49 22.15 0.43
N VAL B 254 21.64 23.08 0.88
CA VAL B 254 21.40 24.32 0.15
C VAL B 254 22.63 25.21 0.22
N MET B 255 23.34 25.18 1.34
CA MET B 255 24.58 25.93 1.44
C MET B 255 25.70 25.30 0.61
N PHE B 256 25.63 23.99 0.36
CA PHE B 256 26.65 23.35 -0.46
C PHE B 256 26.57 23.80 -1.91
N GLN B 257 25.40 24.22 -2.36
CA GLN B 257 25.27 24.71 -3.73
C GLN B 257 25.94 26.06 -3.91
N HIS B 258 25.74 26.98 -2.97
CA HIS B 258 26.30 28.31 -3.12
C HIS B 258 27.81 28.31 -2.89
N LEU B 259 28.33 27.33 -2.15
CA LEU B 259 29.77 27.22 -2.00
C LEU B 259 30.42 26.71 -3.28
N MET B 260 29.66 26.00 -4.11
CA MET B 260 30.19 25.42 -5.33
C MET B 260 30.35 26.50 -6.39
N GLN B 261 29.61 27.60 -6.22
CA GLN B 261 29.52 28.64 -7.23
C GLN B 261 30.83 29.40 -7.39
N LYS B 262 31.69 29.39 -6.38
CA LYS B 262 33.00 30.03 -6.52
C LYS B 262 34.00 29.09 -7.19
N ARG B 263 33.74 27.78 -7.14
CA ARG B 263 34.73 26.83 -7.65
C ARG B 263 34.63 26.60 -9.15
N LYS B 264 33.43 26.41 -9.69
CA LYS B 264 33.27 26.14 -11.10
C LYS B 264 33.32 27.42 -11.91
N HIS B 265 33.63 27.31 -13.20
CA HIS B 265 33.54 28.43 -14.12
C HIS B 265 33.21 27.88 -15.50
N THR B 266 32.22 28.49 -16.15
CA THR B 266 31.74 27.99 -17.43
C THR B 266 32.78 28.22 -18.51
N GLN B 267 32.71 27.40 -19.56
CA GLN B 267 33.75 27.37 -20.58
C GLN B 267 33.22 27.82 -21.94
N TRP B 268 32.16 27.22 -22.44
CA TRP B 268 31.55 27.64 -23.69
C TRP B 268 30.10 27.19 -23.74
N THR B 269 29.20 28.15 -23.92
CA THR B 269 27.77 27.89 -24.05
C THR B 269 27.39 27.84 -25.52
N TYR B 270 26.57 26.86 -25.88
CA TYR B 270 26.24 26.58 -27.28
C TYR B 270 24.76 26.20 -27.34
N GLY B 271 23.91 27.21 -27.51
CA GLY B 271 22.48 27.02 -27.51
C GLY B 271 21.97 26.46 -26.20
N PRO B 272 21.21 25.37 -26.26
CA PRO B 272 20.80 24.71 -25.03
C PRO B 272 21.87 23.80 -24.47
N LEU B 273 22.98 23.62 -25.18
CA LEU B 273 24.07 22.80 -24.67
C LEU B 273 25.13 23.68 -24.05
N THR B 274 25.45 23.42 -22.79
CA THR B 274 26.48 24.17 -22.09
C THR B 274 27.49 23.19 -21.51
N SER B 275 28.66 23.70 -21.14
CA SER B 275 29.76 22.82 -20.74
C SER B 275 30.64 23.54 -19.72
N THR B 276 30.66 23.02 -18.50
CA THR B 276 31.38 23.62 -17.40
C THR B 276 32.67 22.85 -17.13
N LEU B 277 33.38 23.25 -16.07
CA LEU B 277 34.66 22.65 -15.70
C LEU B 277 34.82 22.79 -14.19
N TYR B 278 34.52 21.71 -13.46
CA TYR B 278 34.56 21.78 -12.00
C TYR B 278 36.00 21.77 -11.52
N ASP B 279 36.20 22.31 -10.31
CA ASP B 279 37.55 22.53 -9.83
C ASP B 279 38.18 21.24 -9.35
N LEU B 280 37.58 20.64 -8.32
CA LEU B 280 37.95 19.32 -7.78
C LEU B 280 39.41 19.32 -7.29
N THR B 281 39.66 20.13 -6.27
CA THR B 281 40.89 20.00 -5.50
C THR B 281 40.62 19.59 -4.07
N GLU B 282 39.36 19.45 -3.69
CA GLU B 282 38.99 19.21 -2.32
C GLU B 282 37.94 18.11 -2.19
N ILE B 283 37.32 17.68 -3.28
CA ILE B 283 36.30 16.65 -3.22
C ILE B 283 36.86 15.32 -3.72
N ASP B 284 38.18 15.17 -3.65
CA ASP B 284 38.80 13.94 -4.12
C ASP B 284 39.89 13.46 -3.16
N SER B 285 40.08 12.14 -3.08
CA SER B 285 40.99 11.56 -2.10
C SER B 285 42.47 11.69 -2.46
N SER B 286 42.79 12.42 -3.52
CA SER B 286 44.18 12.65 -3.88
C SER B 286 44.83 13.57 -2.85
N GLY B 287 45.64 12.99 -1.96
CA GLY B 287 46.31 13.75 -0.94
C GLY B 287 47.13 12.89 -0.01
N ASP B 288 47.22 13.29 1.25
CA ASP B 288 47.98 12.56 2.26
C ASP B 288 47.10 12.38 3.49
N GLU B 289 45.95 13.05 3.47
CA GLU B 289 45.06 13.12 4.63
C GLU B 289 43.60 13.03 4.17
N GLN B 290 42.69 13.42 5.04
CA GLN B 290 41.25 13.38 4.82
C GLN B 290 40.82 14.14 3.57
N SER B 291 39.74 13.66 2.96
CA SER B 291 39.08 14.34 1.84
C SER B 291 37.60 14.45 2.11
N LEU B 292 36.82 14.87 1.12
CA LEU B 292 35.38 14.96 1.30
C LEU B 292 34.73 13.58 1.25
N LEU B 293 35.11 12.75 0.28
CA LEU B 293 34.53 11.41 0.18
C LEU B 293 34.95 10.49 1.33
N GLU B 294 35.99 10.84 2.06
CA GLU B 294 36.33 10.07 3.25
C GLU B 294 35.34 10.33 4.38
N LEU B 295 34.90 11.59 4.53
CA LEU B 295 34.14 11.95 5.72
C LEU B 295 32.64 11.75 5.55
N ILE B 296 32.14 11.71 4.32
CA ILE B 296 30.70 11.49 4.13
C ILE B 296 30.33 10.07 4.48
N ILE B 297 31.22 9.12 4.22
CA ILE B 297 30.97 7.73 4.60
C ILE B 297 31.13 7.55 6.11
N THR B 298 32.10 8.25 6.70
CA THR B 298 32.46 8.03 8.10
C THR B 298 31.38 8.55 9.04
N THR B 299 30.77 9.68 8.70
CA THR B 299 29.64 10.16 9.50
C THR B 299 28.42 9.29 9.23
N LYS B 300 27.46 9.35 10.16
CA LYS B 300 26.25 8.54 10.07
C LYS B 300 24.99 9.39 10.03
N LYS B 301 25.13 10.70 9.82
CA LYS B 301 23.99 11.59 9.69
C LYS B 301 23.18 11.27 8.45
N ARG B 302 21.86 11.18 8.60
CA ARG B 302 20.98 10.74 7.53
C ARG B 302 20.91 11.78 6.42
N GLU B 303 21.02 13.06 6.78
CA GLU B 303 21.01 14.12 5.79
C GLU B 303 22.33 14.22 5.03
N ALA B 304 23.42 13.76 5.63
CA ALA B 304 24.74 13.91 5.04
C ALA B 304 24.94 13.08 3.79
N ARG B 305 24.20 11.99 3.64
CA ARG B 305 24.35 11.15 2.47
C ARG B 305 23.43 11.55 1.33
N GLN B 306 23.02 12.82 1.26
CA GLN B 306 22.34 13.33 0.09
C GLN B 306 23.23 14.24 -0.75
N ILE B 307 24.48 14.42 -0.36
CA ILE B 307 25.40 15.21 -1.18
C ILE B 307 25.96 14.35 -2.30
N LEU B 308 25.80 13.03 -2.20
CA LEU B 308 26.12 12.08 -3.25
C LEU B 308 25.13 12.07 -4.41
N ASP B 309 24.20 13.02 -4.48
CA ASP B 309 23.29 13.14 -5.60
C ASP B 309 23.49 14.44 -6.38
N GLN B 310 24.27 15.38 -5.86
CA GLN B 310 24.50 16.65 -6.53
C GLN B 310 25.53 16.47 -7.64
N THR B 311 25.55 17.43 -8.57
CA THR B 311 26.30 17.28 -9.82
C THR B 311 27.82 17.15 -9.78
N PRO B 312 28.59 17.68 -8.83
CA PRO B 312 30.03 17.36 -8.85
C PRO B 312 30.39 16.03 -8.23
N VAL B 313 29.64 15.56 -7.23
CA VAL B 313 30.05 14.36 -6.53
C VAL B 313 29.56 13.10 -7.26
N LYS B 314 28.38 13.14 -7.86
CA LYS B 314 27.85 11.97 -8.56
C LYS B 314 28.65 11.66 -9.81
N GLU B 315 29.09 12.69 -10.53
CA GLU B 315 29.88 12.47 -11.73
C GLU B 315 31.26 11.94 -11.39
N LEU B 316 31.80 12.30 -10.22
CA LEU B 316 33.12 11.81 -9.84
C LEU B 316 33.06 10.35 -9.41
N VAL B 317 32.01 9.97 -8.69
CA VAL B 317 31.96 8.60 -8.18
C VAL B 317 31.53 7.62 -9.26
N SER B 318 30.74 8.06 -10.24
CA SER B 318 30.35 7.14 -11.30
C SER B 318 31.42 6.98 -12.36
N LEU B 319 32.27 8.00 -12.57
CA LEU B 319 33.39 7.85 -13.48
C LEU B 319 34.47 6.97 -12.85
N LYS B 320 34.60 7.01 -11.52
CA LYS B 320 35.51 6.12 -10.83
C LYS B 320 34.89 4.77 -10.50
N TRP B 321 33.80 4.38 -11.13
CA TRP B 321 33.26 3.06 -10.90
C TRP B 321 32.86 2.30 -12.17
N LYS B 322 32.48 2.97 -13.25
CA LYS B 322 32.28 2.25 -14.50
C LYS B 322 33.60 1.82 -15.09
N ARG B 323 34.65 2.60 -14.88
CA ARG B 323 36.02 2.19 -15.14
C ARG B 323 36.82 2.38 -13.86
N TYR B 324 37.98 1.72 -13.83
CA TYR B 324 39.03 1.81 -12.81
C TYR B 324 38.66 1.21 -11.46
N GLY B 325 37.39 0.85 -11.26
CA GLY B 325 37.00 0.30 -9.98
C GLY B 325 36.31 -1.05 -10.04
N ARG B 326 35.59 -1.31 -11.12
CA ARG B 326 34.77 -2.51 -11.19
C ARG B 326 35.54 -3.75 -11.63
N PRO B 327 36.42 -3.74 -12.65
CA PRO B 327 37.25 -4.92 -12.87
C PRO B 327 38.31 -5.14 -11.79
N TYR B 328 38.65 -4.13 -11.00
CA TYR B 328 39.49 -4.39 -9.84
C TYR B 328 38.66 -4.91 -8.68
N PHE B 329 37.33 -4.79 -8.77
CA PHE B 329 36.48 -5.34 -7.73
C PHE B 329 36.10 -6.78 -8.02
N CYS B 330 36.03 -7.15 -9.29
CA CYS B 330 35.77 -8.54 -9.63
C CYS B 330 37.05 -9.34 -9.84
N MET B 331 38.21 -8.69 -9.95
CA MET B 331 39.44 -9.45 -9.83
C MET B 331 39.61 -9.97 -8.41
N LEU B 332 39.30 -9.15 -7.41
CA LEU B 332 39.18 -9.63 -6.05
C LEU B 332 37.95 -10.50 -5.82
N GLY B 333 37.01 -10.51 -6.77
CA GLY B 333 35.88 -11.40 -6.69
C GLY B 333 36.31 -12.84 -6.95
N ALA B 334 36.93 -13.07 -8.10
CA ALA B 334 37.27 -14.44 -8.49
C ALA B 334 38.43 -15.03 -7.69
N ILE B 335 39.30 -14.19 -7.14
CA ILE B 335 40.37 -14.72 -6.30
C ILE B 335 39.80 -15.26 -5.00
N TYR B 336 38.79 -14.59 -4.46
CA TYR B 336 38.19 -15.05 -3.21
C TYR B 336 37.34 -16.29 -3.39
N LEU B 337 36.69 -16.45 -4.55
CA LEU B 337 35.85 -17.62 -4.75
C LEU B 337 36.71 -18.85 -5.03
N LEU B 338 37.89 -18.65 -5.61
CA LEU B 338 38.85 -19.75 -5.75
C LEU B 338 39.70 -19.94 -4.50
N TYR B 339 39.35 -19.29 -3.39
CA TYR B 339 39.99 -19.58 -2.12
C TYR B 339 39.19 -20.60 -1.32
N ILE B 340 37.88 -20.42 -1.26
CA ILE B 340 37.06 -21.28 -0.41
C ILE B 340 36.78 -22.62 -1.10
N ILE B 341 36.75 -22.63 -2.43
CA ILE B 341 36.61 -23.90 -3.13
C ILE B 341 37.88 -24.74 -2.99
N CYS B 342 39.04 -24.08 -2.92
CA CYS B 342 40.25 -24.80 -2.53
C CYS B 342 40.36 -25.00 -1.03
N PHE B 343 39.34 -24.64 -0.27
CA PHE B 343 39.25 -24.91 1.16
C PHE B 343 38.20 -25.96 1.50
N THR B 344 37.04 -25.91 0.84
CA THR B 344 36.03 -26.96 1.03
C THR B 344 36.52 -28.31 0.52
N MET B 345 37.21 -28.31 -0.62
CA MET B 345 37.90 -29.50 -1.09
C MET B 345 38.99 -29.94 -0.11
N CYS B 346 39.60 -29.01 0.62
CA CYS B 346 40.50 -29.40 1.69
C CYS B 346 39.74 -29.87 2.92
N CYS B 347 38.46 -29.50 3.06
CA CYS B 347 37.72 -29.88 4.26
C CYS B 347 37.17 -31.30 4.16
N ILE B 348 36.54 -31.66 3.04
CA ILE B 348 35.82 -32.93 2.98
C ILE B 348 36.73 -34.13 2.89
N TYR B 349 38.02 -33.95 2.67
CA TYR B 349 38.96 -35.07 2.70
C TYR B 349 39.74 -35.09 4.01
N ARG B 350 39.04 -35.25 5.12
CA ARG B 350 39.77 -35.34 6.37
C ARG B 350 40.40 -36.72 6.53
N PRO B 351 41.57 -36.81 7.17
CA PRO B 351 42.20 -38.13 7.37
C PRO B 351 41.45 -38.94 8.43
N LEU B 352 40.95 -40.10 8.02
CA LEU B 352 40.09 -40.93 8.87
C LEU B 352 40.59 -42.36 8.85
N LYS B 353 39.99 -43.18 9.74
CA LYS B 353 40.31 -44.60 9.89
C LYS B 353 39.10 -45.27 10.56
N PRO B 354 39.06 -46.59 10.72
CA PRO B 354 38.01 -47.16 11.58
C PRO B 354 38.35 -47.00 13.04
N ARG B 355 37.34 -47.15 13.91
CA ARG B 355 37.44 -46.77 15.32
C ARG B 355 38.00 -47.93 16.13
N THR B 356 39.33 -47.98 16.22
CA THR B 356 40.00 -49.06 16.93
C THR B 356 40.35 -48.62 18.35
N ASN B 357 40.55 -49.63 19.22
CA ASN B 357 41.05 -49.49 20.59
C ASN B 357 40.06 -48.73 21.50
N ASN B 358 38.87 -48.43 20.99
CA ASN B 358 37.85 -47.72 21.73
C ASN B 358 36.50 -48.34 21.37
N ARG B 359 36.42 -49.68 21.44
CA ARG B 359 35.21 -50.43 21.05
C ARG B 359 33.99 -49.97 21.84
N THR B 360 32.84 -50.02 21.18
CA THR B 360 31.64 -49.32 21.61
C THR B 360 31.09 -49.82 22.94
N SER B 361 31.27 -49.02 24.00
CA SER B 361 30.82 -49.41 25.33
C SER B 361 29.32 -49.17 25.56
N PRO B 362 28.74 -47.94 25.32
CA PRO B 362 27.28 -47.84 25.50
C PRO B 362 26.55 -48.49 24.34
N ARG B 363 25.41 -49.11 24.60
CA ARG B 363 24.70 -49.79 23.53
C ARG B 363 23.62 -48.89 22.93
N ASP B 364 23.67 -48.72 21.62
CA ASP B 364 22.71 -48.03 20.76
C ASP B 364 22.51 -46.57 21.17
N ASN B 365 23.49 -45.95 21.81
CA ASN B 365 23.41 -44.55 22.15
C ASN B 365 24.69 -43.79 21.84
N THR B 366 25.65 -44.41 21.17
CA THR B 366 26.76 -43.68 20.57
C THR B 366 26.95 -44.26 19.17
N LEU B 367 27.20 -43.37 18.21
CA LEU B 367 27.24 -43.84 16.84
C LEU B 367 28.42 -43.17 16.14
N LEU B 368 29.59 -43.22 16.77
CA LEU B 368 30.84 -42.79 16.17
C LEU B 368 31.59 -44.01 15.66
N GLN B 369 32.21 -43.89 14.49
CA GLN B 369 33.06 -44.98 14.03
C GLN B 369 34.27 -44.48 13.23
N GLN B 370 34.75 -43.27 13.51
CA GLN B 370 35.89 -42.77 12.73
C GLN B 370 37.14 -42.48 13.55
N LYS B 371 37.11 -41.55 14.53
CA LYS B 371 38.23 -41.22 15.42
C LYS B 371 39.48 -40.79 14.64
N LEU B 372 39.46 -39.57 14.08
CA LEU B 372 40.41 -39.05 13.09
C LEU B 372 41.91 -39.24 13.38
N LEU B 373 42.71 -39.28 12.31
CA LEU B 373 44.15 -39.49 12.34
C LEU B 373 44.88 -38.28 12.91
N GLN B 374 46.17 -38.47 13.21
CA GLN B 374 46.97 -37.37 13.74
C GLN B 374 48.35 -37.24 13.11
N GLU B 375 48.93 -38.34 12.62
CA GLU B 375 50.30 -38.35 12.10
C GLU B 375 50.32 -39.13 10.78
N ALA B 376 49.41 -38.78 9.88
CA ALA B 376 49.25 -39.50 8.62
C ALA B 376 49.32 -38.55 7.43
N TYR B 377 50.32 -37.67 7.41
CA TYR B 377 50.70 -36.94 6.20
C TYR B 377 51.87 -37.61 5.50
N MET B 378 52.04 -38.94 5.68
CA MET B 378 53.06 -39.70 4.99
C MET B 378 52.35 -40.85 4.27
N THR B 379 51.86 -40.55 3.08
CA THR B 379 51.03 -41.42 2.26
C THR B 379 51.08 -40.90 0.83
N PRO B 380 51.27 -41.74 -0.19
CA PRO B 380 51.41 -41.23 -1.55
C PRO B 380 50.09 -40.92 -2.25
N LYS B 381 49.17 -40.27 -1.55
CA LYS B 381 48.05 -39.57 -2.18
C LYS B 381 47.95 -38.22 -1.51
N ASP B 382 48.43 -38.15 -0.28
CA ASP B 382 48.10 -37.07 0.64
C ASP B 382 48.99 -35.85 0.40
N ASP B 383 49.91 -35.94 -0.56
CA ASP B 383 50.80 -34.83 -0.83
C ASP B 383 50.07 -33.67 -1.49
N ILE B 384 48.93 -33.93 -2.13
CA ILE B 384 48.18 -32.82 -2.72
C ILE B 384 47.42 -32.07 -1.65
N ARG B 385 46.98 -32.77 -0.59
CA ARG B 385 46.25 -32.09 0.47
C ARG B 385 47.17 -31.31 1.38
N LEU B 386 48.47 -31.65 1.40
CA LEU B 386 49.44 -30.82 2.11
C LEU B 386 49.56 -29.45 1.44
N VAL B 387 49.41 -29.40 0.12
CA VAL B 387 49.25 -28.13 -0.57
C VAL B 387 47.91 -27.49 -0.19
N GLY B 388 46.90 -28.32 0.10
CA GLY B 388 45.58 -27.80 0.39
C GLY B 388 45.49 -27.00 1.67
N GLU B 389 46.15 -27.46 2.74
CA GLU B 389 46.22 -26.63 3.94
C GLU B 389 47.19 -25.47 3.77
N LEU B 390 48.27 -25.68 3.00
CA LEU B 390 49.31 -24.65 2.88
C LEU B 390 48.81 -23.45 2.08
N VAL B 391 47.84 -23.65 1.20
CA VAL B 391 47.25 -22.51 0.49
C VAL B 391 46.35 -21.74 1.44
N THR B 392 45.44 -22.43 2.13
CA THR B 392 44.43 -21.74 2.91
C THR B 392 44.98 -21.17 4.21
N VAL B 393 46.16 -21.61 4.66
CA VAL B 393 46.67 -21.04 5.89
C VAL B 393 47.61 -19.87 5.59
N ILE B 394 48.09 -19.74 4.36
CA ILE B 394 48.82 -18.53 3.98
C ILE B 394 47.85 -17.37 3.83
N GLY B 395 46.67 -17.62 3.27
CA GLY B 395 45.67 -16.58 3.14
C GLY B 395 45.13 -16.09 4.46
N ALA B 396 45.05 -16.98 5.45
CA ALA B 396 44.58 -16.56 6.77
C ALA B 396 45.60 -15.66 7.46
N ILE B 397 46.88 -15.78 7.11
CA ILE B 397 47.85 -14.81 7.57
C ILE B 397 47.64 -13.48 6.87
N ILE B 398 47.28 -13.52 5.58
CA ILE B 398 47.11 -12.29 4.80
C ILE B 398 45.84 -11.55 5.19
N ILE B 399 44.81 -12.27 5.64
CA ILE B 399 43.59 -11.63 6.14
C ILE B 399 43.88 -10.86 7.42
N LEU B 400 44.61 -11.45 8.36
CA LEU B 400 44.90 -10.75 9.59
C LEU B 400 45.98 -9.69 9.43
N LEU B 401 46.75 -9.74 8.33
CA LEU B 401 47.71 -8.68 8.09
C LEU B 401 47.20 -7.64 7.11
N VAL B 402 45.89 -7.55 6.90
CA VAL B 402 45.30 -6.51 6.07
C VAL B 402 44.12 -5.83 6.75
N GLU B 403 43.64 -6.38 7.87
CA GLU B 403 42.55 -5.78 8.63
C GLU B 403 42.92 -5.39 10.04
N VAL B 404 43.68 -6.24 10.75
CA VAL B 404 44.12 -5.89 12.11
C VAL B 404 45.01 -4.64 12.16
N PRO B 405 45.88 -4.36 11.14
CA PRO B 405 46.49 -3.01 11.12
C PRO B 405 45.59 -1.87 10.68
N ASP B 406 44.27 -2.08 10.63
CA ASP B 406 43.37 -0.94 10.50
C ASP B 406 42.63 -0.63 11.79
N ILE B 407 43.04 -1.18 12.94
CA ILE B 407 42.49 -0.76 14.22
C ILE B 407 43.60 -0.49 15.22
N PHE B 408 44.83 -0.37 14.74
CA PHE B 408 45.89 0.19 15.57
C PHE B 408 46.24 1.58 15.05
N ARG B 409 46.09 1.79 13.74
CA ARG B 409 46.21 3.12 13.17
C ARG B 409 44.93 3.90 13.34
N MET B 410 43.78 3.24 13.26
CA MET B 410 42.48 3.82 13.48
C MET B 410 42.01 3.40 14.88
N GLY B 411 40.89 3.95 15.35
CA GLY B 411 40.38 3.62 16.67
C GLY B 411 39.75 2.24 16.74
N VAL B 412 39.66 1.73 17.96
CA VAL B 412 39.16 0.38 18.21
C VAL B 412 37.65 0.33 18.25
N THR B 413 36.98 1.46 18.04
CA THR B 413 35.52 1.50 17.95
C THR B 413 35.00 1.73 16.55
N ARG B 414 35.86 1.72 15.53
CA ARG B 414 35.38 1.99 14.18
C ARG B 414 34.78 0.73 13.55
N PHE B 415 35.12 -0.44 14.07
CA PHE B 415 34.41 -1.65 13.67
C PHE B 415 32.97 -1.62 14.19
N PHE B 416 32.76 -1.01 15.36
CA PHE B 416 31.43 -0.64 15.81
C PHE B 416 31.05 0.78 15.38
N GLY B 417 31.75 1.34 14.39
CA GLY B 417 31.49 2.69 13.94
C GLY B 417 31.04 2.81 12.49
N GLN B 418 31.51 1.92 11.62
CA GLN B 418 31.05 1.83 10.24
C GLN B 418 30.03 0.71 10.05
N THR B 419 29.39 0.26 11.12
CA THR B 419 28.60 -0.96 11.11
C THR B 419 27.33 -0.83 10.27
N ILE B 420 26.84 0.38 10.08
CA ILE B 420 25.62 0.57 9.30
C ILE B 420 25.91 0.39 7.81
N LEU B 421 26.98 1.00 7.31
CA LEU B 421 27.23 1.00 5.88
C LEU B 421 27.90 -0.28 5.37
N GLY B 422 29.15 -0.49 5.77
CA GLY B 422 29.95 -1.60 5.26
C GLY B 422 30.64 -2.36 6.38
N GLY B 423 29.94 -2.51 7.49
CA GLY B 423 30.55 -2.89 8.74
C GLY B 423 30.59 -4.35 9.21
N PRO B 424 29.46 -5.08 9.22
CA PRO B 424 29.49 -6.41 9.85
C PRO B 424 30.28 -7.44 9.06
N PHE B 425 30.66 -7.16 7.82
CA PHE B 425 31.56 -8.06 7.12
C PHE B 425 32.99 -7.94 7.62
N HIS B 426 33.40 -6.77 8.10
CA HIS B 426 34.73 -6.65 8.69
C HIS B 426 34.81 -7.35 10.04
N VAL B 427 33.68 -7.50 10.73
CA VAL B 427 33.66 -8.40 11.87
C VAL B 427 33.75 -9.83 11.41
N LEU B 428 33.12 -10.15 10.29
CA LEU B 428 32.92 -11.54 9.90
C LEU B 428 34.18 -12.15 9.30
N ILE B 429 34.96 -11.35 8.55
CA ILE B 429 36.21 -11.85 7.97
C ILE B 429 37.31 -12.02 9.02
N ILE B 430 37.30 -11.23 10.10
CA ILE B 430 38.23 -11.45 11.19
C ILE B 430 37.94 -12.78 11.88
N THR B 431 36.66 -13.07 12.11
CA THR B 431 36.30 -14.29 12.81
C THR B 431 36.54 -15.53 11.95
N TYR B 432 36.51 -15.38 10.62
CA TYR B 432 36.84 -16.49 9.74
C TYR B 432 38.29 -16.90 9.89
N ALA B 433 39.21 -15.94 9.77
CA ALA B 433 40.63 -16.26 9.82
C ALA B 433 41.07 -16.67 11.22
N PHE B 434 40.32 -16.27 12.25
CA PHE B 434 40.67 -16.70 13.60
C PHE B 434 40.24 -18.15 13.82
N MET B 435 39.21 -18.61 13.11
CA MET B 435 38.80 -20.01 13.24
C MET B 435 39.69 -20.95 12.45
N VAL B 436 40.20 -20.51 11.30
CA VAL B 436 41.08 -21.38 10.50
C VAL B 436 42.44 -21.49 11.16
N LEU B 437 42.87 -20.46 11.90
CA LEU B 437 44.10 -20.61 12.66
C LEU B 437 43.94 -21.51 13.87
N VAL B 438 42.71 -21.73 14.36
CA VAL B 438 42.52 -22.66 15.46
C VAL B 438 42.75 -24.09 15.00
N THR B 439 42.20 -24.45 13.83
CA THR B 439 42.32 -25.83 13.35
C THR B 439 43.74 -26.17 12.90
N MET B 440 44.60 -25.18 12.70
CA MET B 440 46.02 -25.49 12.56
C MET B 440 46.64 -25.84 13.91
N VAL B 441 46.22 -25.14 14.97
CA VAL B 441 46.79 -25.38 16.29
C VAL B 441 46.39 -26.75 16.82
N MET B 442 45.13 -27.15 16.59
CA MET B 442 44.67 -28.43 17.12
C MET B 442 45.23 -29.61 16.35
N ARG B 443 45.38 -29.49 15.04
CA ARG B 443 45.89 -30.60 14.25
C ARG B 443 47.39 -30.78 14.40
N LEU B 444 48.12 -29.69 14.64
CA LEU B 444 49.55 -29.82 14.90
C LEU B 444 49.81 -30.40 16.28
N ILE B 445 48.96 -30.07 17.26
CA ILE B 445 49.11 -30.63 18.61
C ILE B 445 48.41 -31.97 18.73
N SER B 446 47.74 -32.43 17.66
CA SER B 446 47.01 -33.70 17.59
C SER B 446 45.89 -33.76 18.61
N ALA B 447 44.94 -32.84 18.48
CA ALA B 447 43.80 -32.79 19.38
C ALA B 447 42.74 -33.79 18.92
N SER B 448 41.72 -33.96 19.76
CA SER B 448 40.65 -34.91 19.46
C SER B 448 39.43 -34.19 18.91
N GLY B 449 38.91 -33.22 19.66
CA GLY B 449 37.77 -32.45 19.18
C GLY B 449 38.21 -31.52 18.07
N GLU B 450 37.77 -31.80 16.84
CA GLU B 450 38.36 -31.14 15.69
C GLU B 450 37.34 -30.46 14.80
N VAL B 451 36.13 -30.99 14.68
CA VAL B 451 35.17 -30.41 13.75
C VAL B 451 34.41 -29.24 14.35
N VAL B 452 34.65 -28.91 15.61
CA VAL B 452 33.92 -27.83 16.28
C VAL B 452 34.32 -26.47 15.75
N PRO B 453 35.61 -26.11 15.55
CA PRO B 453 35.88 -24.84 14.87
C PRO B 453 35.88 -24.96 13.36
N MET B 454 36.02 -26.16 12.82
CA MET B 454 36.13 -26.29 11.37
C MET B 454 34.77 -26.17 10.71
N SER B 455 33.70 -26.42 11.46
CA SER B 455 32.36 -26.20 10.92
C SER B 455 31.97 -24.73 11.02
N PHE B 456 32.53 -24.01 11.99
CA PHE B 456 32.36 -22.56 12.00
C PHE B 456 33.19 -21.91 10.91
N ALA B 457 34.28 -22.56 10.50
CA ALA B 457 35.14 -22.02 9.47
C ALA B 457 34.65 -22.31 8.07
N LEU B 458 33.43 -22.80 7.92
CA LEU B 458 32.90 -23.12 6.61
C LEU B 458 31.53 -22.51 6.38
N VAL B 459 30.79 -22.17 7.44
CA VAL B 459 29.68 -21.25 7.28
C VAL B 459 30.19 -19.83 7.10
N LEU B 460 31.12 -19.38 7.96
CA LEU B 460 31.65 -18.03 7.88
C LEU B 460 32.55 -17.82 6.67
N GLY B 461 32.99 -18.87 6.00
CA GLY B 461 33.58 -18.69 4.68
C GLY B 461 32.54 -18.40 3.63
N TRP B 462 31.62 -19.34 3.42
CA TRP B 462 30.65 -19.23 2.33
C TRP B 462 29.62 -18.14 2.56
N CYS B 463 29.41 -17.73 3.80
CA CYS B 463 28.52 -16.60 4.00
C CYS B 463 29.27 -15.28 3.94
N ASN B 464 30.57 -15.32 3.67
CA ASN B 464 31.31 -14.07 3.53
C ASN B 464 31.61 -13.77 2.07
N VAL B 465 31.11 -14.60 1.16
CA VAL B 465 31.15 -14.26 -0.25
C VAL B 465 29.85 -13.51 -0.54
N MET B 466 29.01 -13.38 0.49
CA MET B 466 27.90 -12.45 0.48
C MET B 466 28.37 -11.00 0.31
N TYR B 467 29.56 -10.68 0.83
CA TYR B 467 30.12 -9.33 0.76
C TYR B 467 30.33 -8.86 -0.67
N PHE B 468 30.51 -9.76 -1.62
CA PHE B 468 30.67 -9.36 -3.01
C PHE B 468 29.36 -9.23 -3.74
N ALA B 469 28.24 -9.03 -3.03
CA ALA B 469 26.98 -8.76 -3.71
C ALA B 469 26.65 -7.28 -3.77
N ARG B 470 27.44 -6.43 -3.13
CA ARG B 470 27.20 -5.00 -3.24
C ARG B 470 27.69 -4.44 -4.55
N GLY B 471 28.56 -5.15 -5.25
CA GLY B 471 29.08 -4.66 -6.51
C GLY B 471 28.06 -4.69 -7.62
N PHE B 472 27.31 -5.78 -7.71
CA PHE B 472 26.41 -5.96 -8.84
C PHE B 472 25.08 -5.31 -8.51
N GLN B 473 24.54 -4.52 -9.44
CA GLN B 473 23.16 -4.11 -9.29
C GLN B 473 22.30 -5.32 -9.60
N MET B 474 21.08 -5.34 -9.04
CA MET B 474 20.10 -6.45 -9.00
C MET B 474 20.62 -7.53 -8.06
N LEU B 475 21.61 -7.18 -7.24
CA LEU B 475 21.97 -8.04 -6.11
C LEU B 475 22.36 -7.15 -4.94
N GLY B 476 22.17 -5.85 -5.08
CA GLY B 476 22.65 -4.85 -4.17
C GLY B 476 21.60 -4.28 -3.23
N PRO B 477 20.38 -4.03 -3.73
CA PRO B 477 19.26 -3.79 -2.81
C PRO B 477 18.67 -5.05 -2.21
N PHE B 478 19.38 -6.17 -2.21
CA PHE B 478 18.90 -7.38 -1.56
C PHE B 478 19.90 -7.89 -0.53
N THR B 479 21.09 -7.27 -0.47
CA THR B 479 21.96 -7.51 0.67
C THR B 479 21.80 -6.41 1.72
N ILE B 480 21.62 -5.16 1.29
CA ILE B 480 21.37 -4.08 2.24
C ILE B 480 19.97 -4.16 2.81
N MET B 481 19.08 -4.94 2.21
CA MET B 481 17.78 -5.18 2.82
C MET B 481 17.88 -6.20 3.94
N ILE B 482 18.65 -7.26 3.75
CA ILE B 482 18.69 -8.32 4.75
C ILE B 482 19.57 -7.91 5.93
N GLN B 483 20.45 -6.91 5.73
CA GLN B 483 21.17 -6.33 6.86
C GLN B 483 20.25 -5.50 7.74
N LYS B 484 19.26 -4.86 7.13
CA LYS B 484 18.24 -4.13 7.86
C LYS B 484 17.20 -5.06 8.47
N MET B 485 17.30 -6.35 8.22
CA MET B 485 16.27 -7.28 8.67
C MET B 485 16.77 -8.29 9.70
N ILE B 486 18.02 -8.76 9.61
CA ILE B 486 18.56 -9.63 10.65
C ILE B 486 18.84 -8.84 11.93
N PHE B 487 18.97 -7.52 11.83
CA PHE B 487 18.88 -6.63 12.97
C PHE B 487 17.53 -5.95 12.85
N GLY B 488 17.02 -5.42 13.95
CA GLY B 488 15.74 -4.77 13.83
C GLY B 488 14.60 -5.76 13.99
N ASP B 489 14.06 -6.24 12.87
CA ASP B 489 12.77 -6.92 12.92
C ASP B 489 12.88 -8.35 13.45
N LEU B 490 13.96 -9.05 13.12
CA LEU B 490 14.05 -10.42 13.62
C LEU B 490 14.54 -10.45 15.07
N MET B 491 15.26 -9.43 15.52
CA MET B 491 15.55 -9.32 16.95
C MET B 491 14.36 -8.76 17.69
N ARG B 492 13.38 -8.20 16.98
CA ARG B 492 12.10 -7.85 17.58
C ARG B 492 11.25 -9.09 17.82
N PHE B 493 11.58 -10.18 17.15
CA PHE B 493 10.75 -11.38 17.18
C PHE B 493 11.41 -12.54 17.90
N CYS B 494 12.74 -12.59 17.92
CA CYS B 494 13.42 -13.76 18.49
C CYS B 494 13.33 -13.78 20.01
N TRP B 495 13.05 -12.62 20.62
CA TRP B 495 12.73 -12.65 22.04
C TRP B 495 11.37 -13.30 22.29
N LEU B 496 10.32 -12.79 21.65
CA LEU B 496 9.01 -13.38 21.78
C LEU B 496 8.88 -14.76 21.16
N MET B 497 9.83 -15.15 20.31
CA MET B 497 9.90 -16.56 19.97
C MET B 497 10.52 -17.35 21.10
N ALA B 498 11.58 -16.85 21.72
CA ALA B 498 12.24 -17.56 22.80
C ALA B 498 11.61 -17.29 24.17
N VAL B 499 10.37 -16.86 24.20
CA VAL B 499 9.59 -16.79 25.43
C VAL B 499 8.43 -17.77 25.40
N VAL B 500 7.80 -17.94 24.23
CA VAL B 500 6.76 -18.95 24.11
C VAL B 500 7.35 -20.36 24.10
N ILE B 501 8.44 -20.58 23.34
CA ILE B 501 8.93 -21.95 23.21
C ILE B 501 9.68 -22.37 24.47
N LEU B 502 10.24 -21.43 25.22
CA LEU B 502 10.94 -21.76 26.44
C LEU B 502 9.98 -22.24 27.53
N GLY B 503 8.71 -21.88 27.43
CA GLY B 503 7.72 -22.35 28.37
C GLY B 503 7.03 -23.62 27.94
N PHE B 504 6.59 -23.65 26.68
CA PHE B 504 5.89 -24.82 26.16
C PHE B 504 6.77 -26.06 26.10
N ALA B 505 8.07 -25.89 25.93
CA ALA B 505 8.97 -27.04 26.03
C ALA B 505 8.99 -27.57 27.45
N SER B 506 8.92 -26.67 28.43
CA SER B 506 8.79 -27.10 29.80
C SER B 506 7.41 -27.65 30.10
N ALA B 507 6.41 -27.35 29.26
CA ALA B 507 5.11 -27.97 29.45
C ALA B 507 5.07 -29.37 28.87
N PHE B 508 5.74 -29.58 27.75
CA PHE B 508 5.78 -30.92 27.17
C PHE B 508 6.73 -31.84 27.92
N TYR B 509 7.77 -31.29 28.54
CA TYR B 509 8.72 -32.14 29.23
C TYR B 509 8.16 -32.66 30.55
N ILE B 510 7.22 -31.96 31.16
CA ILE B 510 6.48 -32.54 32.27
C ILE B 510 5.58 -33.66 31.78
N ILE B 511 4.92 -33.47 30.65
CA ILE B 511 3.81 -34.34 30.26
C ILE B 511 4.27 -35.65 29.65
N PHE B 512 5.56 -35.79 29.33
CA PHE B 512 6.11 -37.07 28.89
C PHE B 512 7.13 -37.60 29.88
N GLN B 513 7.07 -37.15 31.13
CA GLN B 513 7.70 -37.91 32.19
C GLN B 513 7.04 -39.27 32.35
N THR B 514 5.72 -39.33 32.13
CA THR B 514 4.96 -40.57 32.22
C THR B 514 4.84 -41.22 30.84
N GLU B 515 5.99 -41.50 30.22
CA GLU B 515 6.01 -42.07 28.88
C GLU B 515 7.36 -42.72 28.61
N ASP B 516 7.31 -43.95 28.10
CA ASP B 516 8.51 -44.64 27.65
C ASP B 516 9.00 -43.96 26.37
N PRO B 517 10.26 -43.53 26.30
CA PRO B 517 10.76 -42.89 25.07
C PRO B 517 10.96 -43.81 23.88
N GLU B 518 10.60 -45.10 23.98
CA GLU B 518 10.69 -46.00 22.84
C GLU B 518 9.66 -45.61 21.78
N GLU B 519 8.56 -45.01 22.18
CA GLU B 519 7.63 -44.35 21.29
C GLU B 519 7.53 -42.89 21.71
N LEU B 520 7.34 -42.01 20.72
CA LEU B 520 7.40 -40.55 20.89
C LEU B 520 8.69 -40.15 21.60
N GLY B 521 9.79 -40.38 20.90
CA GLY B 521 11.06 -40.00 21.47
C GLY B 521 11.41 -38.54 21.26
N HIS B 522 10.42 -37.65 21.17
CA HIS B 522 10.74 -36.25 20.96
C HIS B 522 11.03 -35.55 22.26
N PHE B 523 10.81 -36.21 23.40
CA PHE B 523 10.95 -35.56 24.72
C PHE B 523 11.47 -36.61 25.69
N TYR B 524 12.79 -36.66 25.88
CA TYR B 524 13.30 -37.50 26.95
C TYR B 524 14.24 -36.71 27.83
N ASP B 525 15.03 -35.81 27.23
CA ASP B 525 15.84 -34.87 27.97
C ASP B 525 15.37 -33.46 27.69
N TYR B 526 15.29 -32.66 28.73
CA TYR B 526 15.01 -31.23 28.63
C TYR B 526 15.96 -30.47 27.71
N PRO B 527 17.24 -30.84 27.53
CA PRO B 527 17.99 -30.21 26.43
C PRO B 527 17.51 -30.58 25.04
N MET B 528 16.70 -31.64 24.87
CA MET B 528 16.17 -31.87 23.54
C MET B 528 14.74 -31.37 23.42
N ALA B 529 14.00 -31.33 24.53
CA ALA B 529 12.65 -30.79 24.52
C ALA B 529 12.64 -29.31 24.19
N LEU B 530 13.66 -28.60 24.65
CA LEU B 530 13.82 -27.20 24.25
C LEU B 530 14.19 -27.10 22.78
N PHE B 531 14.84 -28.12 22.22
CA PHE B 531 15.15 -28.09 20.79
C PHE B 531 13.93 -28.50 19.96
N SER B 532 13.23 -29.54 20.36
CA SER B 532 12.15 -30.05 19.53
C SER B 532 10.91 -29.17 19.59
N THR B 533 10.85 -28.21 20.52
CA THR B 533 9.80 -27.21 20.47
C THR B 533 10.15 -26.10 19.49
N PHE B 534 11.42 -25.67 19.49
CA PHE B 534 11.87 -24.67 18.53
C PHE B 534 11.83 -25.20 17.11
N GLU B 535 12.05 -26.49 16.93
CA GLU B 535 12.03 -27.04 15.60
C GLU B 535 10.61 -27.36 15.16
N LEU B 536 9.66 -27.34 16.08
CA LEU B 536 8.25 -27.52 15.73
C LEU B 536 7.54 -26.18 15.59
N PHE B 537 8.13 -25.13 16.16
CA PHE B 537 7.55 -23.79 16.09
C PHE B 537 7.63 -23.23 14.69
N LEU B 538 8.59 -23.70 13.90
CA LEU B 538 8.73 -23.32 12.51
C LEU B 538 8.17 -24.36 11.57
N THR B 539 7.52 -25.39 12.11
CA THR B 539 6.91 -26.51 11.38
C THR B 539 7.91 -27.22 10.46
N ILE B 540 9.08 -27.52 10.99
CA ILE B 540 10.07 -28.32 10.29
C ILE B 540 10.29 -29.66 11.00
N ILE B 541 9.34 -30.10 11.83
CA ILE B 541 9.13 -31.51 12.12
C ILE B 541 7.65 -31.70 11.89
N ASP B 542 7.23 -32.96 11.74
CA ASP B 542 5.81 -33.25 11.56
C ASP B 542 5.04 -32.87 12.80
N GLY B 543 5.25 -33.59 13.89
CA GLY B 543 4.45 -33.41 15.06
C GLY B 543 4.23 -34.75 15.70
N PRO B 544 4.35 -34.81 17.01
CA PRO B 544 4.37 -36.10 17.70
C PRO B 544 3.04 -36.83 17.64
N ALA B 545 3.02 -37.98 16.96
CA ALA B 545 1.84 -38.81 16.89
C ALA B 545 2.28 -40.24 16.66
N ASN B 546 1.65 -41.17 17.37
CA ASN B 546 1.99 -42.58 17.21
C ASN B 546 0.87 -43.37 16.56
N TYR B 547 -0.38 -43.13 16.95
CA TYR B 547 -1.61 -43.65 16.37
C TYR B 547 -1.77 -45.16 16.52
N ASN B 548 -0.85 -45.85 17.19
CA ASN B 548 -1.06 -47.25 17.54
C ASN B 548 -1.45 -47.35 19.02
N VAL B 549 -0.64 -46.75 19.88
CA VAL B 549 -1.01 -46.54 21.27
C VAL B 549 -1.64 -45.15 21.36
N ASP B 550 -2.35 -44.89 22.45
CA ASP B 550 -2.95 -43.58 22.66
C ASP B 550 -1.91 -42.59 23.18
N LEU B 551 -2.35 -41.39 23.48
CA LEU B 551 -1.54 -40.31 24.00
C LEU B 551 -2.09 -39.89 25.36
N PRO B 552 -1.32 -39.22 26.19
CA PRO B 552 -1.90 -38.62 27.41
C PRO B 552 -2.85 -37.49 27.01
N PHE B 553 -3.93 -37.33 27.78
CA PHE B 553 -5.04 -36.49 27.34
C PHE B 553 -4.70 -35.01 27.36
N MET B 554 -3.90 -34.58 28.34
CA MET B 554 -3.51 -33.17 28.42
C MET B 554 -2.57 -32.77 27.29
N TYR B 555 -1.95 -33.74 26.61
CA TYR B 555 -1.11 -33.43 25.44
C TYR B 555 -1.92 -32.83 24.32
N SER B 556 -3.09 -33.40 24.03
CA SER B 556 -3.79 -33.03 22.81
C SER B 556 -4.40 -31.65 22.90
N ILE B 557 -4.67 -31.17 24.11
CA ILE B 557 -5.19 -29.80 24.25
C ILE B 557 -4.06 -28.80 24.14
N THR B 558 -3.01 -28.97 24.95
CA THR B 558 -1.98 -27.93 25.03
C THR B 558 -1.06 -27.95 23.83
N TYR B 559 -1.19 -28.94 22.96
CA TYR B 559 -0.48 -28.89 21.69
C TYR B 559 -1.32 -28.20 20.62
N ALA B 560 -2.65 -28.29 20.72
CA ALA B 560 -3.50 -27.54 19.81
C ALA B 560 -3.49 -26.06 20.14
N ALA B 561 -3.18 -25.72 21.39
CA ALA B 561 -3.02 -24.31 21.74
C ALA B 561 -1.66 -23.80 21.26
N PHE B 562 -0.71 -24.72 21.02
CA PHE B 562 0.56 -24.31 20.45
C PHE B 562 0.40 -23.97 18.97
N ALA B 563 -0.32 -24.82 18.23
CA ALA B 563 -0.47 -24.63 16.80
C ALA B 563 -1.27 -23.37 16.48
N ILE B 564 -2.21 -23.02 17.36
CA ILE B 564 -3.02 -21.82 17.12
C ILE B 564 -2.21 -20.57 17.46
N ILE B 565 -1.06 -20.73 18.08
CA ILE B 565 -0.15 -19.61 18.24
C ILE B 565 0.98 -19.69 17.22
N ALA B 566 1.58 -20.86 17.07
CA ALA B 566 2.85 -20.99 16.37
C ALA B 566 2.74 -20.90 14.86
N THR B 567 1.66 -21.35 14.25
CA THR B 567 1.62 -21.43 12.81
C THR B 567 0.52 -20.55 12.24
N LEU B 568 -0.36 -20.02 13.07
CA LEU B 568 -1.47 -19.25 12.55
C LEU B 568 -1.53 -17.84 13.11
N LEU B 569 -0.82 -17.54 14.20
CA LEU B 569 -0.74 -16.17 14.69
C LEU B 569 0.67 -15.62 14.72
N MET B 570 1.59 -16.32 15.39
CA MET B 570 2.90 -15.75 15.68
C MET B 570 3.83 -15.79 14.47
N LEU B 571 3.73 -16.81 13.61
CA LEU B 571 4.64 -16.86 12.47
C LEU B 571 4.11 -16.11 11.26
N ASN B 572 2.79 -16.03 11.08
CA ASN B 572 2.28 -15.19 9.99
C ASN B 572 2.43 -13.72 10.28
N LEU B 573 2.68 -13.32 11.53
CA LEU B 573 2.90 -11.92 11.82
C LEU B 573 4.28 -11.46 11.38
N LEU B 574 5.17 -12.38 10.98
CA LEU B 574 6.39 -11.97 10.30
C LEU B 574 6.09 -11.42 8.92
N ILE B 575 5.27 -12.14 8.14
CA ILE B 575 4.97 -11.74 6.79
C ILE B 575 4.14 -10.47 6.78
N ALA B 576 3.38 -10.22 7.84
CA ALA B 576 2.74 -8.92 7.99
C ALA B 576 3.76 -7.83 8.30
N MET B 577 4.85 -8.17 9.01
CA MET B 577 5.85 -7.14 9.25
C MET B 577 6.90 -7.08 8.14
N MET B 578 7.19 -8.20 7.49
CA MET B 578 8.06 -8.17 6.32
C MET B 578 7.42 -7.38 5.20
N GLY B 579 6.11 -7.49 5.03
CA GLY B 579 5.45 -6.77 3.97
C GLY B 579 5.15 -5.33 4.32
N ASP B 580 5.28 -4.98 5.59
CA ASP B 580 5.09 -3.59 5.96
C ASP B 580 6.41 -2.84 6.04
N THR B 581 7.49 -3.52 6.40
CA THR B 581 8.79 -2.85 6.41
C THR B 581 9.29 -2.61 4.99
N HIS B 582 9.06 -3.57 4.09
CA HIS B 582 9.76 -3.60 2.81
C HIS B 582 9.24 -2.57 1.81
N TRP B 583 8.23 -1.76 2.15
CA TRP B 583 7.91 -0.65 1.27
C TRP B 583 8.11 0.71 1.90
N ARG B 584 8.25 0.80 3.22
CA ARG B 584 8.59 2.08 3.82
C ARG B 584 10.06 2.18 4.19
N VAL B 585 10.89 1.23 3.77
CA VAL B 585 12.31 1.46 3.64
C VAL B 585 12.76 1.27 2.20
N ALA B 586 11.81 1.29 1.26
CA ALA B 586 12.14 1.11 -0.15
C ALA B 586 12.76 2.35 -0.79
N HIS B 587 12.86 3.45 -0.06
CA HIS B 587 13.64 4.59 -0.52
C HIS B 587 14.99 4.68 0.18
N GLU B 588 15.07 4.25 1.43
CA GLU B 588 16.39 4.07 2.04
C GLU B 588 17.15 2.92 1.40
N ARG B 589 16.43 1.96 0.82
CA ARG B 589 17.08 0.80 0.21
C ARG B 589 17.93 1.20 -0.99
N ASP B 590 17.36 1.98 -1.89
CA ASP B 590 18.08 2.29 -3.13
C ASP B 590 19.07 3.43 -2.91
N GLU B 591 19.01 4.10 -1.76
CA GLU B 591 20.00 5.13 -1.46
C GLU B 591 21.17 4.56 -0.69
N LEU B 592 20.91 3.61 0.22
CA LEU B 592 21.98 2.95 0.95
C LEU B 592 22.89 2.17 0.02
N TRP B 593 22.36 1.67 -1.10
CA TRP B 593 23.20 1.01 -2.07
C TRP B 593 24.17 1.98 -2.74
N ARG B 594 23.74 3.23 -2.94
CA ARG B 594 24.64 4.21 -3.55
C ARG B 594 25.71 4.63 -2.57
N ALA B 595 25.39 4.69 -1.28
CA ALA B 595 26.43 5.00 -0.33
C ALA B 595 27.33 3.81 -0.07
N GLN B 596 26.84 2.60 -0.30
CA GLN B 596 27.66 1.41 -0.13
C GLN B 596 28.63 1.23 -1.29
N ILE B 597 28.31 1.77 -2.46
CA ILE B 597 29.23 1.67 -3.58
C ILE B 597 30.40 2.64 -3.41
N VAL B 598 30.26 3.64 -2.54
CA VAL B 598 31.32 4.62 -2.36
C VAL B 598 32.31 4.13 -1.30
N ALA B 599 31.80 3.45 -0.26
CA ALA B 599 32.67 2.84 0.74
C ALA B 599 33.51 1.72 0.17
N THR B 600 33.09 1.14 -0.94
CA THR B 600 33.98 0.27 -1.70
C THR B 600 34.96 1.10 -2.52
N THR B 601 34.53 2.26 -3.01
CA THR B 601 35.37 3.04 -3.91
C THR B 601 36.53 3.69 -3.17
N VAL B 602 36.26 4.28 -2.01
CA VAL B 602 37.30 4.97 -1.27
C VAL B 602 38.27 3.98 -0.64
N MET B 603 37.78 2.80 -0.25
CA MET B 603 38.62 1.82 0.44
C MET B 603 39.64 1.19 -0.49
N LEU B 604 39.24 0.88 -1.73
CA LEU B 604 40.17 0.24 -2.66
C LEU B 604 41.25 1.20 -3.13
N GLU B 605 40.91 2.47 -3.34
CA GLU B 605 41.93 3.43 -3.77
C GLU B 605 42.94 3.72 -2.66
N ARG B 606 42.55 3.55 -1.40
CA ARG B 606 43.48 3.76 -0.30
C ARG B 606 44.45 2.60 -0.11
N LYS B 607 44.07 1.38 -0.50
CA LYS B 607 44.93 0.22 -0.30
C LYS B 607 45.66 -0.24 -1.55
N LEU B 608 45.13 -0.01 -2.74
CA LEU B 608 45.85 -0.32 -3.95
C LEU B 608 46.99 0.68 -4.15
N PRO B 609 48.09 0.27 -4.79
CA PRO B 609 49.21 1.21 -4.99
C PRO B 609 48.94 2.23 -6.10
N ARG B 610 49.95 3.04 -6.42
CA ARG B 610 49.75 4.22 -7.27
C ARG B 610 49.90 3.95 -8.76
N CYS B 611 50.54 2.86 -9.17
CA CYS B 611 50.59 2.52 -10.59
C CYS B 611 49.19 2.17 -11.09
N LEU B 612 48.44 1.44 -10.29
CA LEU B 612 47.01 1.28 -10.51
C LEU B 612 46.29 2.51 -9.94
N TRP B 613 45.01 2.65 -10.30
CA TRP B 613 44.16 3.81 -10.00
C TRP B 613 44.78 5.14 -10.40
N PRO B 614 44.82 5.48 -11.67
CA PRO B 614 45.15 6.86 -12.03
C PRO B 614 44.06 7.78 -11.52
N ARG B 615 44.45 9.00 -11.14
CA ARG B 615 43.51 9.94 -10.56
C ARG B 615 42.55 10.41 -11.63
N SER B 616 41.26 10.48 -11.30
CA SER B 616 40.24 10.74 -12.29
C SER B 616 40.25 12.21 -12.70
N GLY B 617 40.27 12.46 -14.00
CA GLY B 617 40.22 13.82 -14.49
C GLY B 617 41.46 14.27 -15.24
N ILE B 618 41.38 15.42 -15.89
CA ILE B 618 42.48 15.91 -16.68
C ILE B 618 43.41 16.73 -15.80
N CYS B 619 44.71 16.49 -15.92
CA CYS B 619 45.68 17.12 -15.05
C CYS B 619 45.98 18.55 -15.47
N GLY B 620 46.76 19.24 -14.65
CA GLY B 620 47.17 20.60 -14.89
C GLY B 620 48.63 20.69 -15.31
N ARG B 621 49.22 21.87 -15.05
CA ARG B 621 50.56 22.33 -15.42
C ARG B 621 50.96 22.01 -16.86
N GLU B 622 49.97 21.99 -17.73
CA GLU B 622 50.15 21.82 -19.17
C GLU B 622 49.28 22.78 -19.97
N TYR B 623 48.21 23.30 -19.38
CA TYR B 623 47.25 24.13 -20.09
C TYR B 623 47.00 25.45 -19.38
N GLY B 624 47.97 25.95 -18.62
CA GLY B 624 47.89 27.24 -17.97
C GLY B 624 46.87 27.33 -16.87
N LEU B 625 46.64 26.27 -16.11
CA LEU B 625 45.62 26.27 -15.06
C LEU B 625 46.19 26.23 -13.66
N GLY B 626 47.32 25.57 -13.46
CA GLY B 626 47.91 25.43 -12.14
C GLY B 626 48.33 24.00 -11.90
N ASP B 627 48.28 23.58 -10.65
CA ASP B 627 48.69 22.23 -10.29
C ASP B 627 47.55 21.35 -9.82
N ARG B 628 46.38 21.93 -9.53
CA ARG B 628 45.22 21.13 -9.19
C ARG B 628 44.62 20.53 -10.44
N TRP B 629 43.96 19.38 -10.28
CA TRP B 629 43.51 18.57 -11.41
C TRP B 629 41.99 18.61 -11.51
N PHE B 630 41.48 18.82 -12.71
CA PHE B 630 40.09 19.20 -12.94
C PHE B 630 39.24 18.05 -13.47
N LEU B 631 37.93 18.32 -13.53
CA LEU B 631 36.94 17.46 -14.16
C LEU B 631 35.95 18.35 -14.91
N ARG B 632 35.32 17.80 -15.95
CA ARG B 632 34.30 18.53 -16.68
C ARG B 632 33.02 17.71 -16.73
N VAL B 633 31.91 18.42 -16.95
CA VAL B 633 30.61 17.79 -17.17
C VAL B 633 29.78 18.74 -18.02
N GLU B 634 28.95 18.18 -18.88
CA GLU B 634 28.07 18.96 -19.74
C GLU B 634 26.66 18.39 -19.71
N ASP B 635 25.69 19.28 -19.86
CA ASP B 635 24.29 18.89 -19.72
C ASP B 635 23.43 19.81 -20.59
N ARG B 636 22.27 19.32 -20.98
CA ARG B 636 21.30 20.10 -21.73
C ARG B 636 20.58 21.02 -20.76
N GLN B 637 20.49 22.30 -21.12
CA GLN B 637 19.91 23.31 -20.24
C GLN B 637 18.42 23.11 -20.03
N ASP B 638 17.75 22.44 -20.98
CA ASP B 638 16.31 22.21 -21.08
C ASP B 638 15.54 23.52 -21.21
N LEU B 639 16.22 24.60 -21.63
CA LEU B 639 15.66 25.90 -21.99
C LEU B 639 14.82 26.56 -20.88
N SER C 28 34.31 3.85 -25.28
CA SER C 28 34.54 4.18 -23.89
C SER C 28 35.78 5.06 -23.73
N TRP C 29 35.96 5.98 -24.67
CA TRP C 29 37.10 6.88 -24.70
C TRP C 29 36.65 8.33 -24.81
N ALA C 30 35.74 8.73 -23.92
CA ALA C 30 35.26 10.11 -23.84
C ALA C 30 36.35 11.05 -23.36
N GLN C 31 37.40 10.50 -22.73
CA GLN C 31 38.52 11.30 -22.26
C GLN C 31 39.27 11.94 -23.42
N SER C 32 39.24 11.34 -24.61
CA SER C 32 39.80 12.00 -25.78
C SER C 32 38.93 13.16 -26.23
N ARG C 33 37.62 13.08 -25.99
CA ARG C 33 36.76 14.22 -26.26
C ARG C 33 36.90 15.27 -25.18
N ASP C 34 37.14 14.85 -23.94
CA ASP C 34 37.36 15.80 -22.87
C ASP C 34 38.70 16.52 -22.99
N GLU C 35 39.68 15.88 -23.63
CA GLU C 35 40.98 16.49 -23.83
C GLU C 35 40.91 17.63 -24.85
N GLN C 36 40.06 17.47 -25.86
CA GLN C 36 40.01 18.47 -26.94
C GLN C 36 39.33 19.75 -26.48
N ASN C 37 38.35 19.66 -25.58
CA ASN C 37 37.73 20.88 -25.09
C ASN C 37 38.66 21.68 -24.21
N LEU C 38 39.48 21.02 -23.40
CA LEU C 38 40.36 21.76 -22.52
C LEU C 38 41.60 22.23 -23.26
N LEU C 39 41.87 21.66 -24.43
CA LEU C 39 42.93 22.19 -25.28
C LEU C 39 42.47 23.44 -26.02
N GLN C 40 41.15 23.65 -26.11
CA GLN C 40 40.62 24.80 -26.84
C GLN C 40 40.94 26.11 -26.13
N GLN C 41 40.87 26.12 -24.80
CA GLN C 41 41.17 27.33 -24.06
C GLN C 41 42.63 27.73 -24.15
N LYS C 42 43.55 26.79 -23.99
CA LYS C 42 44.98 27.10 -23.91
C LYS C 42 45.51 27.63 -25.24
N ARG C 43 44.93 27.17 -26.35
CA ARG C 43 45.26 27.77 -27.63
C ARG C 43 44.73 29.19 -27.72
N ILE C 44 43.55 29.45 -27.16
CA ILE C 44 43.00 30.80 -27.16
C ILE C 44 43.78 31.70 -26.21
N TRP C 45 44.23 31.15 -25.06
CA TRP C 45 45.10 31.92 -24.18
C TRP C 45 46.45 32.26 -24.81
N GLU C 46 46.87 31.51 -25.84
CA GLU C 46 48.14 31.79 -26.47
C GLU C 46 48.07 33.00 -27.39
N SER C 47 47.25 32.92 -28.44
CA SER C 47 47.20 34.00 -29.41
C SER C 47 46.48 35.21 -28.84
N PRO C 48 46.97 36.42 -29.13
CA PRO C 48 46.39 37.60 -28.48
C PRO C 48 45.05 38.02 -29.06
N LEU C 49 44.80 37.79 -30.34
CA LEU C 49 43.54 38.25 -30.92
C LEU C 49 42.41 37.27 -30.72
N LEU C 50 42.70 36.01 -30.41
CA LEU C 50 41.62 35.08 -30.06
C LEU C 50 41.08 35.39 -28.67
N LEU C 51 41.92 35.86 -27.75
CA LEU C 51 41.41 36.48 -26.54
C LEU C 51 40.61 37.72 -26.88
N ALA C 52 41.09 38.50 -27.85
CA ALA C 52 40.34 39.68 -28.30
C ALA C 52 39.12 39.29 -29.12
N ALA C 53 39.05 38.03 -29.57
CA ALA C 53 37.82 37.53 -30.13
C ALA C 53 36.94 36.91 -29.06
N LYS C 54 37.52 36.51 -27.93
CA LYS C 54 36.73 35.94 -26.86
C LYS C 54 35.90 37.00 -26.14
N ASP C 55 36.42 38.22 -26.04
CA ASP C 55 35.73 39.34 -25.45
C ASP C 55 35.55 40.45 -26.47
N ASN C 56 34.97 41.55 -26.04
CA ASN C 56 34.83 42.74 -26.87
C ASN C 56 36.03 43.67 -26.69
N ASP C 57 37.16 43.20 -27.20
CA ASP C 57 38.42 43.92 -27.11
C ASP C 57 38.68 44.67 -28.41
N VAL C 58 37.61 45.26 -28.96
CA VAL C 58 37.59 45.90 -30.27
C VAL C 58 38.57 47.07 -30.40
N GLN C 59 39.04 47.61 -29.28
CA GLN C 59 40.17 48.53 -29.32
C GLN C 59 41.43 47.85 -29.83
N ALA C 60 41.65 46.59 -29.44
CA ALA C 60 42.80 45.86 -29.93
C ALA C 60 42.62 45.38 -31.36
N LEU C 61 41.38 45.22 -31.81
CA LEU C 61 41.15 44.75 -33.17
C LEU C 61 41.49 45.83 -34.19
N ASN C 62 41.35 47.11 -33.81
CA ASN C 62 41.83 48.18 -34.66
C ASN C 62 43.34 48.20 -34.76
N LYS C 63 44.03 47.67 -33.75
CA LYS C 63 45.50 47.70 -33.70
C LYS C 63 46.09 46.45 -34.33
N LEU C 64 45.52 45.28 -34.00
CA LEU C 64 46.20 44.01 -34.28
C LEU C 64 46.21 43.68 -35.78
N LEU C 65 45.21 44.16 -36.52
CA LEU C 65 45.18 43.92 -37.96
C LEU C 65 45.87 45.01 -38.76
N LYS C 66 45.93 46.24 -38.22
CA LYS C 66 46.60 47.35 -38.89
C LYS C 66 48.09 47.40 -38.61
N TYR C 67 48.55 46.99 -37.43
CA TYR C 67 49.95 47.12 -37.06
C TYR C 67 50.79 45.89 -37.39
N GLU C 68 50.30 44.70 -37.08
CA GLU C 68 51.05 43.47 -37.32
C GLU C 68 50.59 42.90 -38.66
N ASP C 69 51.06 41.71 -39.03
CA ASP C 69 50.73 41.11 -40.31
C ASP C 69 50.43 39.63 -40.08
N CYS C 70 49.69 39.05 -41.04
CA CYS C 70 49.65 37.61 -41.36
C CYS C 70 48.78 36.87 -40.34
N LYS C 71 48.20 37.54 -39.35
CA LYS C 71 47.32 36.87 -38.39
C LYS C 71 45.88 36.85 -38.88
N VAL C 72 45.68 36.14 -39.99
CA VAL C 72 44.37 36.09 -40.63
C VAL C 72 43.86 34.65 -40.67
N HIS C 73 44.79 33.69 -40.78
CA HIS C 73 44.42 32.32 -41.11
C HIS C 73 44.99 31.29 -40.14
N GLN C 74 45.44 31.69 -38.96
CA GLN C 74 45.85 30.71 -37.97
C GLN C 74 44.61 30.06 -37.37
N ARG C 75 44.76 28.81 -36.94
CA ARG C 75 43.61 28.05 -36.48
C ARG C 75 43.63 27.88 -34.96
N GLY C 76 42.52 27.39 -34.43
CA GLY C 76 42.41 27.07 -33.03
C GLY C 76 42.87 25.65 -32.75
N ALA C 77 42.45 25.12 -31.60
CA ALA C 77 42.80 23.75 -31.26
C ALA C 77 42.00 22.76 -32.09
N MET C 78 40.69 22.99 -32.22
CA MET C 78 39.83 22.18 -33.07
C MET C 78 39.64 22.81 -34.45
N GLY C 79 40.61 23.59 -34.91
CA GLY C 79 40.63 24.10 -36.27
C GLY C 79 39.53 25.08 -36.60
N GLU C 80 39.56 26.25 -35.97
CA GLU C 80 38.54 27.28 -36.18
C GLU C 80 39.22 28.62 -36.43
N THR C 81 38.42 29.62 -36.75
CA THR C 81 38.92 30.96 -36.99
C THR C 81 38.46 31.88 -35.87
N ALA C 82 38.96 33.12 -35.91
CA ALA C 82 38.53 34.12 -34.95
C ALA C 82 37.11 34.58 -35.20
N LEU C 83 36.57 34.33 -36.40
CA LEU C 83 35.17 34.59 -36.67
C LEU C 83 34.27 33.62 -35.91
N HIS C 84 34.73 32.38 -35.75
CA HIS C 84 33.97 31.38 -34.99
C HIS C 84 33.86 31.76 -33.52
N ILE C 85 34.98 32.20 -32.94
CA ILE C 85 35.04 32.45 -31.51
C ILE C 85 34.18 33.64 -31.13
N ALA C 86 34.19 34.68 -31.97
CA ALA C 86 33.29 35.81 -31.77
C ALA C 86 31.84 35.42 -32.03
N ALA C 87 31.62 34.39 -32.84
CA ALA C 87 30.27 33.88 -33.02
C ALA C 87 29.87 32.95 -31.90
N LEU C 88 30.84 32.30 -31.25
CA LEU C 88 30.49 31.32 -30.23
C LEU C 88 30.10 31.97 -28.91
N TYR C 89 30.76 33.08 -28.56
CA TYR C 89 30.43 33.82 -27.35
C TYR C 89 29.66 35.09 -27.65
N ASP C 90 28.81 35.03 -28.70
CA ASP C 90 27.88 36.02 -29.25
C ASP C 90 28.33 37.48 -29.14
N ASN C 91 29.59 37.75 -29.49
CA ASN C 91 30.14 39.09 -29.44
C ASN C 91 29.89 39.74 -30.79
N LEU C 92 28.90 40.63 -30.82
CA LEU C 92 28.44 41.21 -32.08
C LEU C 92 29.42 42.26 -32.59
N GLU C 93 30.00 43.06 -31.70
CA GLU C 93 30.85 44.18 -32.12
C GLU C 93 32.17 43.69 -32.68
N ALA C 94 32.74 42.63 -32.10
CA ALA C 94 34.03 42.14 -32.57
C ALA C 94 33.89 41.34 -33.85
N ALA C 95 32.73 40.74 -34.09
CA ALA C 95 32.54 39.98 -35.31
C ALA C 95 32.38 40.89 -36.51
N MET C 96 31.84 42.09 -36.30
CA MET C 96 31.59 42.99 -37.42
C MET C 96 32.87 43.63 -37.93
N VAL C 97 33.83 43.91 -37.03
CA VAL C 97 35.07 44.52 -37.45
C VAL C 97 35.94 43.51 -38.20
N LEU C 98 35.89 42.25 -37.78
CA LEU C 98 36.69 41.22 -38.42
C LEU C 98 36.19 40.88 -39.83
N MET C 99 34.88 41.02 -40.07
CA MET C 99 34.35 40.85 -41.41
C MET C 99 34.80 41.96 -42.35
N GLU C 100 34.93 43.17 -41.81
CA GLU C 100 35.38 44.30 -42.63
C GLU C 100 36.86 44.18 -42.96
N ALA C 101 37.63 43.53 -42.08
CA ALA C 101 39.07 43.44 -42.27
C ALA C 101 39.44 42.54 -43.45
N ALA C 102 38.78 41.39 -43.55
CA ALA C 102 39.02 40.46 -44.65
C ALA C 102 37.75 39.65 -44.90
N PRO C 103 36.90 40.08 -45.84
CA PRO C 103 35.63 39.37 -46.10
C PRO C 103 35.83 38.04 -46.86
N GLU C 104 36.52 37.11 -46.22
CA GLU C 104 36.69 35.78 -46.76
C GLU C 104 36.52 34.69 -45.71
N LEU C 105 36.54 35.04 -44.43
CA LEU C 105 36.54 34.08 -43.33
C LEU C 105 35.23 33.33 -43.18
N VAL C 106 34.15 33.82 -43.78
CA VAL C 106 32.88 33.12 -43.73
C VAL C 106 32.91 31.82 -44.53
N PHE C 107 33.68 31.78 -45.62
CA PHE C 107 33.76 30.59 -46.47
C PHE C 107 34.62 29.48 -45.87
N GLU C 108 35.40 29.77 -44.83
CA GLU C 108 36.28 28.78 -44.24
C GLU C 108 35.56 28.06 -43.11
N PRO C 109 35.33 26.76 -43.21
CA PRO C 109 34.64 26.04 -42.14
C PRO C 109 35.62 25.53 -41.09
N MET C 110 35.05 24.88 -40.07
CA MET C 110 35.87 24.11 -39.16
C MET C 110 36.40 22.87 -39.87
N THR C 111 37.48 22.28 -39.34
CA THR C 111 38.17 21.22 -40.04
C THR C 111 38.56 20.04 -39.16
N SER C 112 38.15 20.02 -37.90
CA SER C 112 38.54 18.93 -37.00
C SER C 112 37.66 17.71 -37.26
N GLU C 113 37.98 16.60 -36.59
CA GLU C 113 37.19 15.39 -36.74
C GLU C 113 35.96 15.36 -35.86
N LEU C 114 35.97 16.11 -34.76
CA LEU C 114 34.74 16.26 -33.98
C LEU C 114 33.78 17.22 -34.68
N TYR C 115 34.25 18.43 -34.95
CA TYR C 115 33.43 19.47 -35.58
C TYR C 115 33.95 19.63 -37.01
N GLU C 116 33.32 18.92 -37.95
CA GLU C 116 33.80 18.89 -39.33
C GLU C 116 32.89 19.76 -40.21
N GLY C 117 33.48 20.72 -40.89
CA GLY C 117 32.76 21.50 -41.89
C GLY C 117 31.80 22.53 -41.34
N GLN C 118 31.73 22.70 -40.02
CA GLN C 118 30.74 23.57 -39.40
C GLN C 118 31.16 25.01 -39.63
N THR C 119 30.40 25.72 -40.47
CA THR C 119 30.77 27.08 -40.85
C THR C 119 30.28 28.08 -39.82
N ALA C 120 30.59 29.35 -40.06
CA ALA C 120 30.30 30.41 -39.10
C ALA C 120 28.81 30.75 -39.04
N LEU C 121 28.07 30.47 -40.11
CA LEU C 121 26.62 30.64 -40.08
C LEU C 121 25.98 29.67 -39.08
N HIS C 122 26.55 28.48 -38.94
CA HIS C 122 25.96 27.44 -38.11
C HIS C 122 26.04 27.79 -36.63
N ILE C 123 27.03 28.58 -36.24
CA ILE C 123 27.24 28.86 -34.82
C ILE C 123 26.20 29.85 -34.31
N ALA C 124 25.98 30.93 -35.06
CA ALA C 124 25.09 31.99 -34.58
C ALA C 124 23.62 31.59 -34.62
N VAL C 125 23.26 30.60 -35.44
CA VAL C 125 21.87 30.18 -35.52
C VAL C 125 21.48 29.38 -34.28
N VAL C 126 22.42 28.60 -33.74
CA VAL C 126 22.16 27.83 -32.52
C VAL C 126 21.95 28.75 -31.32
N ASN C 127 22.62 29.91 -31.29
CA ASN C 127 22.43 30.90 -30.23
C ASN C 127 21.06 31.58 -30.29
N GLN C 128 20.32 31.40 -31.38
CA GLN C 128 18.87 31.53 -31.56
C GLN C 128 18.32 32.95 -31.42
N ASN C 129 19.16 33.91 -31.04
CA ASN C 129 18.73 35.31 -30.98
C ASN C 129 19.92 36.14 -31.43
N MET C 130 20.03 36.36 -32.73
CA MET C 130 21.11 37.17 -33.29
C MET C 130 20.59 37.99 -34.45
N ASN C 131 21.03 39.24 -34.53
CA ASN C 131 20.99 39.97 -35.78
C ASN C 131 22.27 39.81 -36.58
N LEU C 132 23.15 38.89 -36.14
CA LEU C 132 24.38 38.62 -36.87
C LEU C 132 24.09 37.91 -38.19
N VAL C 133 23.06 37.07 -38.21
CA VAL C 133 22.75 36.27 -39.39
C VAL C 133 22.28 37.15 -40.54
N ARG C 134 21.72 38.32 -40.24
CA ARG C 134 21.41 39.26 -41.30
C ARG C 134 22.67 39.94 -41.80
N ALA C 135 23.66 40.13 -40.94
CA ALA C 135 24.95 40.68 -41.33
C ALA C 135 25.91 39.63 -41.85
N LEU C 136 25.72 38.36 -41.49
CA LEU C 136 26.62 37.33 -41.98
C LEU C 136 26.18 36.83 -43.34
N LEU C 137 24.87 36.68 -43.55
CA LEU C 137 24.36 36.31 -44.87
C LEU C 137 24.47 37.45 -45.87
N ALA C 138 24.67 38.69 -45.39
CA ALA C 138 24.84 39.82 -46.30
C ALA C 138 26.12 39.70 -47.10
N ARG C 139 27.16 39.10 -46.51
CA ARG C 139 28.42 38.90 -47.22
C ARG C 139 28.48 37.57 -47.95
N ARG C 140 27.43 37.25 -48.71
CA ARG C 140 27.37 36.12 -49.65
C ARG C 140 27.65 34.77 -48.97
N ALA C 141 27.06 34.59 -47.79
CA ALA C 141 27.31 33.38 -47.03
C ALA C 141 26.56 32.20 -47.65
N SER C 142 27.04 31.00 -47.35
CA SER C 142 26.44 29.80 -47.94
C SER C 142 25.47 29.15 -46.95
N VAL C 143 24.39 28.60 -47.48
CA VAL C 143 23.34 28.00 -46.65
C VAL C 143 23.43 26.49 -46.83
N SER C 144 24.07 26.06 -47.89
CA SER C 144 24.13 24.64 -48.21
C SER C 144 25.41 23.98 -47.70
N ALA C 145 25.91 24.45 -46.56
CA ALA C 145 27.12 23.87 -46.01
C ALA C 145 26.83 22.52 -45.36
N ARG C 146 27.77 21.59 -45.53
CA ARG C 146 27.62 20.21 -45.07
C ARG C 146 28.25 20.10 -43.69
N ALA C 147 27.41 20.04 -42.65
CA ALA C 147 27.88 19.97 -41.27
C ALA C 147 27.84 18.53 -40.77
N THR C 148 28.82 17.74 -41.20
CA THR C 148 29.00 16.42 -40.64
C THR C 148 29.84 16.52 -39.36
N GLY C 149 30.30 15.40 -38.85
CA GLY C 149 31.10 15.37 -37.65
C GLY C 149 30.60 14.29 -36.73
N THR C 150 31.35 14.05 -35.65
CA THR C 150 30.97 12.98 -34.74
C THR C 150 30.22 13.47 -33.52
N ALA C 151 30.07 14.78 -33.36
CA ALA C 151 29.26 15.32 -32.27
C ALA C 151 27.88 15.74 -32.75
N PHE C 152 27.54 15.47 -34.00
CA PHE C 152 26.24 15.83 -34.55
C PHE C 152 25.39 14.64 -34.96
N ARG C 153 25.95 13.44 -35.00
CA ARG C 153 25.17 12.26 -35.33
C ARG C 153 24.45 11.73 -34.10
N ARG C 154 23.33 11.05 -34.32
CA ARG C 154 22.49 10.61 -33.22
C ARG C 154 23.14 9.48 -32.44
N SER C 155 23.40 9.74 -31.17
CA SER C 155 24.03 8.78 -30.28
C SER C 155 23.77 9.23 -28.85
N PRO C 156 23.78 8.30 -27.89
CA PRO C 156 23.70 8.71 -26.48
C PRO C 156 25.00 9.29 -25.94
N CYS C 157 26.07 9.33 -26.73
CA CYS C 157 27.26 10.06 -26.32
C CYS C 157 27.03 11.57 -26.42
N ASN C 158 26.31 12.00 -27.45
CA ASN C 158 25.94 13.40 -27.58
C ASN C 158 24.67 13.65 -26.76
N LEU C 159 24.42 14.91 -26.43
CA LEU C 159 23.17 15.27 -25.77
C LEU C 159 22.22 15.97 -26.71
N ILE C 160 22.53 16.04 -28.00
CA ILE C 160 21.78 16.81 -28.98
C ILE C 160 21.63 16.00 -30.25
N TYR C 161 20.66 16.38 -31.07
CA TYR C 161 20.59 15.87 -32.44
C TYR C 161 19.94 16.97 -33.28
N PHE C 162 20.78 17.74 -33.96
CA PHE C 162 20.35 18.91 -34.69
C PHE C 162 20.23 18.67 -36.19
N GLY C 163 20.57 17.48 -36.67
CA GLY C 163 20.56 17.28 -38.11
C GLY C 163 21.84 17.82 -38.73
N GLU C 164 21.74 18.31 -39.96
CA GLU C 164 22.95 18.79 -40.61
C GLU C 164 22.83 20.19 -41.17
N HIS C 165 21.71 20.55 -41.72
CA HIS C 165 21.57 21.82 -42.42
C HIS C 165 21.20 22.95 -41.47
N PRO C 166 21.60 24.21 -41.77
CA PRO C 166 21.23 25.33 -40.88
C PRO C 166 19.76 25.64 -40.90
N LEU C 167 19.03 25.21 -41.92
CA LEU C 167 17.58 25.21 -41.87
C LEU C 167 17.09 24.35 -40.71
N SER C 168 17.75 23.22 -40.47
CA SER C 168 17.37 22.39 -39.35
C SER C 168 17.98 22.86 -38.04
N PHE C 169 19.08 23.62 -38.09
CA PHE C 169 19.63 24.19 -36.86
C PHE C 169 18.67 25.19 -36.24
N ALA C 170 18.06 26.04 -37.06
CA ALA C 170 17.03 26.93 -36.54
C ALA C 170 15.79 26.16 -36.16
N ALA C 171 15.55 25.02 -36.82
CA ALA C 171 14.32 24.27 -36.59
C ALA C 171 14.29 23.57 -35.25
N CYS C 172 15.44 23.37 -34.63
CA CYS C 172 15.45 22.63 -33.38
C CYS C 172 15.42 23.53 -32.16
N VAL C 173 16.10 24.67 -32.20
CA VAL C 173 16.09 25.58 -31.05
C VAL C 173 14.88 26.50 -31.03
N ASN C 174 14.03 26.42 -32.06
CA ASN C 174 12.78 27.18 -32.19
C ASN C 174 13.03 28.69 -32.16
N SER C 175 13.75 29.15 -33.18
CA SER C 175 13.90 30.57 -33.46
C SER C 175 13.27 30.80 -34.83
N GLU C 176 11.96 30.99 -34.86
CA GLU C 176 11.23 30.98 -36.11
C GLU C 176 11.37 32.29 -36.87
N GLU C 177 11.89 33.34 -36.21
CA GLU C 177 12.20 34.57 -36.92
C GLU C 177 13.39 34.38 -37.85
N ILE C 178 14.30 33.48 -37.47
CA ILE C 178 15.46 33.19 -38.31
C ILE C 178 15.03 32.41 -39.55
N VAL C 179 14.00 31.58 -39.41
CA VAL C 179 13.63 30.64 -40.45
C VAL C 179 13.03 31.36 -41.65
N ARG C 180 12.23 32.40 -41.39
CA ARG C 180 11.71 33.20 -42.49
C ARG C 180 12.81 34.03 -43.15
N LEU C 181 13.89 34.32 -42.42
CA LEU C 181 14.98 35.10 -42.99
C LEU C 181 15.98 34.19 -43.69
N LEU C 182 16.08 32.93 -43.26
CA LEU C 182 17.02 32.02 -43.87
C LEU C 182 16.45 31.34 -45.11
N ILE C 183 15.12 31.16 -45.16
CA ILE C 183 14.51 30.53 -46.32
C ILE C 183 14.40 31.52 -47.48
N GLU C 184 14.56 32.82 -47.22
CA GLU C 184 14.48 33.81 -48.28
C GLU C 184 15.68 33.73 -49.21
N HIS C 185 16.85 33.40 -48.65
CA HIS C 185 18.10 33.45 -49.40
C HIS C 185 18.48 32.11 -50.02
N GLY C 186 17.51 31.25 -50.30
CA GLY C 186 17.77 30.06 -51.07
C GLY C 186 17.89 28.77 -50.30
N ALA C 187 17.32 28.69 -49.10
CA ALA C 187 17.38 27.46 -48.31
C ALA C 187 16.41 26.45 -48.89
N ASP C 188 16.90 25.23 -49.14
CA ASP C 188 16.04 24.19 -49.69
C ASP C 188 15.46 23.34 -48.55
N ILE C 189 14.17 23.02 -48.66
CA ILE C 189 13.51 22.25 -47.61
C ILE C 189 13.92 20.79 -47.67
N ARG C 190 13.71 20.16 -48.83
CA ARG C 190 13.95 18.73 -48.98
C ARG C 190 15.45 18.49 -49.03
N ALA C 191 16.05 18.33 -47.85
CA ALA C 191 17.49 18.11 -47.77
C ALA C 191 17.74 17.06 -46.70
N GLN C 192 18.26 15.91 -47.11
CA GLN C 192 18.53 14.82 -46.18
C GLN C 192 19.96 14.95 -45.67
N ASP C 193 20.46 13.93 -44.97
CA ASP C 193 21.80 14.05 -44.41
C ASP C 193 22.53 12.71 -44.56
N SER C 194 23.63 12.54 -43.83
CA SER C 194 24.37 11.29 -43.86
C SER C 194 23.64 10.14 -43.17
N LEU C 195 22.70 10.45 -42.28
CA LEU C 195 21.87 9.41 -41.69
C LEU C 195 20.61 9.15 -42.50
N GLY C 196 20.07 10.16 -43.18
CA GLY C 196 19.02 9.99 -44.16
C GLY C 196 17.76 10.79 -43.87
N ASN C 197 17.56 11.21 -42.63
CA ASN C 197 16.30 11.84 -42.27
C ASN C 197 16.25 13.28 -42.75
N THR C 198 15.04 13.83 -42.81
CA THR C 198 14.78 15.15 -43.34
C THR C 198 14.51 16.14 -42.22
N VAL C 199 14.19 17.37 -42.62
CA VAL C 199 13.98 18.48 -41.70
C VAL C 199 12.72 18.23 -40.89
N LEU C 200 11.74 17.58 -41.51
CA LEU C 200 10.51 17.22 -40.81
C LEU C 200 10.78 16.17 -39.74
N HIS C 201 11.78 15.32 -39.97
CA HIS C 201 12.07 14.24 -39.03
C HIS C 201 12.78 14.76 -37.79
N ILE C 202 13.48 15.89 -37.91
CA ILE C 202 14.21 16.40 -36.76
C ILE C 202 13.24 16.95 -35.72
N LEU C 203 12.10 17.48 -36.16
CA LEU C 203 11.11 18.02 -35.24
C LEU C 203 10.41 16.93 -34.45
N ILE C 204 10.44 15.69 -34.93
CA ILE C 204 9.77 14.60 -34.24
C ILE C 204 10.60 14.14 -33.05
N LEU C 205 11.92 14.29 -33.13
CA LEU C 205 12.86 13.71 -32.16
C LEU C 205 13.33 14.71 -31.12
N GLN C 206 12.48 15.59 -30.67
CA GLN C 206 12.96 16.53 -29.66
C GLN C 206 12.28 16.28 -28.34
N PRO C 207 12.96 16.54 -27.22
CA PRO C 207 12.30 16.39 -25.92
C PRO C 207 11.34 17.53 -25.64
N ASN C 208 11.52 18.65 -26.34
CA ASN C 208 10.63 19.81 -26.19
C ASN C 208 9.45 19.63 -27.14
N LYS C 209 8.55 18.72 -26.75
CA LYS C 209 7.54 18.24 -27.67
C LYS C 209 6.40 19.25 -27.86
N THR C 210 6.06 19.97 -26.79
CA THR C 210 4.82 20.74 -26.70
C THR C 210 4.70 21.85 -27.73
N PHE C 211 5.66 22.78 -27.76
CA PHE C 211 5.60 23.87 -28.72
C PHE C 211 6.63 23.73 -29.83
N ALA C 212 7.09 22.51 -30.11
CA ALA C 212 7.68 22.24 -31.42
C ALA C 212 6.62 21.84 -32.43
N CYS C 213 5.44 21.45 -31.94
CA CYS C 213 4.32 21.13 -32.81
C CYS C 213 3.81 22.35 -33.55
N GLN C 214 3.87 23.52 -32.88
CA GLN C 214 3.45 24.76 -33.52
C GLN C 214 4.44 25.20 -34.59
N MET C 215 5.65 24.65 -34.59
CA MET C 215 6.60 24.97 -35.64
C MET C 215 6.43 24.04 -36.84
N TYR C 216 5.84 22.86 -36.61
CA TYR C 216 5.61 21.90 -37.68
C TYR C 216 4.61 22.42 -38.70
N ASN C 217 3.75 23.36 -38.30
CA ASN C 217 2.82 23.98 -39.24
C ASN C 217 3.55 24.91 -40.19
N LEU C 218 4.67 25.49 -39.76
CA LEU C 218 5.39 26.44 -40.61
C LEU C 218 6.17 25.73 -41.69
N LEU C 219 6.89 24.67 -41.34
CA LEU C 219 7.78 24.01 -42.29
C LEU C 219 7.02 23.31 -43.40
N LEU C 220 5.78 22.87 -43.13
CA LEU C 220 4.97 22.34 -44.20
C LEU C 220 4.35 23.44 -45.04
N SER C 221 4.15 24.62 -44.46
CA SER C 221 3.47 25.71 -45.18
C SER C 221 4.36 26.37 -46.23
N TYR C 222 5.67 26.24 -46.12
CA TYR C 222 6.57 26.78 -47.15
C TYR C 222 6.88 25.70 -48.18
N ASP C 223 5.82 25.15 -48.74
CA ASP C 223 5.89 24.16 -49.80
C ASP C 223 5.00 24.68 -50.93
N ARG C 224 5.58 25.46 -51.83
CA ARG C 224 4.81 26.13 -52.88
C ARG C 224 4.28 25.14 -53.90
N HIS C 225 5.14 24.24 -54.38
CA HIS C 225 4.75 23.24 -55.37
C HIS C 225 5.24 21.88 -54.93
N GLY C 226 4.52 20.84 -55.35
CA GLY C 226 4.83 19.48 -54.96
C GLY C 226 5.88 18.79 -55.80
N ASP C 227 6.45 19.51 -56.78
CA ASP C 227 7.60 19.07 -57.60
C ASP C 227 7.24 17.85 -58.44
N HIS C 228 5.93 17.67 -58.70
CA HIS C 228 5.33 16.54 -59.43
C HIS C 228 5.73 15.18 -58.85
N LEU C 229 6.04 15.14 -57.56
CA LEU C 229 6.43 13.93 -56.85
C LEU C 229 5.74 13.97 -55.49
N GLN C 230 6.28 13.22 -54.54
CA GLN C 230 5.68 13.10 -53.22
C GLN C 230 5.69 14.46 -52.51
N PRO C 231 4.61 14.82 -51.81
CA PRO C 231 4.44 16.20 -51.34
C PRO C 231 5.05 16.43 -49.96
N LEU C 232 6.33 16.07 -49.81
CA LEU C 232 7.21 16.48 -48.71
C LEU C 232 6.81 15.92 -47.33
N ASP C 233 5.75 15.13 -47.29
CA ASP C 233 5.29 14.50 -46.07
C ASP C 233 5.38 12.99 -46.17
N LEU C 234 5.82 12.48 -47.31
CA LEU C 234 5.97 11.05 -47.50
C LEU C 234 7.39 10.65 -47.89
N VAL C 235 8.39 11.44 -47.55
CA VAL C 235 9.75 11.12 -48.00
C VAL C 235 10.34 10.04 -47.11
N PRO C 236 10.98 9.02 -47.67
CA PRO C 236 11.64 8.01 -46.83
C PRO C 236 13.09 8.34 -46.59
N ASN C 237 13.63 7.85 -45.48
CA ASN C 237 15.05 7.95 -45.19
C ASN C 237 15.76 6.69 -45.66
N HIS C 238 17.05 6.55 -45.34
CA HIS C 238 17.74 5.32 -45.67
C HIS C 238 17.29 4.17 -44.78
N GLN C 239 16.77 4.47 -43.59
CA GLN C 239 16.23 3.45 -42.71
C GLN C 239 14.78 3.14 -43.05
N GLY C 240 14.19 3.89 -43.96
CA GLY C 240 12.92 3.52 -44.59
C GLY C 240 11.67 3.85 -43.81
N LEU C 241 11.53 5.11 -43.36
CA LEU C 241 10.32 5.51 -42.66
C LEU C 241 9.82 6.85 -43.17
N THR C 242 8.52 7.05 -43.05
CA THR C 242 7.85 8.31 -43.26
C THR C 242 7.91 9.11 -41.96
N PRO C 243 7.64 10.43 -41.98
CA PRO C 243 7.56 11.16 -40.71
C PRO C 243 6.42 10.74 -39.83
N PHE C 244 5.32 10.25 -40.42
CA PHE C 244 4.21 9.77 -39.62
C PHE C 244 4.55 8.48 -38.88
N LYS C 245 5.24 7.55 -39.54
CA LYS C 245 5.66 6.32 -38.89
C LYS C 245 6.73 6.59 -37.84
N LEU C 246 7.56 7.61 -38.05
CA LEU C 246 8.65 7.88 -37.12
C LEU C 246 8.13 8.44 -35.81
N ALA C 247 6.95 9.07 -35.84
CA ALA C 247 6.26 9.39 -34.60
C ALA C 247 5.82 8.13 -33.88
N GLY C 248 5.57 7.05 -34.62
CA GLY C 248 5.13 5.82 -34.00
C GLY C 248 6.22 5.06 -33.29
N VAL C 249 7.43 5.07 -33.83
CA VAL C 249 8.49 4.25 -33.26
C VAL C 249 9.07 4.89 -32.00
N GLU C 250 9.28 6.20 -32.01
CA GLU C 250 9.89 6.87 -30.88
C GLU C 250 8.90 7.28 -29.80
N GLY C 251 7.62 7.00 -29.99
CA GLY C 251 6.64 7.27 -28.95
C GLY C 251 6.27 8.71 -28.77
N ASN C 252 6.43 9.53 -29.81
CA ASN C 252 6.12 10.95 -29.72
C ASN C 252 4.61 11.12 -29.74
N THR C 253 4.00 11.15 -28.55
CA THR C 253 2.54 11.04 -28.43
C THR C 253 1.84 12.30 -28.92
N VAL C 254 2.30 13.46 -28.47
CA VAL C 254 1.59 14.71 -28.73
C VAL C 254 1.72 15.09 -30.21
N MET C 255 2.87 14.78 -30.81
CA MET C 255 3.02 15.00 -32.24
C MET C 255 2.21 14.02 -33.07
N PHE C 256 1.92 12.83 -32.52
CA PHE C 256 1.11 11.86 -33.26
C PHE C 256 -0.33 12.33 -33.41
N GLN C 257 -0.81 13.17 -32.49
CA GLN C 257 -2.16 13.70 -32.60
C GLN C 257 -2.28 14.70 -33.74
N HIS C 258 -1.32 15.62 -33.86
CA HIS C 258 -1.41 16.64 -34.89
C HIS C 258 -1.14 16.07 -36.27
N LEU C 259 -0.42 14.95 -36.36
CA LEU C 259 -0.23 14.31 -37.65
C LEU C 259 -1.50 13.61 -38.11
N MET C 260 -2.37 13.25 -37.17
CA MET C 260 -3.59 12.53 -37.49
C MET C 260 -4.61 13.49 -38.08
N GLN C 261 -4.44 14.78 -37.80
CA GLN C 261 -5.41 15.81 -38.15
C GLN C 261 -5.52 16.02 -39.65
N LYS C 262 -4.48 15.67 -40.41
CA LYS C 262 -4.57 15.78 -41.86
C LYS C 262 -5.23 14.54 -42.47
N ARG C 263 -5.23 13.42 -41.73
CA ARG C 263 -5.74 12.18 -42.31
C ARG C 263 -7.24 12.03 -42.19
N LYS C 264 -7.83 12.32 -41.03
CA LYS C 264 -9.25 12.13 -40.84
C LYS C 264 -10.01 13.32 -41.39
N HIS C 265 -11.29 13.12 -41.68
CA HIS C 265 -12.19 14.21 -42.05
C HIS C 265 -13.59 13.84 -41.60
N THR C 266 -14.26 14.78 -40.94
CA THR C 266 -15.56 14.53 -40.35
C THR C 266 -16.61 14.37 -41.44
N GLN C 267 -17.68 13.65 -41.11
CA GLN C 267 -18.67 13.25 -42.10
C GLN C 267 -20.03 13.89 -41.83
N TRP C 268 -20.58 13.74 -40.63
CA TRP C 268 -21.84 14.36 -40.27
C TRP C 268 -21.94 14.50 -38.76
N THR C 269 -22.12 15.73 -38.30
CA THR C 269 -22.30 16.02 -36.89
C THR C 269 -23.78 16.14 -36.57
N TYR C 270 -24.19 15.55 -35.45
CA TYR C 270 -25.60 15.43 -35.09
C TYR C 270 -25.72 15.64 -33.58
N GLY C 271 -25.88 16.89 -33.18
CA GLY C 271 -25.94 17.25 -31.78
C GLY C 271 -24.66 16.91 -31.05
N PRO C 272 -24.77 16.18 -29.95
CA PRO C 272 -23.56 15.70 -29.27
C PRO C 272 -23.00 14.45 -29.89
N LEU C 273 -23.68 13.88 -30.89
CA LEU C 273 -23.18 12.70 -31.57
C LEU C 273 -22.50 13.11 -32.87
N THR C 274 -21.23 12.73 -33.01
CA THR C 274 -20.48 13.02 -34.23
C THR C 274 -19.91 11.73 -34.76
N SER C 275 -19.48 11.76 -36.02
CA SER C 275 -19.07 10.54 -36.70
C SER C 275 -18.02 10.85 -37.74
N THR C 276 -16.80 10.33 -37.53
CA THR C 276 -15.67 10.60 -38.39
C THR C 276 -15.39 9.40 -39.28
N LEU C 277 -14.29 9.49 -40.04
CA LEU C 277 -13.91 8.46 -40.99
C LEU C 277 -12.38 8.50 -41.13
N TYR C 278 -11.69 7.60 -40.44
CA TYR C 278 -10.24 7.62 -40.44
C TYR C 278 -9.71 7.08 -41.76
N ASP C 279 -8.48 7.49 -42.09
CA ASP C 279 -7.95 7.18 -43.41
C ASP C 279 -7.50 5.73 -43.49
N LEU C 280 -6.50 5.38 -42.68
CA LEU C 280 -5.99 4.01 -42.51
C LEU C 280 -5.46 3.46 -43.83
N THR C 281 -4.40 4.09 -44.33
CA THR C 281 -3.61 3.51 -45.39
C THR C 281 -2.20 3.21 -44.95
N GLU C 282 -1.87 3.54 -43.70
CA GLU C 282 -0.50 3.44 -43.22
C GLU C 282 -0.44 2.81 -41.84
N ILE C 283 -1.56 2.66 -41.14
CA ILE C 283 -1.56 2.08 -39.80
C ILE C 283 -2.08 0.66 -39.85
N ASP C 284 -1.98 0.02 -41.00
CA ASP C 284 -2.47 -1.35 -41.15
C ASP C 284 -1.49 -2.21 -41.93
N SER C 285 -1.43 -3.50 -41.62
CA SER C 285 -0.45 -4.42 -42.20
C SER C 285 -0.75 -4.84 -43.63
N SER C 286 -1.79 -4.26 -44.24
CA SER C 286 -2.10 -4.57 -45.64
C SER C 286 -1.02 -3.97 -46.55
N GLY C 287 -0.13 -4.82 -47.04
CA GLY C 287 0.93 -4.39 -47.92
C GLY C 287 1.86 -5.51 -48.32
N ASP C 288 3.13 -5.20 -48.49
CA ASP C 288 4.15 -6.16 -48.89
C ASP C 288 5.34 -6.02 -47.96
N GLU C 289 5.32 -4.96 -47.15
CA GLU C 289 6.43 -4.59 -46.31
C GLU C 289 5.94 -4.13 -44.94
N GLN C 290 6.80 -3.43 -44.20
CA GLN C 290 6.53 -2.92 -42.86
C GLN C 290 5.29 -2.04 -42.79
N SER C 291 4.63 -2.07 -41.64
CA SER C 291 3.51 -1.19 -41.33
C SER C 291 3.74 -0.53 -39.98
N LEU C 292 2.73 0.17 -39.46
CA LEU C 292 2.88 0.79 -38.15
C LEU C 292 2.78 -0.24 -37.02
N LEU C 293 1.80 -1.14 -37.10
CA LEU C 293 1.64 -2.17 -36.08
C LEU C 293 2.77 -3.19 -36.08
N GLU C 294 3.54 -3.27 -37.15
CA GLU C 294 4.72 -4.13 -37.13
C GLU C 294 5.82 -3.53 -36.26
N LEU C 295 6.00 -2.21 -36.32
CA LEU C 295 7.17 -1.60 -35.71
C LEU C 295 6.96 -1.23 -34.25
N ILE C 296 5.71 -1.06 -33.81
CA ILE C 296 5.48 -0.72 -32.41
C ILE C 296 5.78 -1.91 -31.51
N ILE C 297 5.52 -3.12 -32.00
CA ILE C 297 5.85 -4.31 -31.23
C ILE C 297 7.35 -4.57 -31.26
N THR C 298 8.00 -4.28 -32.40
CA THR C 298 9.39 -4.65 -32.59
C THR C 298 10.32 -3.77 -31.75
N THR C 299 9.99 -2.49 -31.62
CA THR C 299 10.77 -1.65 -30.72
C THR C 299 10.45 -1.99 -29.27
N LYS C 300 11.34 -1.58 -28.37
CA LYS C 300 11.20 -1.88 -26.96
C LYS C 300 11.15 -0.62 -26.10
N LYS C 301 10.98 0.54 -26.74
CA LYS C 301 10.84 1.81 -26.02
C LYS C 301 9.57 1.82 -25.19
N ARG C 302 9.68 2.23 -23.93
CA ARG C 302 8.56 2.17 -22.98
C ARG C 302 7.49 3.18 -23.36
N GLU C 303 7.88 4.32 -23.91
CA GLU C 303 6.93 5.32 -24.34
C GLU C 303 6.21 4.94 -25.62
N ALA C 304 6.83 4.08 -26.45
CA ALA C 304 6.28 3.76 -27.76
C ALA C 304 5.02 2.92 -27.67
N ARG C 305 4.81 2.18 -26.60
CA ARG C 305 3.61 1.37 -26.46
C ARG C 305 2.46 2.11 -25.80
N GLN C 306 2.43 3.43 -25.89
CA GLN C 306 1.24 4.19 -25.49
C GLN C 306 0.47 4.71 -26.69
N ILE C 307 0.89 4.39 -27.92
CA ILE C 307 0.12 4.80 -29.08
C ILE C 307 -1.01 3.81 -29.32
N LEU C 308 -0.95 2.65 -28.69
CA LEU C 308 -2.01 1.65 -28.66
C LEU C 308 -3.20 2.04 -27.79
N ASP C 309 -3.28 3.27 -27.29
CA ASP C 309 -4.42 3.74 -26.52
C ASP C 309 -5.15 4.89 -27.22
N GLN C 310 -4.58 5.45 -28.28
CA GLN C 310 -5.21 6.55 -28.98
C GLN C 310 -6.29 6.02 -29.92
N THR C 311 -7.20 6.91 -30.33
CA THR C 311 -8.43 6.52 -31.01
C THR C 311 -8.35 5.82 -32.38
N PRO C 312 -7.36 6.01 -33.26
CA PRO C 312 -7.34 5.18 -34.47
C PRO C 312 -6.75 3.81 -34.28
N VAL C 313 -5.79 3.63 -33.38
CA VAL C 313 -5.11 2.35 -33.27
C VAL C 313 -5.89 1.37 -32.39
N LYS C 314 -6.52 1.87 -31.33
CA LYS C 314 -7.26 1.00 -30.42
C LYS C 314 -8.50 0.43 -31.10
N GLU C 315 -9.18 1.23 -31.91
CA GLU C 315 -10.37 0.74 -32.61
C GLU C 315 -10.00 -0.28 -33.68
N LEU C 316 -8.81 -0.16 -34.27
CA LEU C 316 -8.40 -1.12 -35.30
C LEU C 316 -8.01 -2.44 -34.68
N VAL C 317 -7.33 -2.42 -33.53
CA VAL C 317 -6.87 -3.67 -32.96
C VAL C 317 -7.99 -4.41 -32.24
N SER C 318 -8.99 -3.70 -31.71
CA SER C 318 -10.08 -4.39 -31.04
C SER C 318 -11.11 -4.91 -32.02
N LEU C 319 -11.26 -4.28 -33.19
CA LEU C 319 -12.14 -4.84 -34.20
C LEU C 319 -11.51 -6.06 -34.86
N LYS C 320 -10.18 -6.09 -34.94
CA LYS C 320 -9.49 -7.27 -35.42
C LYS C 320 -9.21 -8.28 -34.34
N TRP C 321 -9.89 -8.23 -33.20
CA TRP C 321 -9.71 -9.26 -32.19
C TRP C 321 -11.01 -9.80 -31.60
N LYS C 322 -12.08 -9.01 -31.54
CA LYS C 322 -13.35 -9.58 -31.13
C LYS C 322 -13.92 -10.48 -32.21
N ARG C 323 -13.65 -10.14 -33.46
CA ARG C 323 -13.89 -11.03 -34.59
C ARG C 323 -12.59 -11.18 -35.35
N TYR C 324 -12.54 -12.23 -36.19
CA TYR C 324 -11.49 -12.54 -37.15
C TYR C 324 -10.17 -12.99 -36.53
N GLY C 325 -10.02 -12.86 -35.21
CA GLY C 325 -8.76 -13.23 -34.60
C GLY C 325 -8.88 -14.21 -33.45
N ARG C 326 -9.98 -14.18 -32.73
CA ARG C 326 -10.11 -14.98 -31.53
C ARG C 326 -10.57 -16.42 -31.79
N PRO C 327 -11.56 -16.72 -32.66
CA PRO C 327 -11.78 -18.12 -32.98
C PRO C 327 -10.69 -18.73 -33.86
N TYR C 328 -9.85 -17.93 -34.51
CA TYR C 328 -8.68 -18.51 -35.15
C TYR C 328 -7.56 -18.70 -34.14
N PHE C 329 -7.69 -18.09 -32.96
CA PHE C 329 -6.69 -18.30 -31.92
C PHE C 329 -7.03 -19.49 -31.05
N CYS C 330 -8.32 -19.79 -30.89
CA CYS C 330 -8.70 -20.97 -30.14
C CYS C 330 -8.90 -22.19 -31.04
N MET C 331 -8.95 -22.02 -32.35
CA MET C 331 -8.82 -23.18 -33.22
C MET C 331 -7.41 -23.75 -33.13
N LEU C 332 -6.39 -22.89 -33.11
CA LEU C 332 -5.04 -23.32 -32.77
C LEU C 332 -4.90 -23.67 -31.29
N GLY C 333 -5.86 -23.30 -30.46
CA GLY C 333 -5.84 -23.72 -29.07
C GLY C 333 -6.13 -25.20 -28.94
N ALA C 334 -7.27 -25.64 -29.47
CA ALA C 334 -7.69 -27.02 -29.29
C ALA C 334 -6.88 -28.01 -30.11
N ILE C 335 -6.27 -27.58 -31.22
CA ILE C 335 -5.41 -28.48 -31.98
C ILE C 335 -4.15 -28.79 -31.19
N TYR C 336 -3.61 -27.80 -30.48
CA TYR C 336 -2.40 -28.01 -29.71
C TYR C 336 -2.64 -28.84 -28.47
N LEU C 337 -3.82 -28.72 -27.84
CA LEU C 337 -4.07 -29.50 -26.64
C LEU C 337 -4.36 -30.96 -26.99
N LEU C 338 -4.90 -31.21 -28.18
CA LEU C 338 -5.05 -32.58 -28.66
C LEU C 338 -3.78 -33.09 -29.34
N TYR C 339 -2.67 -32.38 -29.20
CA TYR C 339 -1.39 -32.91 -29.65
C TYR C 339 -0.65 -33.56 -28.50
N ILE C 340 -0.61 -32.91 -27.34
CA ILE C 340 0.19 -33.41 -26.23
C ILE C 340 -0.54 -34.54 -25.50
N ILE C 341 -1.88 -34.52 -25.51
CA ILE C 341 -2.62 -35.64 -24.94
C ILE C 341 -2.47 -36.88 -25.80
N CYS C 342 -2.34 -36.72 -27.12
CA CYS C 342 -1.94 -37.84 -27.96
C CYS C 342 -0.44 -38.08 -27.94
N PHE C 343 0.30 -37.38 -27.08
CA PHE C 343 1.72 -37.62 -26.84
C PHE C 343 1.99 -38.21 -25.47
N THR C 344 1.31 -37.72 -24.43
CA THR C 344 1.43 -38.30 -23.10
C THR C 344 0.90 -39.74 -23.07
N MET C 345 -0.23 -39.98 -23.75
CA MET C 345 -0.70 -41.34 -23.97
C MET C 345 0.29 -42.17 -24.78
N CYS C 346 1.07 -41.54 -25.66
CA CYS C 346 2.16 -42.26 -26.31
C CYS C 346 3.35 -42.43 -25.38
N CYS C 347 3.46 -41.62 -24.34
CA CYS C 347 4.62 -41.71 -23.45
C CYS C 347 4.48 -42.82 -22.42
N ILE C 348 3.33 -42.89 -21.75
CA ILE C 348 3.21 -43.79 -20.61
C ILE C 348 3.11 -45.26 -21.00
N TYR C 349 2.92 -45.57 -22.28
CA TYR C 349 2.95 -46.95 -22.73
C TYR C 349 4.28 -47.29 -23.39
N ARG C 350 5.37 -47.19 -22.64
CA ARG C 350 6.64 -47.57 -23.24
C ARG C 350 6.78 -49.09 -23.30
N PRO C 351 7.45 -49.62 -24.32
CA PRO C 351 7.63 -51.07 -24.41
C PRO C 351 8.64 -51.57 -23.38
N LEU C 352 8.18 -52.45 -22.49
CA LEU C 352 8.99 -52.91 -21.36
C LEU C 352 8.95 -54.42 -21.27
N LYS C 353 9.79 -54.98 -20.38
CA LYS C 353 9.90 -56.41 -20.15
C LYS C 353 10.52 -56.58 -18.76
N PRO C 354 10.64 -57.80 -18.21
CA PRO C 354 11.45 -57.95 -16.99
C PRO C 354 12.94 -57.96 -17.32
N ARG C 355 13.75 -57.72 -16.30
CA ARG C 355 15.19 -57.44 -16.47
C ARG C 355 15.98 -58.73 -16.53
N THR C 356 16.10 -59.28 -17.74
CA THR C 356 16.80 -60.54 -17.93
C THR C 356 18.24 -60.29 -18.36
N ASN C 357 19.09 -61.31 -18.14
CA ASN C 357 20.48 -61.39 -18.60
C ASN C 357 21.38 -60.33 -17.94
N ASN C 358 20.84 -59.60 -16.96
CA ASN C 358 21.57 -58.58 -16.24
C ASN C 358 21.16 -58.63 -14.78
N ARG C 359 21.18 -59.84 -14.20
CA ARG C 359 20.74 -60.08 -12.83
C ARG C 359 21.51 -59.22 -11.83
N THR C 360 20.82 -58.82 -10.77
CA THR C 360 21.23 -57.73 -9.89
C THR C 360 22.52 -58.01 -9.16
N SER C 361 23.61 -57.35 -9.57
CA SER C 361 24.92 -57.57 -8.97
C SER C 361 25.11 -56.78 -7.67
N PRO C 362 24.89 -55.42 -7.59
CA PRO C 362 25.02 -54.78 -6.27
C PRO C 362 23.82 -55.10 -5.39
N ARG C 363 24.03 -55.26 -4.09
CA ARG C 363 22.92 -55.60 -3.22
C ARG C 363 22.33 -54.35 -2.58
N ASP C 364 21.01 -54.19 -2.75
CA ASP C 364 20.16 -53.17 -2.14
C ASP C 364 20.60 -51.75 -2.48
N ASN C 365 21.29 -51.56 -3.60
CA ASN C 365 21.66 -50.23 -4.04
C ASN C 365 21.41 -49.99 -5.52
N THR C 366 20.76 -50.91 -6.20
CA THR C 366 20.20 -50.66 -7.52
C THR C 366 18.79 -51.23 -7.54
N LEU C 367 17.88 -50.50 -8.14
CA LEU C 367 16.49 -50.93 -8.05
C LEU C 367 15.84 -50.73 -9.43
N LEU C 368 16.51 -51.23 -10.47
CA LEU C 368 15.96 -51.28 -11.80
C LEU C 368 15.44 -52.69 -12.06
N GLN C 369 14.29 -52.80 -12.74
CA GLN C 369 13.82 -54.12 -13.13
C GLN C 369 13.08 -54.10 -14.47
N GLN C 370 13.39 -53.15 -15.36
CA GLN C 370 12.67 -53.11 -16.63
C GLN C 370 13.53 -53.32 -17.87
N LYS C 371 14.53 -52.45 -18.14
CA LYS C 371 15.47 -52.58 -19.28
C LYS C 371 14.74 -52.64 -20.62
N LEU C 372 14.21 -51.51 -21.08
CA LEU C 372 13.27 -51.35 -22.20
C LEU C 372 13.59 -52.09 -23.49
N LEU C 373 12.55 -52.41 -24.26
CA LEU C 373 12.61 -53.16 -25.51
C LEU C 373 13.23 -52.32 -26.63
N GLN C 374 13.57 -52.97 -27.74
CA GLN C 374 14.15 -52.26 -28.87
C GLN C 374 13.56 -52.64 -30.23
N GLU C 375 13.06 -53.87 -30.37
CA GLU C 375 12.58 -54.39 -31.65
C GLU C 375 11.24 -55.11 -31.42
N ALA C 376 10.33 -54.42 -30.76
CA ALA C 376 9.05 -55.02 -30.39
C ALA C 376 7.88 -54.14 -30.85
N TYR C 377 7.92 -53.69 -32.10
CA TYR C 377 6.74 -53.14 -32.77
C TYR C 377 6.05 -54.19 -33.64
N MET C 378 6.20 -55.47 -33.29
CA MET C 378 5.53 -56.56 -33.98
C MET C 378 4.75 -57.35 -32.92
N THR C 379 3.55 -56.87 -32.61
CA THR C 379 2.69 -57.36 -31.55
C THR C 379 1.28 -56.86 -31.86
N PRO C 380 0.24 -57.71 -31.76
CA PRO C 380 -1.11 -57.26 -32.13
C PRO C 380 -1.84 -56.47 -31.05
N LYS C 381 -1.14 -55.53 -30.40
CA LYS C 381 -1.78 -54.46 -29.66
C LYS C 381 -1.09 -53.18 -30.04
N ASP C 382 0.17 -53.31 -30.47
CA ASP C 382 1.10 -52.19 -30.53
C ASP C 382 0.93 -51.40 -31.82
N ASP C 383 -0.01 -51.81 -32.66
CA ASP C 383 -0.21 -51.11 -33.92
C ASP C 383 -0.87 -49.75 -33.70
N ILE C 384 -1.56 -49.56 -32.57
CA ILE C 384 -2.13 -48.24 -32.31
C ILE C 384 -1.05 -47.27 -31.85
N ARG C 385 -0.04 -47.77 -31.15
CA ARG C 385 1.02 -46.88 -30.67
C ARG C 385 1.98 -46.52 -31.80
N LEU C 386 2.03 -47.32 -32.87
CA LEU C 386 2.79 -46.93 -34.06
C LEU C 386 2.17 -45.70 -34.70
N VAL C 387 0.85 -45.57 -34.62
CA VAL C 387 0.18 -44.32 -34.97
C VAL C 387 0.54 -43.24 -33.97
N GLY C 388 0.79 -43.63 -32.71
CA GLY C 388 1.05 -42.65 -31.66
C GLY C 388 2.34 -41.91 -31.83
N GLU C 389 3.41 -42.60 -32.23
CA GLU C 389 4.64 -41.87 -32.56
C GLU C 389 4.54 -41.17 -33.90
N LEU C 390 3.79 -41.74 -34.85
CA LEU C 390 3.73 -41.17 -36.20
C LEU C 390 2.96 -39.86 -36.22
N VAL C 391 2.03 -39.67 -35.28
CA VAL C 391 1.36 -38.39 -35.18
C VAL C 391 2.30 -37.34 -34.60
N THR C 392 2.94 -37.66 -33.47
CA THR C 392 3.71 -36.65 -32.77
C THR C 392 5.04 -36.34 -33.44
N VAL C 393 5.51 -37.21 -34.35
CA VAL C 393 6.78 -36.89 -35.00
C VAL C 393 6.53 -36.14 -36.31
N ILE C 394 5.31 -36.19 -36.85
CA ILE C 394 5.00 -35.33 -37.99
C ILE C 394 4.85 -33.88 -37.54
N GLY C 395 4.24 -33.68 -36.38
CA GLY C 395 4.12 -32.33 -35.84
C GLY C 395 5.44 -31.70 -35.47
N ALA C 396 6.40 -32.50 -35.02
CA ALA C 396 7.71 -31.96 -34.69
C ALA C 396 8.46 -31.53 -35.95
N ILE C 397 8.15 -32.10 -37.10
CA ILE C 397 8.67 -31.58 -38.35
C ILE C 397 7.99 -30.25 -38.69
N ILE C 398 6.70 -30.12 -38.38
CA ILE C 398 5.94 -28.92 -38.71
C ILE C 398 6.32 -27.76 -37.79
N ILE C 399 6.72 -28.05 -36.55
CA ILE C 399 7.20 -27.01 -35.65
C ILE C 399 8.51 -26.41 -36.15
N LEU C 400 9.45 -27.26 -36.57
CA LEU C 400 10.72 -26.74 -37.05
C LEU C 400 10.60 -26.16 -38.46
N LEU C 401 9.53 -26.48 -39.19
CA LEU C 401 9.35 -25.85 -40.49
C LEU C 401 8.38 -24.67 -40.44
N VAL C 402 8.14 -24.10 -39.27
CA VAL C 402 7.32 -22.90 -39.14
C VAL C 402 7.99 -21.85 -38.27
N GLU C 403 9.08 -22.18 -37.59
CA GLU C 403 9.81 -21.24 -36.77
C GLU C 403 11.26 -21.04 -37.21
N VAL C 404 11.97 -22.11 -37.58
CA VAL C 404 13.34 -21.97 -38.05
C VAL C 404 13.45 -21.16 -39.34
N PRO C 405 12.47 -21.20 -40.29
CA PRO C 405 12.51 -20.19 -41.36
C PRO C 405 12.07 -18.78 -40.97
N ASP C 406 11.97 -18.48 -39.67
CA ASP C 406 11.86 -17.08 -39.27
C ASP C 406 13.13 -16.53 -38.65
N ILE C 407 14.27 -17.22 -38.79
CA ILE C 407 15.54 -16.64 -38.38
C ILE C 407 16.60 -16.82 -39.46
N PHE C 408 16.15 -17.17 -40.68
CA PHE C 408 17.03 -17.05 -41.84
C PHE C 408 16.55 -15.89 -42.69
N ARG C 409 15.25 -15.63 -42.69
CA ARG C 409 14.72 -14.42 -43.31
C ARG C 409 14.87 -13.21 -42.41
N MET C 410 14.74 -13.41 -41.10
CA MET C 410 14.95 -12.38 -40.11
C MET C 410 16.31 -12.62 -39.46
N GLY C 411 16.76 -11.70 -38.60
CA GLY C 411 18.06 -11.84 -37.97
C GLY C 411 18.07 -12.88 -36.86
N VAL C 412 19.28 -13.35 -36.55
CA VAL C 412 19.48 -14.41 -35.57
C VAL C 412 19.46 -13.88 -34.14
N THR C 413 19.26 -12.58 -33.95
CA THR C 413 19.14 -12.00 -32.63
C THR C 413 17.73 -11.56 -32.28
N ARG C 414 16.74 -11.88 -33.11
CA ARG C 414 15.38 -11.44 -32.82
C ARG C 414 14.70 -12.36 -31.81
N PHE C 415 15.19 -13.59 -31.67
CA PHE C 415 14.74 -14.43 -30.57
C PHE C 415 15.22 -13.89 -29.24
N PHE C 416 16.39 -13.26 -29.22
CA PHE C 416 16.82 -12.42 -28.11
C PHE C 416 16.42 -10.96 -28.31
N GLY C 417 15.46 -10.68 -29.20
CA GLY C 417 15.05 -9.32 -29.48
C GLY C 417 13.59 -9.03 -29.16
N GLN C 418 12.71 -10.02 -29.30
CA GLN C 418 11.31 -9.89 -28.90
C GLN C 418 11.06 -10.55 -27.54
N THR C 419 12.10 -10.76 -26.74
CA THR C 419 12.03 -11.59 -25.54
C THR C 419 11.17 -10.97 -24.45
N ILE C 420 10.99 -9.65 -24.45
CA ILE C 420 10.17 -9.03 -23.42
C ILE C 420 8.69 -9.27 -23.68
N LEU C 421 8.25 -9.11 -24.93
CA LEU C 421 6.81 -9.18 -25.22
C LEU C 421 6.30 -10.60 -25.38
N GLY C 422 6.72 -11.28 -26.44
CA GLY C 422 6.21 -12.60 -26.78
C GLY C 422 7.32 -13.57 -27.09
N GLY C 423 8.41 -13.47 -26.35
CA GLY C 423 9.67 -14.07 -26.72
C GLY C 423 10.09 -15.44 -26.19
N PRO C 424 10.05 -15.69 -24.88
CA PRO C 424 10.64 -16.96 -24.38
C PRO C 424 9.85 -18.20 -24.75
N PHE C 425 8.63 -18.05 -25.26
CA PHE C 425 7.93 -19.21 -25.79
C PHE C 425 8.47 -19.65 -27.14
N HIS C 426 9.00 -18.72 -27.94
CA HIS C 426 9.62 -19.13 -29.20
C HIS C 426 10.95 -19.81 -28.96
N VAL C 427 11.61 -19.55 -27.83
CA VAL C 427 12.73 -20.38 -27.43
C VAL C 427 12.23 -21.75 -27.00
N LEU C 428 11.08 -21.79 -26.33
CA LEU C 428 10.64 -22.99 -25.64
C LEU C 428 10.06 -24.02 -26.61
N ILE C 429 9.37 -23.56 -27.66
CA ILE C 429 8.80 -24.48 -28.66
C ILE C 429 9.88 -25.07 -29.57
N ILE C 430 10.97 -24.35 -29.81
CA ILE C 430 12.10 -24.91 -30.55
C ILE C 430 12.74 -26.04 -29.76
N THR C 431 12.92 -25.85 -28.47
CA THR C 431 13.57 -26.85 -27.63
C THR C 431 12.68 -28.07 -27.43
N TYR C 432 11.36 -27.90 -27.51
CA TYR C 432 10.45 -29.05 -27.43
C TYR C 432 10.63 -29.98 -28.63
N ALA C 433 10.57 -29.43 -29.84
CA ALA C 433 10.66 -30.25 -31.03
C ALA C 433 12.05 -30.82 -31.23
N PHE C 434 13.07 -30.18 -30.66
CA PHE C 434 14.42 -30.74 -30.76
C PHE C 434 14.59 -31.91 -29.81
N MET C 435 13.84 -31.95 -28.71
CA MET C 435 13.92 -33.10 -27.81
C MET C 435 13.12 -34.29 -28.31
N VAL C 436 12.00 -34.06 -28.99
CA VAL C 436 11.21 -35.18 -29.51
C VAL C 436 11.90 -35.80 -30.71
N LEU C 437 12.68 -35.02 -31.46
CA LEU C 437 13.47 -35.63 -32.52
C LEU C 437 14.65 -36.42 -31.98
N VAL C 438 15.09 -36.17 -30.74
CA VAL C 438 16.16 -36.99 -30.18
C VAL C 438 15.66 -38.39 -29.87
N THR C 439 14.48 -38.49 -29.27
CA THR C 439 13.96 -39.81 -28.89
C THR C 439 13.54 -40.65 -30.09
N MET C 440 13.39 -40.06 -31.27
CA MET C 440 13.29 -40.88 -32.48
C MET C 440 14.64 -41.45 -32.86
N VAL C 441 15.71 -40.66 -32.70
CA VAL C 441 17.05 -41.11 -33.09
C VAL C 441 17.52 -42.24 -32.19
N MET C 442 17.24 -42.14 -30.88
CA MET C 442 17.72 -43.16 -29.96
C MET C 442 16.93 -44.46 -30.06
N ARG C 443 15.63 -44.38 -30.30
CA ARG C 443 14.83 -45.59 -30.38
C ARG C 443 15.02 -46.31 -31.70
N LEU C 444 15.31 -45.58 -32.78
CA LEU C 444 15.61 -46.24 -34.04
C LEU C 444 16.98 -46.91 -34.01
N ILE C 445 17.94 -46.29 -33.31
CA ILE C 445 19.28 -46.87 -33.19
C ILE C 445 19.35 -47.87 -32.03
N SER C 446 18.23 -48.04 -31.29
CA SER C 446 18.10 -48.95 -30.14
C SER C 446 19.09 -48.59 -29.03
N ALA C 447 18.96 -47.38 -28.51
CA ALA C 447 19.82 -46.92 -27.44
C ALA C 447 19.32 -47.44 -26.10
N SER C 448 20.12 -47.23 -25.06
CA SER C 448 19.76 -47.70 -23.73
C SER C 448 19.18 -46.56 -22.88
N GLY C 449 19.95 -45.48 -22.72
CA GLY C 449 19.46 -44.33 -21.98
C GLY C 449 18.39 -43.63 -22.78
N GLU C 450 17.15 -43.70 -22.32
CA GLU C 450 16.03 -43.29 -23.14
C GLU C 450 15.12 -42.27 -22.50
N VAL C 451 14.97 -42.29 -21.17
CA VAL C 451 14.01 -41.39 -20.55
C VAL C 451 14.62 -40.03 -20.24
N VAL C 452 15.91 -39.83 -20.54
CA VAL C 452 16.58 -38.58 -20.24
C VAL C 452 16.10 -37.44 -21.16
N PRO C 453 15.96 -37.60 -22.49
CA PRO C 453 15.31 -36.51 -23.23
C PRO C 453 13.81 -36.60 -23.24
N MET C 454 13.23 -37.75 -22.95
CA MET C 454 11.79 -37.90 -23.06
C MET C 454 11.09 -37.26 -21.86
N SER C 455 11.80 -37.11 -20.75
CA SER C 455 11.23 -36.39 -19.61
C SER C 455 11.35 -34.88 -19.80
N PHE C 456 12.37 -34.44 -20.55
CA PHE C 456 12.41 -33.03 -20.93
C PHE C 456 11.37 -32.73 -21.99
N ALA C 457 10.97 -33.73 -22.76
CA ALA C 457 9.99 -33.53 -23.81
C ALA C 457 8.56 -33.60 -23.29
N LEU C 458 8.36 -33.59 -21.99
CA LEU C 458 7.03 -33.66 -21.42
C LEU C 458 6.77 -32.59 -20.38
N VAL C 459 7.81 -32.02 -19.79
CA VAL C 459 7.65 -30.74 -19.11
C VAL C 459 7.54 -29.61 -20.13
N LEU C 460 8.43 -29.56 -21.11
CA LEU C 460 8.40 -28.51 -22.12
C LEU C 460 7.22 -28.61 -23.07
N GLY C 461 6.53 -29.76 -23.12
CA GLY C 461 5.25 -29.79 -23.79
C GLY C 461 4.17 -29.11 -22.97
N TRP C 462 3.91 -29.63 -21.77
CA TRP C 462 2.79 -29.16 -20.95
C TRP C 462 3.02 -27.77 -20.41
N CYS C 463 4.27 -27.32 -20.30
CA CYS C 463 4.47 -25.94 -19.89
C CYS C 463 4.49 -25.00 -21.09
N ASN C 464 4.25 -25.52 -22.29
CA ASN C 464 4.16 -24.64 -23.44
C ASN C 464 2.72 -24.45 -23.89
N VAL C 465 1.77 -25.01 -23.14
CA VAL C 465 0.37 -24.70 -23.37
C VAL C 465 0.07 -23.51 -22.46
N MET C 466 1.07 -23.09 -21.69
CA MET C 466 1.06 -21.80 -21.00
C MET C 466 0.94 -20.65 -21.99
N TYR C 467 1.51 -20.80 -23.19
CA TYR C 467 1.49 -19.76 -24.22
C TYR C 467 0.09 -19.37 -24.64
N PHE C 468 -0.88 -20.26 -24.51
CA PHE C 468 -2.25 -19.93 -24.87
C PHE C 468 -3.02 -19.31 -23.71
N ALA C 469 -2.35 -18.71 -22.73
CA ALA C 469 -3.05 -17.99 -21.70
C ALA C 469 -3.07 -16.49 -21.94
N ARG C 470 -2.38 -16.00 -22.97
CA ARG C 470 -2.46 -14.59 -23.28
C ARG C 470 -3.74 -14.23 -24.00
N GLY C 471 -4.44 -15.20 -24.56
CA GLY C 471 -5.66 -14.92 -25.28
C GLY C 471 -6.81 -14.55 -24.36
N PHE C 472 -6.96 -15.28 -23.27
CA PHE C 472 -8.11 -15.09 -22.40
C PHE C 472 -7.81 -13.99 -21.40
N GLN C 473 -8.72 -13.05 -21.23
CA GLN C 473 -8.60 -12.15 -20.09
C GLN C 473 -8.97 -12.94 -18.86
N MET C 474 -8.44 -12.51 -17.69
CA MET C 474 -8.47 -13.17 -16.37
C MET C 474 -7.55 -14.39 -16.42
N LEU C 475 -6.68 -14.46 -17.43
CA LEU C 475 -5.57 -15.40 -17.42
C LEU C 475 -4.36 -14.74 -18.05
N GLY C 476 -4.48 -13.46 -18.38
CA GLY C 476 -3.52 -12.73 -19.16
C GLY C 476 -2.60 -11.82 -18.35
N PRO C 477 -3.12 -11.12 -17.35
CA PRO C 477 -2.23 -10.49 -16.36
C PRO C 477 -1.68 -11.45 -15.32
N PHE C 478 -1.69 -12.76 -15.56
CA PHE C 478 -1.10 -13.71 -14.64
C PHE C 478 -0.05 -14.57 -15.34
N THR C 479 0.07 -14.45 -16.66
CA THR C 479 1.23 -15.01 -17.34
C THR C 479 2.29 -13.95 -17.57
N ILE C 480 1.89 -12.72 -17.88
CA ILE C 480 2.87 -11.64 -18.02
C ILE C 480 3.40 -11.18 -16.67
N MET C 481 2.74 -11.57 -15.58
CA MET C 481 3.31 -11.33 -14.25
C MET C 481 4.41 -12.31 -13.93
N ILE C 482 4.21 -13.58 -14.25
CA ILE C 482 5.18 -14.60 -13.85
C ILE C 482 6.39 -14.57 -14.78
N GLN C 483 6.25 -13.97 -15.97
CA GLN C 483 7.42 -13.72 -16.82
C GLN C 483 8.29 -12.61 -16.24
N LYS C 484 7.67 -11.65 -15.57
CA LYS C 484 8.40 -10.59 -14.89
C LYS C 484 8.95 -11.08 -13.55
N MET C 485 8.67 -12.32 -13.17
CA MET C 485 9.05 -12.80 -11.85
C MET C 485 10.06 -13.93 -11.90
N ILE C 486 10.00 -14.83 -12.88
CA ILE C 486 11.04 -15.85 -13.02
C ILE C 486 12.33 -15.25 -13.52
N PHE C 487 12.28 -14.08 -14.15
CA PHE C 487 13.45 -13.24 -14.35
C PHE C 487 13.30 -12.10 -13.36
N GLY C 488 14.39 -11.43 -13.05
CA GLY C 488 14.27 -10.34 -12.11
C GLY C 488 14.36 -10.83 -10.68
N ASP C 489 13.22 -11.07 -10.03
CA ASP C 489 13.21 -11.21 -8.58
C ASP C 489 13.69 -12.59 -8.13
N LEU C 490 13.39 -13.64 -8.88
CA LEU C 490 13.84 -14.95 -8.43
C LEU C 490 15.30 -15.18 -8.81
N MET C 491 15.80 -14.52 -9.86
CA MET C 491 17.24 -14.55 -10.11
C MET C 491 17.97 -13.59 -9.18
N ARG C 492 17.24 -12.70 -8.51
CA ARG C 492 17.82 -11.90 -7.43
C ARG C 492 18.00 -12.73 -6.18
N PHE C 493 17.30 -13.86 -6.10
CA PHE C 493 17.27 -14.66 -4.88
C PHE C 493 17.99 -16.00 -5.03
N CYS C 494 18.05 -16.54 -6.24
CA CYS C 494 18.60 -17.88 -6.43
C CYS C 494 20.11 -17.89 -6.26
N TRP C 495 20.75 -16.73 -6.42
CA TRP C 495 22.16 -16.65 -6.06
C TRP C 495 22.33 -16.75 -4.55
N LEU C 496 21.69 -15.88 -3.80
CA LEU C 496 21.77 -15.93 -2.34
C LEU C 496 21.11 -17.15 -1.74
N MET C 497 20.27 -17.86 -2.50
CA MET C 497 19.89 -19.18 -2.06
C MET C 497 21.02 -20.17 -2.29
N ALA C 498 21.68 -20.11 -3.44
CA ALA C 498 22.76 -21.04 -3.75
C ALA C 498 24.11 -20.57 -3.22
N VAL C 499 24.12 -19.71 -2.21
CA VAL C 499 25.33 -19.37 -1.48
C VAL C 499 25.24 -19.85 -0.03
N VAL C 500 24.06 -19.75 0.57
CA VAL C 500 23.87 -20.30 1.91
C VAL C 500 23.84 -21.82 1.88
N ILE C 501 23.10 -22.42 0.94
CA ILE C 501 22.95 -23.88 0.98
C ILE C 501 24.21 -24.56 0.49
N LEU C 502 25.00 -23.91 -0.35
CA LEU C 502 26.24 -24.51 -0.82
C LEU C 502 27.28 -24.61 0.28
N GLY C 503 27.17 -23.78 1.32
CA GLY C 503 28.06 -23.87 2.45
C GLY C 503 27.57 -24.80 3.54
N PHE C 504 26.29 -24.63 3.92
CA PHE C 504 25.72 -25.45 4.98
C PHE C 504 25.64 -26.92 4.63
N ALA C 505 25.53 -27.25 3.35
CA ALA C 505 25.63 -28.65 2.96
C ALA C 505 27.03 -29.17 3.18
N SER C 506 28.03 -28.33 2.96
CA SER C 506 29.38 -28.70 3.28
C SER C 506 29.62 -28.69 4.79
N ALA C 507 28.77 -28.03 5.56
CA ALA C 507 28.90 -28.11 7.01
C ALA C 507 28.27 -29.40 7.54
N PHE C 508 27.17 -29.83 6.96
CA PHE C 508 26.55 -31.07 7.40
C PHE C 508 27.31 -32.29 6.89
N TYR C 509 27.97 -32.18 5.74
CA TYR C 509 28.67 -33.34 5.21
C TYR C 509 29.95 -33.64 5.98
N ILE C 510 30.55 -32.64 6.61
CA ILE C 510 31.62 -32.91 7.56
C ILE C 510 31.08 -33.61 8.79
N ILE C 511 29.92 -33.17 9.29
CA ILE C 511 29.49 -33.55 10.63
C ILE C 511 28.85 -34.94 10.66
N PHE C 512 28.56 -35.54 9.50
CA PHE C 512 28.11 -36.92 9.45
C PHE C 512 29.11 -37.81 8.75
N GLN C 513 30.37 -37.39 8.67
CA GLN C 513 31.44 -38.35 8.43
C GLN C 513 31.52 -39.36 9.55
N THR C 514 31.27 -38.94 10.78
CA THR C 514 31.30 -39.79 11.96
C THR C 514 29.89 -40.33 12.26
N GLU C 515 29.31 -41.01 11.28
CA GLU C 515 27.96 -41.53 11.42
C GLU C 515 27.70 -42.63 10.40
N ASP C 516 27.15 -43.74 10.88
CA ASP C 516 26.71 -44.82 10.01
C ASP C 516 25.48 -44.36 9.26
N PRO C 517 25.45 -44.42 7.93
CA PRO C 517 24.27 -43.99 7.18
C PRO C 517 23.05 -44.91 7.30
N GLU C 518 23.11 -45.98 8.10
CA GLU C 518 21.93 -46.82 8.32
C GLU C 518 20.86 -46.06 9.09
N GLU C 519 21.26 -45.09 9.90
CA GLU C 519 20.35 -44.13 10.49
C GLU C 519 20.81 -42.74 10.05
N LEU C 520 19.85 -41.84 9.85
CA LEU C 520 20.05 -40.51 9.26
C LEU C 520 20.80 -40.63 7.94
N GLY C 521 20.14 -41.24 6.98
CA GLY C 521 20.75 -41.37 5.68
C GLY C 521 20.59 -40.15 4.81
N HIS C 522 20.50 -38.96 5.39
CA HIS C 522 20.34 -37.78 4.57
C HIS C 522 21.68 -37.25 4.08
N PHE C 523 22.78 -37.79 4.57
CA PHE C 523 24.12 -37.27 4.24
C PHE C 523 25.08 -38.46 4.19
N TYR C 524 25.30 -38.99 3.00
CA TYR C 524 26.36 -39.98 2.88
C TYR C 524 27.30 -39.62 1.74
N ASP C 525 26.74 -39.07 0.66
CA ASP C 525 27.54 -38.51 -0.43
C ASP C 525 27.28 -37.02 -0.52
N TYR C 526 28.34 -36.27 -0.71
CA TYR C 526 28.27 -34.85 -0.98
C TYR C 526 27.41 -34.47 -2.19
N PRO C 527 27.24 -35.29 -3.23
CA PRO C 527 26.18 -34.97 -4.21
C PRO C 527 24.77 -35.11 -3.67
N MET C 528 24.56 -35.78 -2.54
CA MET C 528 23.21 -35.79 -2.01
C MET C 528 23.06 -34.78 -0.88
N ALA C 529 24.14 -34.49 -0.17
CA ALA C 529 24.10 -33.48 0.90
C ALA C 529 23.82 -32.11 0.33
N LEU C 530 24.33 -31.82 -0.87
CA LEU C 530 23.98 -30.60 -1.55
C LEU C 530 22.52 -30.60 -2.00
N PHE C 531 21.95 -31.79 -2.23
CA PHE C 531 20.54 -31.86 -2.57
C PHE C 531 19.66 -31.77 -1.34
N SER C 532 20.01 -32.48 -0.27
CA SER C 532 19.13 -32.53 0.89
C SER C 532 19.19 -31.25 1.71
N THR C 533 20.13 -30.36 1.43
CA THR C 533 20.09 -29.04 2.03
C THR C 533 19.14 -28.13 1.26
N PHE C 534 19.20 -28.19 -0.07
CA PHE C 534 18.28 -27.42 -0.91
C PHE C 534 16.84 -27.88 -0.72
N GLU C 535 16.64 -29.16 -0.45
CA GLU C 535 15.29 -29.63 -0.27
C GLU C 535 14.80 -29.40 1.15
N LEU C 536 15.69 -29.03 2.05
CA LEU C 536 15.29 -28.66 3.40
C LEU C 536 15.17 -27.16 3.56
N PHE C 537 15.79 -26.41 2.65
CA PHE C 537 15.75 -24.95 2.68
C PHE C 537 14.35 -24.44 2.34
N LEU C 538 13.58 -25.22 1.60
CA LEU C 538 12.20 -24.89 1.28
C LEU C 538 11.22 -25.65 2.15
N THR C 539 11.72 -26.37 3.16
CA THR C 539 10.93 -27.17 4.12
C THR C 539 10.02 -28.18 3.41
N ILE C 540 10.58 -28.91 2.46
CA ILE C 540 9.89 -30.01 1.82
C ILE C 540 10.57 -31.34 2.13
N ILE C 541 11.35 -31.41 3.21
CA ILE C 541 11.60 -32.64 3.94
C ILE C 541 11.33 -32.26 5.39
N ASP C 542 11.11 -33.26 6.24
CA ASP C 542 10.89 -33.01 7.64
C ASP C 542 12.12 -32.38 8.28
N GLY C 543 13.18 -33.15 8.38
CA GLY C 543 14.34 -32.69 9.10
C GLY C 543 14.94 -33.87 9.83
N PRO C 544 16.25 -33.99 9.81
CA PRO C 544 16.90 -35.20 10.29
C PRO C 544 16.78 -35.38 11.79
N ALA C 545 16.08 -36.42 12.21
CA ALA C 545 15.95 -36.75 13.61
C ALA C 545 15.69 -38.25 13.73
N ASN C 546 16.35 -38.88 14.69
CA ASN C 546 16.16 -40.31 14.90
C ASN C 546 15.45 -40.62 16.20
N TYR C 547 15.81 -39.93 17.28
CA TYR C 547 15.19 -39.95 18.60
C TYR C 547 15.28 -41.29 19.32
N ASN C 548 15.96 -42.27 18.75
CA ASN C 548 16.26 -43.50 19.48
C ASN C 548 17.72 -43.48 19.93
N VAL C 549 18.63 -43.24 18.98
CA VAL C 549 20.02 -42.92 19.30
C VAL C 549 20.13 -41.40 19.38
N ASP C 550 21.21 -40.91 19.97
CA ASP C 550 21.43 -39.48 20.06
C ASP C 550 22.00 -38.95 18.74
N LEU C 551 22.34 -37.67 18.71
CA LEU C 551 22.90 -36.98 17.57
C LEU C 551 24.26 -36.43 17.99
N PRO C 552 25.13 -36.10 17.04
CA PRO C 552 26.34 -35.34 17.40
C PRO C 552 25.96 -33.93 17.84
N PHE C 553 26.70 -33.40 18.82
CA PHE C 553 26.25 -32.18 19.52
C PHE C 553 26.32 -30.95 18.64
N MET C 554 27.33 -30.87 17.78
CA MET C 554 27.47 -29.70 16.91
C MET C 554 26.38 -29.67 15.83
N TYR C 555 25.69 -30.79 15.59
CA TYR C 555 24.56 -30.80 14.66
C TYR C 555 23.42 -29.92 15.15
N SER C 556 23.09 -30.00 16.43
CA SER C 556 21.85 -29.39 16.90
C SER C 556 21.96 -27.86 16.94
N ILE C 557 23.18 -27.34 17.07
CA ILE C 557 23.35 -25.90 17.04
C ILE C 557 23.30 -25.38 15.61
N THR C 558 24.13 -25.93 14.74
CA THR C 558 24.28 -25.36 13.39
C THR C 558 23.10 -25.71 12.51
N TYR C 559 22.20 -26.57 12.96
CA TYR C 559 20.95 -26.76 12.24
C TYR C 559 19.89 -25.79 12.72
N ALA C 560 19.95 -25.38 13.98
CA ALA C 560 19.02 -24.36 14.46
C ALA C 560 19.40 -22.99 13.91
N ALA C 561 20.67 -22.80 13.55
CA ALA C 561 21.05 -21.57 12.88
C ALA C 561 20.64 -21.60 11.42
N PHE C 562 20.40 -22.79 10.87
CA PHE C 562 19.88 -22.88 9.52
C PHE C 562 18.40 -22.49 9.48
N ALA C 563 17.62 -22.99 10.44
CA ALA C 563 16.19 -22.74 10.46
C ALA C 563 15.88 -21.28 10.71
N ILE C 564 16.74 -20.61 11.49
CA ILE C 564 16.53 -19.18 11.78
C ILE C 564 16.91 -18.33 10.58
N ILE C 565 17.57 -18.93 9.59
CA ILE C 565 17.79 -18.23 8.32
C ILE C 565 16.79 -18.71 7.28
N ALA C 566 16.63 -20.03 7.16
CA ALA C 566 15.96 -20.61 6.00
C ALA C 566 14.45 -20.45 6.01
N THR C 567 13.80 -20.46 7.16
CA THR C 567 12.36 -20.49 7.16
C THR C 567 11.78 -19.25 7.84
N LEU C 568 12.60 -18.45 8.49
CA LEU C 568 12.07 -17.31 9.21
C LEU C 568 12.67 -16.00 8.75
N LEU C 569 13.78 -16.00 8.04
CA LEU C 569 14.31 -14.76 7.47
C LEU C 569 14.41 -14.78 5.95
N MET C 570 15.08 -15.79 5.39
CA MET C 570 15.42 -15.76 3.97
C MET C 570 14.24 -16.12 3.08
N LEU C 571 13.35 -17.01 3.52
CA LEU C 571 12.24 -17.38 2.65
C LEU C 571 11.04 -16.47 2.82
N ASN C 572 10.81 -15.89 4.00
CA ASN C 572 9.74 -14.91 4.13
C ASN C 572 10.07 -13.60 3.44
N LEU C 573 11.33 -13.35 3.12
CA LEU C 573 11.68 -12.15 2.40
C LEU C 573 11.29 -12.22 0.92
N LEU C 574 10.90 -13.39 0.43
CA LEU C 574 10.26 -13.47 -0.88
C LEU C 574 8.88 -12.82 -0.85
N ILE C 575 8.06 -13.18 0.13
CA ILE C 575 6.72 -12.67 0.21
C ILE C 575 6.71 -11.17 0.52
N ALA C 576 7.76 -10.68 1.16
CA ALA C 576 7.93 -9.24 1.27
C ALA C 576 8.30 -8.62 -0.06
N MET C 577 9.03 -9.35 -0.92
CA MET C 577 9.33 -8.77 -2.23
C MET C 577 8.25 -9.09 -3.26
N MET C 578 7.58 -10.24 -3.13
CA MET C 578 6.45 -10.51 -3.99
C MET C 578 5.32 -9.52 -3.74
N GLY C 579 5.11 -9.12 -2.50
CA GLY C 579 4.06 -8.20 -2.18
C GLY C 579 4.44 -6.75 -2.43
N ASP C 580 5.73 -6.50 -2.65
CA ASP C 580 6.12 -5.14 -2.96
C ASP C 580 6.27 -4.93 -4.46
N THR C 581 6.64 -5.98 -5.21
CA THR C 581 6.70 -5.85 -6.65
C THR C 581 5.31 -5.79 -7.26
N HIS C 582 4.38 -6.59 -6.73
CA HIS C 582 3.11 -6.85 -7.41
C HIS C 582 2.13 -5.68 -7.35
N TRP C 583 2.47 -4.56 -6.71
CA TRP C 583 1.60 -3.40 -6.85
C TRP C 583 2.28 -2.22 -7.53
N ARG C 584 3.60 -2.22 -7.65
CA ARG C 584 4.25 -1.17 -8.42
C ARG C 584 4.66 -1.62 -9.80
N VAL C 585 4.25 -2.80 -10.22
CA VAL C 585 4.16 -3.12 -11.64
C VAL C 585 2.72 -3.45 -12.03
N ALA C 586 1.76 -3.05 -11.20
CA ALA C 586 0.35 -3.33 -11.49
C ALA C 586 -0.22 -2.41 -12.55
N HIS C 587 0.54 -1.43 -13.02
CA HIS C 587 0.13 -0.66 -14.19
C HIS C 587 0.87 -1.08 -15.45
N GLU C 588 2.12 -1.55 -15.32
CA GLU C 588 2.76 -2.21 -16.45
C GLU C 588 2.11 -3.55 -16.75
N ARG C 589 1.48 -4.17 -15.75
CA ARG C 589 0.85 -5.47 -15.94
C ARG C 589 -0.30 -5.39 -16.92
N ASP C 590 -1.20 -4.44 -16.72
CA ASP C 590 -2.41 -4.41 -17.55
C ASP C 590 -2.13 -3.73 -18.88
N GLU C 591 -0.96 -3.11 -19.03
CA GLU C 591 -0.61 -2.53 -20.32
C GLU C 591 0.18 -3.51 -21.17
N LEU C 592 1.06 -4.30 -20.54
CA LEU C 592 1.80 -5.33 -21.26
C LEU C 592 0.87 -6.38 -21.83
N TRP C 593 -0.28 -6.61 -21.21
CA TRP C 593 -1.24 -7.54 -21.78
C TRP C 593 -1.86 -6.98 -23.05
N ARG C 594 -2.03 -5.66 -23.13
CA ARG C 594 -2.58 -5.08 -24.35
C ARG C 594 -1.56 -5.11 -25.48
N ALA C 595 -0.28 -4.95 -25.15
CA ALA C 595 0.72 -5.07 -26.19
C ALA C 595 0.96 -6.52 -26.57
N GLN C 596 0.68 -7.45 -25.67
CA GLN C 596 0.84 -8.86 -25.98
C GLN C 596 -0.30 -9.37 -26.86
N ILE C 597 -1.47 -8.74 -26.81
CA ILE C 597 -2.56 -9.15 -27.68
C ILE C 597 -2.31 -8.69 -29.11
N VAL C 598 -1.43 -7.72 -29.32
CA VAL C 598 -1.18 -7.22 -30.67
C VAL C 598 -0.12 -8.06 -31.36
N ALA C 599 0.89 -8.51 -30.60
CA ALA C 599 1.91 -9.42 -31.14
C ALA C 599 1.33 -10.77 -31.51
N THR C 600 0.18 -11.13 -30.95
CA THR C 600 -0.57 -12.25 -31.48
C THR C 600 -1.34 -11.84 -32.72
N THR C 601 -1.82 -10.60 -32.78
CA THR C 601 -2.67 -10.18 -33.89
C THR C 601 -1.87 -10.01 -35.18
N VAL C 602 -0.70 -9.39 -35.09
CA VAL C 602 0.09 -9.15 -36.30
C VAL C 602 0.72 -10.45 -36.80
N MET C 603 1.06 -11.36 -35.88
CA MET C 603 1.75 -12.59 -36.28
C MET C 603 0.83 -13.55 -37.02
N LEU C 604 -0.44 -13.66 -36.59
CA LEU C 604 -1.35 -14.59 -37.23
C LEU C 604 -1.76 -14.11 -38.62
N GLU C 605 -1.95 -12.79 -38.79
CA GLU C 605 -2.31 -12.27 -40.10
C GLU C 605 -1.18 -12.40 -41.11
N ARG C 606 0.07 -12.43 -40.64
CA ARG C 606 1.20 -12.60 -41.53
C ARG C 606 1.39 -14.05 -41.99
N LYS C 607 0.95 -15.02 -41.20
CA LYS C 607 1.14 -16.42 -41.56
C LYS C 607 -0.10 -17.11 -42.11
N LEU C 608 -1.30 -16.67 -41.74
CA LEU C 608 -2.50 -17.22 -42.35
C LEU C 608 -2.63 -16.71 -43.79
N PRO C 609 -3.25 -17.49 -44.68
CA PRO C 609 -3.39 -17.03 -46.06
C PRO C 609 -4.47 -15.98 -46.25
N ARG C 610 -4.74 -15.59 -47.49
CA ARG C 610 -5.56 -14.42 -47.78
C ARG C 610 -7.06 -14.69 -47.87
N CYS C 611 -7.47 -15.94 -48.07
CA CYS C 611 -8.90 -16.24 -48.04
C CYS C 611 -9.46 -16.05 -46.65
N LEU C 612 -8.71 -16.45 -45.64
CA LEU C 612 -8.96 -16.06 -44.26
C LEU C 612 -8.39 -14.66 -44.04
N TRP C 613 -8.78 -14.05 -42.92
CA TRP C 613 -8.47 -12.66 -42.54
C TRP C 613 -8.81 -11.66 -43.64
N PRO C 614 -10.08 -11.33 -43.85
CA PRO C 614 -10.38 -10.16 -44.68
C PRO C 614 -9.88 -8.91 -44.00
N ARG C 615 -9.46 -7.94 -44.80
CA ARG C 615 -8.87 -6.72 -44.25
C ARG C 615 -9.96 -5.91 -43.57
N SER C 616 -9.66 -5.37 -42.40
CA SER C 616 -10.68 -4.73 -41.59
C SER C 616 -11.04 -3.37 -42.16
N GLY C 617 -12.33 -3.12 -42.32
CA GLY C 617 -12.79 -1.83 -42.79
C GLY C 617 -13.48 -1.87 -44.14
N ILE C 618 -14.10 -0.76 -44.52
CA ILE C 618 -14.85 -0.71 -45.77
C ILE C 618 -13.91 -0.31 -46.90
N CYS C 619 -14.01 -1.01 -48.03
CA CYS C 619 -13.09 -0.81 -49.12
C CYS C 619 -13.47 0.42 -49.95
N GLY C 620 -12.59 0.75 -50.90
CA GLY C 620 -12.79 1.86 -51.80
C GLY C 620 -13.17 1.41 -53.19
N ARG C 621 -12.85 2.27 -54.18
CA ARG C 621 -13.17 2.21 -55.61
C ARG C 621 -14.60 1.77 -55.90
N GLU C 622 -15.51 2.14 -55.02
CA GLU C 622 -16.94 1.94 -55.16
C GLU C 622 -17.74 3.16 -54.76
N TYR C 623 -17.16 4.05 -53.93
CA TYR C 623 -17.88 5.18 -53.38
C TYR C 623 -17.14 6.50 -53.62
N GLY C 624 -16.33 6.57 -54.68
CA GLY C 624 -15.66 7.79 -55.05
C GLY C 624 -14.58 8.25 -54.10
N LEU C 625 -13.85 7.33 -53.47
CA LEU C 625 -12.85 7.70 -52.49
C LEU C 625 -11.43 7.42 -52.95
N GLY C 626 -11.21 6.39 -53.73
CA GLY C 626 -9.88 6.02 -54.17
C GLY C 626 -9.68 4.53 -54.03
N ASP C 627 -8.43 4.14 -53.77
CA ASP C 627 -8.10 2.73 -53.64
C ASP C 627 -7.69 2.34 -52.23
N ARG C 628 -7.42 3.31 -51.36
CA ARG C 628 -7.13 3.00 -49.97
C ARG C 628 -8.42 2.67 -49.23
N TRP C 629 -8.30 1.85 -48.19
CA TRP C 629 -9.48 1.30 -47.51
C TRP C 629 -9.61 1.91 -46.12
N PHE C 630 -10.83 2.31 -45.77
CA PHE C 630 -11.08 3.18 -44.63
C PHE C 630 -11.67 2.45 -43.44
N LEU C 631 -11.77 3.17 -42.33
CA LEU C 631 -12.45 2.77 -41.11
C LEU C 631 -13.19 3.97 -40.55
N ARG C 632 -14.27 3.72 -39.81
CA ARG C 632 -15.01 4.79 -39.16
C ARG C 632 -15.12 4.51 -37.67
N VAL C 633 -15.35 5.58 -36.91
CA VAL C 633 -15.63 5.48 -35.48
C VAL C 633 -16.48 6.69 -35.11
N GLU C 634 -17.38 6.50 -34.14
CA GLU C 634 -18.23 7.57 -33.66
C GLU C 634 -18.27 7.56 -32.15
N ASP C 635 -18.42 8.75 -31.57
CA ASP C 635 -18.33 8.92 -30.13
C ASP C 635 -19.19 10.10 -29.72
N ARG C 636 -19.64 10.09 -28.46
CA ARG C 636 -20.39 11.18 -27.88
C ARG C 636 -19.42 12.30 -27.53
N GLN C 637 -19.74 13.52 -27.94
CA GLN C 637 -18.85 14.66 -27.75
C GLN C 637 -18.68 15.03 -26.28
N ASP C 638 -19.68 14.67 -25.44
CA ASP C 638 -19.82 15.00 -24.02
C ASP C 638 -19.94 16.50 -23.81
N LEU C 639 -20.31 17.26 -24.85
CA LEU C 639 -20.65 18.68 -24.83
C LEU C 639 -19.55 19.58 -24.27
N SER D 28 -24.06 -8.75 -34.26
CA SER D 28 -22.65 -8.54 -34.53
C SER D 28 -22.41 -8.18 -36.00
N TRP D 29 -23.32 -7.38 -36.55
CA TRP D 29 -23.28 -6.96 -37.94
C TRP D 29 -23.36 -5.45 -38.05
N ALA D 30 -22.50 -4.75 -37.30
CA ALA D 30 -22.41 -3.30 -37.37
C ALA D 30 -21.85 -2.82 -38.71
N GLN D 31 -21.19 -3.72 -39.45
CA GLN D 31 -20.66 -3.41 -40.77
C GLN D 31 -21.77 -3.06 -41.75
N SER D 32 -22.98 -3.61 -41.57
CA SER D 32 -24.10 -3.17 -42.38
C SER D 32 -24.55 -1.77 -42.01
N ARG D 33 -24.36 -1.37 -40.75
CA ARG D 33 -24.63 0.01 -40.39
C ARG D 33 -23.51 0.92 -40.85
N ASP D 34 -22.28 0.42 -40.86
CA ASP D 34 -21.17 1.21 -41.36
C ASP D 34 -21.23 1.39 -42.87
N GLU D 35 -21.84 0.45 -43.57
CA GLU D 35 -21.97 0.55 -45.03
C GLU D 35 -22.95 1.64 -45.41
N GLN D 36 -24.01 1.82 -44.62
CA GLN D 36 -25.04 2.78 -45.00
C GLN D 36 -24.59 4.22 -44.81
N ASN D 37 -23.73 4.48 -43.82
CA ASN D 37 -23.21 5.83 -43.66
C ASN D 37 -22.28 6.23 -44.78
N LEU D 38 -21.46 5.30 -45.26
CA LEU D 38 -20.52 5.65 -46.32
C LEU D 38 -21.20 5.65 -47.67
N LEU D 39 -22.38 5.04 -47.77
CA LEU D 39 -23.17 5.14 -48.99
C LEU D 39 -23.89 6.49 -49.06
N GLN D 40 -24.03 7.17 -47.92
CA GLN D 40 -24.74 8.44 -47.88
C GLN D 40 -23.98 9.53 -48.61
N GLN D 41 -22.66 9.55 -48.50
CA GLN D 41 -21.86 10.56 -49.19
C GLN D 41 -21.88 10.39 -50.69
N LYS D 42 -21.71 9.17 -51.19
CA LYS D 42 -21.57 8.94 -52.63
C LYS D 42 -22.86 9.26 -53.37
N ARG D 43 -24.01 9.06 -52.72
CA ARG D 43 -25.26 9.51 -53.32
C ARG D 43 -25.33 11.03 -53.35
N ILE D 44 -24.80 11.69 -52.32
CA ILE D 44 -24.78 13.15 -52.29
C ILE D 44 -23.77 13.69 -53.31
N TRP D 45 -22.63 13.01 -53.47
CA TRP D 45 -21.68 13.38 -54.53
C TRP D 45 -22.26 13.21 -55.93
N GLU D 46 -23.29 12.38 -56.09
CA GLU D 46 -23.86 12.17 -57.41
C GLU D 46 -24.75 13.34 -57.83
N SER D 47 -25.82 13.58 -57.08
CA SER D 47 -26.77 14.61 -57.48
C SER D 47 -26.20 16.00 -57.22
N PRO D 48 -26.43 16.95 -58.14
CA PRO D 48 -25.76 18.25 -58.00
C PRO D 48 -26.37 19.14 -56.93
N LEU D 49 -27.68 19.05 -56.68
CA LEU D 49 -28.29 19.94 -55.70
C LEU D 49 -28.17 19.44 -54.28
N LEU D 50 -27.89 18.15 -54.08
CA LEU D 50 -27.60 17.68 -52.73
C LEU D 50 -26.23 18.15 -52.26
N LEU D 51 -25.27 18.26 -53.18
CA LEU D 51 -24.06 19.02 -52.88
C LEU D 51 -24.39 20.46 -52.60
N ALA D 52 -25.32 21.03 -53.37
CA ALA D 52 -25.76 22.40 -53.14
C ALA D 52 -26.64 22.50 -51.90
N ALA D 53 -27.13 21.36 -51.39
CA ALA D 53 -27.75 21.36 -50.08
C ALA D 53 -26.73 21.09 -48.98
N LYS D 54 -25.59 20.48 -49.33
CA LYS D 54 -24.57 20.23 -48.33
C LYS D 54 -23.86 21.51 -47.93
N ASP D 55 -23.70 22.45 -48.85
CA ASP D 55 -23.09 23.74 -48.58
C ASP D 55 -24.10 24.85 -48.87
N ASN D 56 -23.65 26.09 -48.71
CA ASN D 56 -24.45 27.26 -49.06
C ASN D 56 -24.20 27.67 -50.51
N ASP D 57 -24.68 26.83 -51.42
CA ASP D 57 -24.51 27.04 -52.85
C ASP D 57 -25.78 27.66 -53.43
N VAL D 58 -26.36 28.61 -52.68
CA VAL D 58 -27.64 29.23 -52.95
C VAL D 58 -27.70 29.95 -54.29
N GLN D 59 -26.54 30.27 -54.87
CA GLN D 59 -26.51 30.71 -56.26
C GLN D 59 -26.99 29.63 -57.21
N ALA D 60 -26.64 28.37 -56.93
CA ALA D 60 -27.10 27.28 -57.77
C ALA D 60 -28.55 26.91 -57.48
N LEU D 61 -29.06 27.22 -56.29
CA LEU D 61 -30.44 26.90 -55.97
C LEU D 61 -31.41 27.79 -56.73
N ASN D 62 -30.99 29.01 -57.05
CA ASN D 62 -31.80 29.87 -57.93
C ASN D 62 -31.83 29.31 -59.34
N LYS D 63 -30.80 28.56 -59.74
CA LYS D 63 -30.70 28.05 -61.11
C LYS D 63 -31.35 26.68 -61.23
N LEU D 64 -31.08 25.78 -60.26
CA LEU D 64 -31.38 24.36 -60.45
C LEU D 64 -32.88 24.08 -60.40
N LEU D 65 -33.64 24.90 -59.69
CA LEU D 65 -35.08 24.70 -59.63
C LEU D 65 -35.81 25.48 -60.73
N LYS D 66 -35.24 26.59 -61.20
CA LYS D 66 -35.84 27.40 -62.26
C LYS D 66 -35.52 26.88 -63.65
N TYR D 67 -34.33 26.31 -63.87
CA TYR D 67 -33.90 25.92 -65.20
C TYR D 67 -34.23 24.47 -65.55
N GLU D 68 -33.98 23.54 -64.64
CA GLU D 68 -34.23 22.12 -64.90
C GLU D 68 -35.60 21.79 -64.34
N ASP D 69 -35.99 20.51 -64.35
CA ASP D 69 -37.29 20.08 -63.88
C ASP D 69 -37.13 18.82 -63.05
N CYS D 70 -38.14 18.57 -62.20
CA CYS D 70 -38.50 17.25 -61.64
C CYS D 70 -37.53 16.87 -60.52
N LYS D 71 -36.55 17.69 -60.18
CA LYS D 71 -35.64 17.37 -59.08
C LYS D 71 -36.19 17.88 -57.74
N VAL D 72 -37.33 17.31 -57.35
CA VAL D 72 -38.03 17.76 -56.15
C VAL D 72 -38.12 16.61 -55.16
N HIS D 73 -38.23 15.38 -55.67
CA HIS D 73 -38.60 14.24 -54.83
C HIS D 73 -37.65 13.06 -54.95
N GLN D 74 -36.44 13.26 -55.45
CA GLN D 74 -35.48 12.17 -55.43
C GLN D 74 -34.94 12.01 -54.02
N ARG D 75 -34.55 10.79 -53.67
CA ARG D 75 -34.16 10.50 -52.30
C ARG D 75 -32.64 10.31 -52.19
N GLY D 76 -32.16 10.26 -50.95
CA GLY D 76 -30.78 9.97 -50.67
C GLY D 76 -30.53 8.48 -50.56
N ALA D 77 -29.42 8.14 -49.92
CA ALA D 77 -29.10 6.73 -49.72
C ALA D 77 -29.98 6.11 -48.65
N MET D 78 -30.16 6.81 -47.53
CA MET D 78 -31.07 6.38 -46.49
C MET D 78 -32.44 7.05 -46.59
N GLY D 79 -32.84 7.43 -47.81
CA GLY D 79 -34.18 7.92 -48.08
C GLY D 79 -34.52 9.25 -47.43
N GLU D 80 -33.85 10.32 -47.86
CA GLU D 80 -34.08 11.64 -47.29
C GLU D 80 -34.24 12.64 -48.42
N THR D 81 -34.58 13.87 -48.06
CA THR D 81 -34.75 14.94 -49.03
C THR D 81 -33.63 15.95 -48.89
N ALA D 82 -33.61 16.91 -49.81
CA ALA D 82 -32.64 17.99 -49.73
C ALA D 82 -32.94 18.94 -48.59
N LEU D 83 -34.15 18.92 -48.05
CA LEU D 83 -34.46 19.70 -46.86
C LEU D 83 -33.79 19.10 -45.63
N HIS D 84 -33.64 17.77 -45.60
CA HIS D 84 -32.95 17.12 -44.49
C HIS D 84 -31.47 17.49 -44.46
N ILE D 85 -30.83 17.49 -45.64
CA ILE D 85 -29.39 17.67 -45.70
C ILE D 85 -29.01 19.09 -45.33
N ALA D 86 -29.81 20.07 -45.76
CA ALA D 86 -29.61 21.44 -45.33
C ALA D 86 -29.93 21.61 -43.85
N ALA D 87 -30.79 20.74 -43.31
CA ALA D 87 -31.04 20.77 -41.88
C ALA D 87 -29.96 20.04 -41.11
N LEU D 88 -29.30 19.07 -41.73
CA LEU D 88 -28.33 18.27 -41.01
C LEU D 88 -27.01 19.00 -40.82
N TYR D 89 -26.59 19.78 -41.82
CA TYR D 89 -25.37 20.58 -41.73
C TYR D 89 -25.67 22.06 -41.49
N ASP D 90 -26.75 22.32 -40.74
CA ASP D 90 -27.31 23.59 -40.26
C ASP D 90 -27.13 24.78 -41.20
N ASN D 91 -27.42 24.57 -42.48
CA ASN D 91 -27.30 25.62 -43.49
C ASN D 91 -28.65 26.34 -43.56
N LEU D 92 -28.69 27.53 -42.96
CA LEU D 92 -29.95 28.25 -42.82
C LEU D 92 -30.40 28.87 -44.14
N GLU D 93 -29.45 29.40 -44.92
CA GLU D 93 -29.81 30.13 -46.13
C GLU D 93 -30.33 29.19 -47.21
N ALA D 94 -29.76 27.99 -47.33
CA ALA D 94 -30.19 27.07 -48.37
C ALA D 94 -31.50 26.39 -48.01
N ALA D 95 -31.79 26.26 -46.72
CA ALA D 95 -33.05 25.64 -46.32
C ALA D 95 -34.23 26.56 -46.57
N MET D 96 -34.01 27.88 -46.50
CA MET D 96 -35.11 28.82 -46.64
C MET D 96 -35.54 28.95 -48.09
N VAL D 97 -34.60 28.85 -49.04
CA VAL D 97 -34.95 28.97 -50.45
C VAL D 97 -35.70 27.73 -50.91
N LEU D 98 -35.32 26.56 -50.39
CA LEU D 98 -35.97 25.31 -50.78
C LEU D 98 -37.39 25.21 -50.25
N MET D 99 -37.68 25.83 -49.11
CA MET D 99 -39.05 25.87 -48.61
C MET D 99 -39.93 26.75 -49.48
N GLU D 100 -39.36 27.83 -50.03
CA GLU D 100 -40.12 28.72 -50.89
C GLU D 100 -40.40 28.07 -52.24
N ALA D 101 -39.51 27.17 -52.68
CA ALA D 101 -39.64 26.56 -54.00
C ALA D 101 -40.83 25.61 -54.06
N ALA D 102 -41.00 24.78 -53.04
CA ALA D 102 -42.12 23.84 -52.97
C ALA D 102 -42.43 23.56 -51.50
N PRO D 103 -43.40 24.28 -50.90
CA PRO D 103 -43.73 24.09 -49.48
C PRO D 103 -44.51 22.80 -49.23
N GLU D 104 -43.88 21.67 -49.50
CA GLU D 104 -44.46 20.37 -49.19
C GLU D 104 -43.45 19.41 -48.59
N LEU D 105 -42.14 19.70 -48.68
CA LEU D 105 -41.09 18.80 -48.26
C LEU D 105 -41.01 18.58 -46.76
N VAL D 106 -41.64 19.45 -45.96
CA VAL D 106 -41.65 19.25 -44.52
C VAL D 106 -42.50 18.05 -44.12
N PHE D 107 -43.56 17.74 -44.88
CA PHE D 107 -44.44 16.61 -44.56
C PHE D 107 -43.84 15.26 -44.92
N GLU D 108 -42.76 15.23 -45.70
CA GLU D 108 -42.16 13.97 -46.13
C GLU D 108 -41.09 13.56 -45.14
N PRO D 109 -41.24 12.44 -44.45
CA PRO D 109 -40.22 12.00 -43.49
C PRO D 109 -39.15 11.16 -44.16
N MET D 110 -38.16 10.75 -43.36
CA MET D 110 -37.25 9.71 -43.80
C MET D 110 -37.97 8.37 -43.86
N THR D 111 -37.42 7.43 -44.63
CA THR D 111 -38.13 6.19 -44.91
C THR D 111 -37.27 4.94 -44.81
N SER D 112 -36.02 5.05 -44.37
CA SER D 112 -35.15 3.89 -44.28
C SER D 112 -35.48 3.08 -43.02
N GLU D 113 -34.83 1.92 -42.88
CA GLU D 113 -35.04 1.08 -41.71
C GLU D 113 -34.21 1.49 -40.52
N LEU D 114 -33.10 2.18 -40.75
CA LEU D 114 -32.37 2.76 -39.62
C LEU D 114 -33.07 4.01 -39.12
N TYR D 115 -33.29 4.98 -40.00
CA TYR D 115 -33.92 6.24 -39.66
C TYR D 115 -35.32 6.22 -40.27
N GLU D 116 -36.30 5.81 -39.47
CA GLU D 116 -37.66 5.64 -39.96
C GLU D 116 -38.54 6.77 -39.48
N GLY D 117 -39.18 7.47 -40.42
CA GLY D 117 -40.17 8.47 -40.08
C GLY D 117 -39.63 9.77 -39.53
N GLN D 118 -38.31 9.93 -39.47
CA GLN D 118 -37.70 11.10 -38.84
C GLN D 118 -37.88 12.30 -39.76
N THR D 119 -38.72 13.24 -39.36
CA THR D 119 -39.05 14.37 -40.22
C THR D 119 -38.01 15.47 -40.08
N ALA D 120 -38.20 16.54 -40.86
CA ALA D 120 -37.21 17.62 -40.92
C ALA D 120 -37.21 18.48 -39.66
N LEU D 121 -38.32 18.51 -38.92
CA LEU D 121 -38.33 19.19 -37.63
C LEU D 121 -37.38 18.52 -36.64
N HIS D 122 -37.27 17.20 -36.71
CA HIS D 122 -36.49 16.44 -35.74
C HIS D 122 -35.00 16.72 -35.88
N ILE D 123 -34.54 17.08 -37.08
CA ILE D 123 -33.12 17.24 -37.30
C ILE D 123 -32.61 18.53 -36.68
N ALA D 124 -33.33 19.63 -36.90
CA ALA D 124 -32.87 20.93 -36.45
C ALA D 124 -32.97 21.11 -34.94
N VAL D 125 -33.82 20.33 -34.27
CA VAL D 125 -33.98 20.45 -32.83
C VAL D 125 -32.78 19.82 -32.12
N VAL D 126 -32.22 18.75 -32.68
CA VAL D 126 -31.05 18.11 -32.10
C VAL D 126 -29.83 19.04 -32.18
N ASN D 127 -29.73 19.86 -33.22
CA ASN D 127 -28.64 20.84 -33.35
C ASN D 127 -28.74 21.98 -32.34
N GLN D 128 -29.87 22.10 -31.64
CA GLN D 128 -30.11 22.75 -30.36
C GLN D 128 -29.94 24.27 -30.36
N ASN D 129 -29.50 24.85 -31.46
CA ASN D 129 -29.41 26.31 -31.58
C ASN D 129 -29.79 26.66 -33.01
N MET D 130 -31.08 26.84 -33.25
CA MET D 130 -31.57 27.19 -34.58
C MET D 130 -32.72 28.17 -34.45
N ASN D 131 -32.75 29.17 -35.32
CA ASN D 131 -33.98 29.88 -35.62
C ASN D 131 -34.73 29.26 -36.78
N LEU D 132 -34.29 28.09 -37.24
CA LEU D 132 -34.97 27.40 -38.32
C LEU D 132 -36.32 26.86 -37.85
N VAL D 133 -36.41 26.46 -36.58
CA VAL D 133 -37.63 25.84 -36.06
C VAL D 133 -38.77 26.86 -36.01
N ARG D 134 -38.45 28.14 -35.90
CA ARG D 134 -39.49 29.15 -36.01
C ARG D 134 -39.93 29.32 -37.45
N ALA D 135 -39.01 29.12 -38.39
CA ALA D 135 -39.34 29.17 -39.81
C ALA D 135 -39.86 27.85 -40.34
N LEU D 136 -39.55 26.73 -39.69
CA LEU D 136 -40.03 25.45 -40.18
C LEU D 136 -41.42 25.16 -39.64
N LEU D 137 -41.69 25.50 -38.37
CA LEU D 137 -43.04 25.37 -37.83
C LEU D 137 -43.99 26.40 -38.40
N ALA D 138 -43.47 27.47 -39.02
CA ALA D 138 -44.33 28.47 -39.63
C ALA D 138 -45.08 27.90 -40.82
N ARG D 139 -44.48 26.96 -41.53
CA ARG D 139 -45.14 26.32 -42.67
C ARG D 139 -45.90 25.07 -42.27
N ARG D 140 -46.71 25.17 -41.21
CA ARG D 140 -47.69 24.15 -40.78
C ARG D 140 -47.05 22.79 -40.52
N ALA D 141 -45.90 22.81 -39.86
CA ALA D 141 -45.16 21.59 -39.60
C ALA D 141 -45.85 20.77 -38.51
N SER D 142 -45.57 19.47 -38.50
CA SER D 142 -46.21 18.60 -37.53
C SER D 142 -45.28 18.33 -36.35
N VAL D 143 -45.86 18.22 -35.16
CA VAL D 143 -45.11 18.04 -33.93
C VAL D 143 -45.32 16.61 -33.47
N SER D 144 -46.39 15.98 -33.97
CA SER D 144 -46.74 14.64 -33.51
C SER D 144 -46.20 13.56 -34.43
N ALA D 145 -45.02 13.79 -35.02
CA ALA D 145 -44.43 12.80 -35.90
C ALA D 145 -43.84 11.64 -35.11
N ARG D 146 -44.00 10.44 -35.65
CA ARG D 146 -43.59 9.21 -34.98
C ARG D 146 -42.19 8.85 -35.45
N ALA D 147 -41.19 9.09 -34.61
CA ALA D 147 -39.79 8.83 -34.95
C ALA D 147 -39.35 7.50 -34.36
N THR D 148 -39.76 6.42 -35.01
CA THR D 148 -39.23 5.10 -34.66
C THR D 148 -37.92 4.88 -35.42
N GLY D 149 -37.43 3.65 -35.42
CA GLY D 149 -36.20 3.32 -36.09
C GLY D 149 -35.34 2.48 -35.19
N THR D 150 -34.23 1.96 -35.74
CA THR D 150 -33.36 1.10 -34.96
C THR D 150 -32.16 1.81 -34.38
N ALA D 151 -31.96 3.08 -34.71
CA ALA D 151 -30.90 3.87 -34.11
C ALA D 151 -31.41 4.78 -33.01
N PHE D 152 -32.69 4.67 -32.64
CA PHE D 152 -33.28 5.49 -31.60
C PHE D 152 -33.75 4.69 -30.39
N ARG D 153 -33.80 3.37 -30.47
CA ARG D 153 -34.21 2.56 -29.33
C ARG D 153 -33.01 2.33 -28.41
N ARG D 154 -33.30 2.09 -27.13
CA ARG D 154 -32.25 1.99 -26.13
C ARG D 154 -31.48 0.69 -26.29
N SER D 155 -30.20 0.81 -26.56
CA SER D 155 -29.31 -0.32 -26.76
C SER D 155 -27.88 0.18 -26.61
N PRO D 156 -26.95 -0.70 -26.23
CA PRO D 156 -25.53 -0.32 -26.25
C PRO D 156 -24.93 -0.27 -27.64
N CYS D 157 -25.67 -0.61 -28.69
CA CYS D 157 -25.19 -0.36 -30.05
C CYS D 157 -25.26 1.12 -30.38
N ASN D 158 -26.30 1.80 -29.92
CA ASN D 158 -26.40 3.25 -30.09
C ASN D 158 -25.62 3.92 -28.97
N LEU D 159 -25.26 5.18 -29.17
CA LEU D 159 -24.65 5.96 -28.11
C LEU D 159 -25.60 6.99 -27.54
N ILE D 160 -26.87 6.94 -27.91
CA ILE D 160 -27.85 7.96 -27.54
C ILE D 160 -29.16 7.27 -27.16
N TYR D 161 -30.00 8.00 -26.45
CA TYR D 161 -31.39 7.58 -26.26
C TYR D 161 -32.21 8.85 -26.10
N PHE D 162 -32.84 9.26 -27.19
CA PHE D 162 -33.56 10.52 -27.26
C PHE D 162 -35.06 10.36 -27.12
N GLY D 163 -35.57 9.13 -27.03
CA GLY D 163 -37.01 8.97 -27.02
C GLY D 163 -37.56 9.01 -28.43
N GLU D 164 -38.79 9.51 -28.57
CA GLU D 164 -39.37 9.53 -29.90
C GLU D 164 -39.89 10.89 -30.34
N HIS D 165 -40.46 11.64 -29.45
CA HIS D 165 -41.13 12.88 -29.83
C HIS D 165 -40.16 14.06 -29.86
N PRO D 166 -40.41 15.08 -30.69
CA PRO D 166 -39.51 16.24 -30.72
C PRO D 166 -39.57 17.08 -29.47
N LEU D 167 -40.64 16.95 -28.68
CA LEU D 167 -40.64 17.49 -27.32
C LEU D 167 -39.53 16.86 -26.49
N SER D 168 -39.30 15.55 -26.69
CA SER D 168 -38.22 14.90 -25.97
C SER D 168 -36.87 15.11 -26.65
N PHE D 169 -36.85 15.40 -27.95
CA PHE D 169 -35.58 15.71 -28.61
C PHE D 169 -34.98 17.00 -28.06
N ALA D 170 -35.80 18.02 -27.85
CA ALA D 170 -35.29 19.21 -27.19
C ALA D 170 -34.98 18.95 -25.73
N ALA D 171 -35.68 17.99 -25.13
CA ALA D 171 -35.53 17.74 -23.71
C ALA D 171 -34.21 17.08 -23.35
N CYS D 172 -33.55 16.46 -24.31
CA CYS D 172 -32.32 15.75 -24.00
C CYS D 172 -31.08 16.58 -24.24
N VAL D 173 -31.05 17.40 -25.30
CA VAL D 173 -29.88 18.23 -25.57
C VAL D 173 -29.88 19.53 -24.78
N ASN D 174 -30.94 19.78 -24.01
CA ASN D 174 -31.10 20.95 -23.13
C ASN D 174 -31.03 22.27 -23.90
N SER D 175 -31.99 22.44 -24.79
CA SER D 175 -32.22 23.72 -25.46
C SER D 175 -33.61 24.17 -25.04
N GLU D 176 -33.68 24.83 -23.88
CA GLU D 176 -34.97 25.10 -23.27
C GLU D 176 -35.67 26.29 -23.91
N GLU D 177 -34.96 27.06 -24.73
CA GLU D 177 -35.62 28.11 -25.51
C GLU D 177 -36.51 27.50 -26.60
N ILE D 178 -36.13 26.33 -27.10
CA ILE D 178 -36.93 25.64 -28.11
C ILE D 178 -38.20 25.09 -27.48
N VAL D 179 -38.12 24.70 -26.22
CA VAL D 179 -39.22 23.97 -25.57
C VAL D 179 -40.41 24.88 -25.34
N ARG D 180 -40.16 26.13 -24.97
CA ARG D 180 -41.25 27.09 -24.83
C ARG D 180 -41.84 27.47 -26.18
N LEU D 181 -41.06 27.32 -27.26
CA LEU D 181 -41.57 27.65 -28.58
C LEU D 181 -42.25 26.45 -29.22
N LEU D 182 -41.85 25.24 -28.82
CA LEU D 182 -42.45 24.05 -29.40
C LEU D 182 -43.73 23.65 -28.67
N ILE D 183 -43.84 23.98 -27.38
CA ILE D 183 -45.05 23.64 -26.63
C ILE D 183 -46.18 24.60 -26.94
N GLU D 184 -45.87 25.74 -27.55
CA GLU D 184 -46.91 26.72 -27.89
C GLU D 184 -47.78 26.22 -29.03
N HIS D 185 -47.20 25.48 -29.98
CA HIS D 185 -47.89 25.07 -31.19
C HIS D 185 -48.53 23.70 -31.08
N GLY D 186 -48.88 23.26 -29.88
CA GLY D 186 -49.68 22.05 -29.71
C GLY D 186 -48.94 20.80 -29.32
N ALA D 187 -47.77 20.92 -28.70
CA ALA D 187 -47.01 19.75 -28.26
C ALA D 187 -47.67 19.16 -27.02
N ASP D 188 -47.93 17.86 -27.04
CA ASP D 188 -48.53 17.22 -25.89
C ASP D 188 -47.45 16.63 -24.99
N ILE D 189 -47.62 16.80 -23.68
CA ILE D 189 -46.62 16.31 -22.73
C ILE D 189 -46.72 14.80 -22.57
N ARG D 190 -47.90 14.30 -22.21
CA ARG D 190 -48.08 12.89 -21.91
C ARG D 190 -48.07 12.12 -23.23
N ALA D 191 -46.88 11.73 -23.67
CA ALA D 191 -46.75 11.00 -24.93
C ALA D 191 -45.70 9.91 -24.72
N GLN D 192 -46.13 8.66 -24.79
CA GLN D 192 -45.23 7.54 -24.61
C GLN D 192 -44.65 7.14 -25.96
N ASP D 193 -43.97 5.99 -26.03
CA ASP D 193 -43.35 5.59 -27.28
C ASP D 193 -43.51 4.09 -27.47
N SER D 194 -42.75 3.51 -28.40
CA SER D 194 -42.79 2.07 -28.64
C SER D 194 -42.16 1.27 -27.51
N LEU D 195 -41.30 1.89 -26.70
CA LEU D 195 -40.78 1.21 -25.52
C LEU D 195 -41.64 1.45 -24.29
N GLY D 196 -42.30 2.60 -24.19
CA GLY D 196 -43.33 2.84 -23.20
C GLY D 196 -43.07 4.05 -22.31
N ASN D 197 -41.83 4.48 -22.22
CA ASN D 197 -41.50 5.53 -21.27
C ASN D 197 -41.94 6.90 -21.77
N THR D 198 -42.02 7.85 -20.84
CA THR D 198 -42.52 9.19 -21.11
C THR D 198 -41.38 10.19 -21.17
N VAL D 199 -41.76 11.46 -21.34
CA VAL D 199 -40.81 12.55 -21.52
C VAL D 199 -40.05 12.77 -20.20
N LEU D 200 -40.74 12.53 -19.09
CA LEU D 200 -40.10 12.64 -17.79
C LEU D 200 -39.05 11.55 -17.60
N HIS D 201 -39.28 10.39 -18.22
CA HIS D 201 -38.35 9.27 -18.05
C HIS D 201 -37.08 9.47 -18.85
N ILE D 202 -37.13 10.27 -19.91
CA ILE D 202 -35.93 10.47 -20.73
C ILE D 202 -34.92 11.31 -19.97
N LEU D 203 -35.39 12.24 -19.14
CA LEU D 203 -34.49 13.09 -18.37
C LEU D 203 -33.76 12.31 -17.28
N ILE D 204 -34.28 11.16 -16.88
CA ILE D 204 -33.64 10.38 -15.82
C ILE D 204 -32.44 9.63 -16.37
N LEU D 205 -32.46 9.28 -17.66
CA LEU D 205 -31.48 8.40 -18.27
C LEU D 205 -30.39 9.13 -19.02
N GLN D 206 -29.94 10.27 -18.53
CA GLN D 206 -28.90 10.94 -19.27
C GLN D 206 -27.59 10.94 -18.48
N PRO D 207 -26.46 10.91 -19.16
CA PRO D 207 -25.19 11.01 -18.43
C PRO D 207 -24.90 12.41 -17.94
N ASN D 208 -25.58 13.40 -18.54
CA ASN D 208 -25.42 14.80 -18.15
C ASN D 208 -26.41 15.08 -17.03
N LYS D 209 -26.09 14.56 -15.84
CA LYS D 209 -27.07 14.50 -14.76
C LYS D 209 -27.27 15.86 -14.09
N THR D 210 -26.19 16.64 -13.99
CA THR D 210 -26.12 17.81 -13.10
C THR D 210 -27.12 18.91 -13.45
N PHE D 211 -27.08 19.41 -14.68
CA PHE D 211 -28.01 20.45 -15.07
C PHE D 211 -29.09 19.96 -16.04
N ALA D 212 -29.40 18.67 -16.02
CA ALA D 212 -30.68 18.22 -16.54
C ALA D 212 -31.74 18.24 -15.45
N CYS D 213 -31.31 18.31 -14.19
CA CYS D 213 -32.24 18.44 -13.07
C CYS D 213 -32.95 19.78 -13.09
N GLN D 214 -32.26 20.82 -13.54
CA GLN D 214 -32.87 22.14 -13.64
C GLN D 214 -33.89 22.21 -14.77
N MET D 215 -33.85 21.25 -15.69
CA MET D 215 -34.85 21.21 -16.73
C MET D 215 -36.08 20.43 -16.29
N TYR D 216 -35.92 19.54 -15.30
CA TYR D 216 -37.03 18.74 -14.79
C TYR D 216 -38.07 19.62 -14.10
N ASN D 217 -37.66 20.80 -13.62
CA ASN D 217 -38.63 21.72 -13.03
C ASN D 217 -39.52 22.34 -14.09
N LEU D 218 -39.02 22.46 -15.33
CA LEU D 218 -39.82 23.10 -16.39
C LEU D 218 -40.90 22.16 -16.90
N LEU D 219 -40.54 20.90 -17.17
CA LEU D 219 -41.48 19.98 -17.80
C LEU D 219 -42.64 19.63 -16.88
N LEU D 220 -42.43 19.66 -15.57
CA LEU D 220 -43.55 19.48 -14.66
C LEU D 220 -44.38 20.74 -14.53
N SER D 221 -43.78 21.91 -14.75
CA SER D 221 -44.48 23.18 -14.55
C SER D 221 -45.47 23.48 -15.66
N TYR D 222 -45.33 22.87 -16.84
CA TYR D 222 -46.29 23.06 -17.92
C TYR D 222 -47.34 21.96 -17.87
N ASP D 223 -47.96 21.84 -16.70
CA ASP D 223 -49.06 20.92 -16.46
C ASP D 223 -50.19 21.74 -15.86
N ARG D 224 -51.05 22.28 -16.75
CA ARG D 224 -52.10 23.18 -16.33
C ARG D 224 -53.18 22.47 -15.52
N HIS D 225 -53.65 21.33 -16.01
CA HIS D 225 -54.68 20.57 -15.32
C HIS D 225 -54.26 19.10 -15.26
N GLY D 226 -54.75 18.41 -14.23
CA GLY D 226 -54.40 17.03 -14.01
C GLY D 226 -55.21 16.02 -14.77
N ASP D 227 -56.14 16.48 -15.61
CA ASP D 227 -56.92 15.66 -16.54
C ASP D 227 -57.83 14.67 -15.81
N HIS D 228 -58.14 14.99 -14.54
CA HIS D 228 -58.92 14.17 -13.60
C HIS D 228 -58.38 12.75 -13.44
N LEU D 229 -57.08 12.58 -13.65
CA LEU D 229 -56.38 11.30 -13.54
C LEU D 229 -55.05 11.58 -12.86
N GLN D 230 -54.10 10.65 -13.04
CA GLN D 230 -52.81 10.75 -12.38
C GLN D 230 -52.06 12.00 -12.85
N PRO D 231 -51.40 12.72 -11.94
CA PRO D 231 -50.89 14.06 -12.27
C PRO D 231 -49.48 14.04 -12.85
N LEU D 232 -49.28 13.23 -13.90
CA LEU D 232 -48.14 13.27 -14.82
C LEU D 232 -46.80 12.88 -14.18
N ASP D 233 -46.82 12.54 -12.90
CA ASP D 233 -45.63 12.10 -12.18
C ASP D 233 -45.78 10.66 -11.72
N LEU D 234 -46.92 10.04 -12.00
CA LEU D 234 -47.15 8.65 -11.62
C LEU D 234 -47.50 7.77 -12.80
N VAL D 235 -47.09 8.13 -14.01
CA VAL D 235 -47.50 7.35 -15.18
C VAL D 235 -46.62 6.11 -15.29
N PRO D 236 -47.18 4.93 -15.54
CA PRO D 236 -46.35 3.75 -15.74
C PRO D 236 -46.04 3.51 -17.20
N ASN D 237 -44.93 2.85 -17.46
CA ASN D 237 -44.58 2.42 -18.81
C ASN D 237 -45.06 0.99 -19.03
N HIS D 238 -44.70 0.38 -20.17
CA HIS D 238 -45.03 -1.03 -20.38
C HIS D 238 -44.19 -1.94 -19.49
N GLN D 239 -43.02 -1.47 -19.06
CA GLN D 239 -42.19 -2.24 -18.15
C GLN D 239 -42.60 -2.00 -16.70
N GLY D 240 -43.51 -1.06 -16.47
CA GLY D 240 -44.20 -0.93 -15.19
C GLY D 240 -43.46 -0.18 -14.11
N LEU D 241 -42.99 1.03 -14.41
CA LEU D 241 -42.31 1.84 -13.41
C LEU D 241 -42.80 3.29 -13.45
N THR D 242 -42.73 3.94 -12.31
CA THR D 242 -42.93 5.36 -12.17
C THR D 242 -41.60 6.07 -12.45
N PRO D 243 -41.59 7.39 -12.68
CA PRO D 243 -40.30 8.08 -12.82
C PRO D 243 -39.48 8.10 -11.55
N PHE D 244 -40.13 8.05 -10.39
CA PHE D 244 -39.38 8.00 -9.13
C PHE D 244 -38.68 6.68 -8.95
N LYS D 245 -39.33 5.56 -9.28
CA LYS D 245 -38.70 4.26 -9.19
C LYS D 245 -37.61 4.09 -10.23
N LEU D 246 -37.75 4.75 -11.39
CA LEU D 246 -36.77 4.59 -12.46
C LEU D 246 -35.47 5.28 -12.11
N ALA D 247 -35.52 6.29 -11.25
CA ALA D 247 -34.30 6.83 -10.67
C ALA D 247 -33.64 5.80 -9.77
N GLY D 248 -34.42 4.91 -9.17
CA GLY D 248 -33.86 3.92 -8.28
C GLY D 248 -33.13 2.80 -8.98
N VAL D 249 -33.61 2.37 -10.14
CA VAL D 249 -33.02 1.21 -10.80
C VAL D 249 -31.73 1.58 -11.51
N GLU D 250 -31.69 2.72 -12.18
CA GLU D 250 -30.52 3.10 -12.95
C GLU D 250 -29.47 3.82 -12.12
N GLY D 251 -29.71 4.04 -10.83
CA GLY D 251 -28.70 4.63 -9.98
C GLY D 251 -28.50 6.12 -10.16
N ASN D 252 -29.51 6.84 -10.65
CA ASN D 252 -29.38 8.27 -10.87
C ASN D 252 -29.46 8.98 -9.53
N THR D 253 -28.30 9.21 -8.92
CA THR D 253 -28.24 9.64 -7.53
C THR D 253 -28.71 11.08 -7.35
N VAL D 254 -28.20 11.99 -8.18
CA VAL D 254 -28.47 13.42 -7.99
C VAL D 254 -29.92 13.73 -8.32
N MET D 255 -30.48 13.03 -9.31
CA MET D 255 -31.89 13.21 -9.60
C MET D 255 -32.78 12.60 -8.52
N PHE D 256 -32.30 11.59 -7.79
CA PHE D 256 -33.09 11.00 -6.72
C PHE D 256 -33.28 11.96 -5.56
N GLN D 257 -32.36 12.92 -5.38
CA GLN D 257 -32.51 13.89 -4.32
C GLN D 257 -33.62 14.89 -4.63
N HIS D 258 -33.67 15.39 -5.86
CA HIS D 258 -34.67 16.40 -6.20
C HIS D 258 -36.07 15.78 -6.31
N LEU D 259 -36.16 14.48 -6.58
CA LEU D 259 -37.46 13.82 -6.58
C LEU D 259 -37.99 13.66 -5.17
N MET D 260 -37.10 13.62 -4.19
CA MET D 260 -37.48 13.41 -2.80
C MET D 260 -38.08 14.69 -2.23
N GLN D 261 -37.75 15.82 -2.86
CA GLN D 261 -38.11 17.13 -2.33
C GLN D 261 -39.61 17.39 -2.39
N LYS D 262 -40.34 16.69 -3.26
CA LYS D 262 -41.79 16.84 -3.29
C LYS D 262 -42.45 15.95 -2.26
N ARG D 263 -41.76 14.90 -1.80
CA ARG D 263 -42.39 13.94 -0.91
C ARG D 263 -42.33 14.35 0.56
N LYS D 264 -41.18 14.81 1.04
CA LYS D 264 -41.06 15.17 2.45
C LYS D 264 -41.61 16.56 2.69
N HIS D 265 -41.95 16.84 3.95
CA HIS D 265 -42.33 18.18 4.35
C HIS D 265 -41.94 18.36 5.82
N THR D 266 -41.27 19.47 6.12
CA THR D 266 -40.75 19.70 7.46
C THR D 266 -41.88 19.96 8.44
N GLN D 267 -41.61 19.67 9.72
CA GLN D 267 -42.65 19.68 10.73
C GLN D 267 -42.42 20.77 11.78
N TRP D 268 -41.25 20.80 12.40
CA TRP D 268 -40.93 21.86 13.35
C TRP D 268 -39.41 21.98 13.47
N THR D 269 -38.92 23.20 13.22
CA THR D 269 -37.50 23.51 13.34
C THR D 269 -37.24 24.16 14.68
N TYR D 270 -36.16 23.75 15.33
CA TYR D 270 -35.86 24.15 16.71
C TYR D 270 -34.35 24.37 16.81
N GLY D 271 -33.91 25.58 16.52
CA GLY D 271 -32.51 25.92 16.51
C GLY D 271 -31.74 25.12 15.48
N PRO D 272 -30.66 24.47 15.90
CA PRO D 272 -29.96 23.58 15.00
C PRO D 272 -30.60 22.20 14.90
N LEU D 273 -31.63 21.95 15.70
CA LEU D 273 -32.33 20.67 15.62
C LEU D 273 -33.58 20.82 14.77
N THR D 274 -33.70 20.01 13.73
CA THR D 274 -34.86 20.02 12.87
C THR D 274 -35.42 18.61 12.78
N SER D 275 -36.66 18.50 12.32
CA SER D 275 -37.36 17.22 12.35
C SER D 275 -38.35 17.14 11.21
N THR D 276 -38.10 16.22 10.29
CA THR D 276 -38.90 16.07 9.09
C THR D 276 -39.83 14.85 9.21
N LEU D 277 -40.54 14.55 8.13
CA LEU D 277 -41.51 13.45 8.11
C LEU D 277 -41.58 12.94 6.67
N TYR D 278 -40.88 11.85 6.40
CA TYR D 278 -40.84 11.33 5.04
C TYR D 278 -42.14 10.64 4.68
N ASP D 279 -42.41 10.57 3.38
CA ASP D 279 -43.72 10.11 2.93
C ASP D 279 -43.84 8.60 3.03
N LEU D 280 -42.99 7.89 2.28
CA LEU D 280 -42.85 6.43 2.30
C LEU D 280 -44.17 5.74 1.96
N THR D 281 -44.59 5.96 0.71
CA THR D 281 -45.65 5.14 0.14
C THR D 281 -45.15 4.33 -1.04
N GLU D 282 -43.89 4.50 -1.41
CA GLU D 282 -43.35 3.90 -2.61
C GLU D 282 -41.99 3.27 -2.38
N ILE D 283 -41.35 3.52 -1.25
CA ILE D 283 -40.02 2.98 -0.98
C ILE D 283 -40.13 1.84 0.02
N ASP D 284 -41.31 1.22 0.11
CA ASP D 284 -41.51 0.13 1.06
C ASP D 284 -42.28 -1.02 0.43
N SER D 285 -42.01 -2.24 0.87
CA SER D 285 -42.57 -3.44 0.25
C SER D 285 -44.03 -3.70 0.64
N SER D 286 -44.66 -2.78 1.35
CA SER D 286 -46.08 -2.93 1.68
C SER D 286 -46.93 -2.76 0.43
N GLY D 287 -47.41 -3.87 -0.11
CA GLY D 287 -48.23 -3.84 -1.31
C GLY D 287 -48.63 -5.22 -1.77
N ASP D 288 -48.74 -5.40 -3.09
CA ASP D 288 -49.14 -6.66 -3.69
C ASP D 288 -48.16 -6.98 -4.82
N GLU D 289 -47.31 -6.00 -5.13
CA GLU D 289 -46.41 -6.08 -6.27
C GLU D 289 -45.05 -5.49 -5.92
N GLN D 290 -44.26 -5.15 -6.93
CA GLN D 290 -42.92 -4.61 -6.80
C GLN D 290 -42.87 -3.33 -5.98
N SER D 291 -41.75 -3.14 -5.29
CA SER D 291 -41.46 -1.91 -4.57
C SER D 291 -40.07 -1.40 -4.95
N LEU D 292 -39.58 -0.38 -4.25
CA LEU D 292 -38.24 0.12 -4.55
C LEU D 292 -37.15 -0.81 -4.03
N LEU D 293 -37.30 -1.29 -2.79
CA LEU D 293 -36.32 -2.20 -2.21
C LEU D 293 -36.30 -3.56 -2.89
N GLU D 294 -37.34 -3.92 -3.63
CA GLU D 294 -37.29 -5.15 -4.41
C GLU D 294 -36.38 -5.01 -5.61
N LEU D 295 -36.39 -3.84 -6.26
CA LEU D 295 -35.70 -3.71 -7.55
C LEU D 295 -34.25 -3.30 -7.42
N ILE D 296 -33.85 -2.69 -6.29
CA ILE D 296 -32.45 -2.31 -6.13
C ILE D 296 -31.59 -3.55 -5.93
N ILE D 297 -32.12 -4.56 -5.27
CA ILE D 297 -31.38 -5.81 -5.11
C ILE D 297 -31.36 -6.59 -6.41
N THR D 298 -32.45 -6.55 -7.17
CA THR D 298 -32.60 -7.41 -8.34
C THR D 298 -31.69 -6.94 -9.48
N THR D 299 -31.55 -5.63 -9.65
CA THR D 299 -30.59 -5.15 -10.63
C THR D 299 -29.16 -5.36 -10.14
N LYS D 300 -28.22 -5.33 -11.07
CA LYS D 300 -26.82 -5.57 -10.77
C LYS D 300 -25.93 -4.40 -11.14
N LYS D 301 -26.53 -3.24 -11.44
CA LYS D 301 -25.79 -2.02 -11.74
C LYS D 301 -25.00 -1.55 -10.52
N ARG D 302 -23.73 -1.23 -10.72
CA ARG D 302 -22.83 -0.89 -9.62
C ARG D 302 -23.21 0.45 -9.00
N GLU D 303 -23.72 1.37 -9.81
CA GLU D 303 -24.16 2.66 -9.31
C GLU D 303 -25.48 2.58 -8.56
N ALA D 304 -26.30 1.57 -8.86
CA ALA D 304 -27.64 1.48 -8.30
C ALA D 304 -27.64 1.17 -6.81
N ARG D 305 -26.58 0.54 -6.31
CA ARG D 305 -26.52 0.22 -4.88
C ARG D 305 -25.89 1.33 -4.06
N GLN D 306 -25.93 2.58 -4.50
CA GLN D 306 -25.57 3.71 -3.67
C GLN D 306 -26.78 4.50 -3.19
N ILE D 307 -27.99 4.06 -3.54
CA ILE D 307 -29.17 4.74 -3.02
C ILE D 307 -29.49 4.23 -1.62
N LEU D 308 -28.88 3.13 -1.21
CA LEU D 308 -28.93 2.59 0.14
C LEU D 308 -28.09 3.37 1.14
N ASP D 309 -27.56 4.54 0.78
CA ASP D 309 -26.82 5.39 1.71
C ASP D 309 -27.52 6.72 1.94
N GLN D 310 -28.54 7.06 1.14
CA GLN D 310 -29.23 8.32 1.30
C GLN D 310 -30.23 8.24 2.45
N THR D 311 -30.64 9.40 2.94
CA THR D 311 -31.38 9.50 4.20
C THR D 311 -32.76 8.83 4.33
N PRO D 312 -33.60 8.67 3.29
CA PRO D 312 -34.84 7.91 3.52
C PRO D 312 -34.66 6.41 3.47
N VAL D 313 -33.73 5.88 2.69
CA VAL D 313 -33.63 4.44 2.53
C VAL D 313 -32.82 3.80 3.66
N LYS D 314 -31.76 4.48 4.11
CA LYS D 314 -30.91 3.94 5.18
C LYS D 314 -31.65 3.86 6.50
N GLU D 315 -32.47 4.87 6.80
CA GLU D 315 -33.23 4.86 8.05
C GLU D 315 -34.32 3.79 8.02
N LEU D 316 -34.85 3.47 6.85
CA LEU D 316 -35.89 2.46 6.77
C LEU D 316 -35.30 1.06 6.93
N VAL D 317 -34.13 0.83 6.34
CA VAL D 317 -33.58 -0.52 6.39
C VAL D 317 -32.91 -0.81 7.74
N SER D 318 -32.41 0.22 8.43
CA SER D 318 -31.81 -0.03 9.72
C SER D 318 -32.84 -0.13 10.84
N LEU D 319 -33.99 0.53 10.68
CA LEU D 319 -35.06 0.35 11.66
C LEU D 319 -35.73 -1.01 11.49
N LYS D 320 -35.76 -1.52 10.27
CA LYS D 320 -36.24 -2.88 10.02
C LYS D 320 -35.19 -3.94 10.18
N TRP D 321 -34.07 -3.65 10.86
CA TRP D 321 -33.09 -4.69 11.13
C TRP D 321 -32.56 -4.72 12.55
N LYS D 322 -32.53 -3.60 13.26
CA LYS D 322 -32.18 -3.66 14.67
C LYS D 322 -33.32 -4.28 15.48
N ARG D 323 -34.54 -4.04 15.04
CA ARG D 323 -35.70 -4.76 15.53
C ARG D 323 -36.41 -5.38 14.35
N TYR D 324 -37.27 -6.36 14.64
CA TYR D 324 -38.22 -7.02 13.73
C TYR D 324 -37.55 -7.93 12.70
N GLY D 325 -36.23 -7.87 12.57
CA GLY D 325 -35.58 -8.69 11.57
C GLY D 325 -34.47 -9.58 12.10
N ARG D 326 -33.80 -9.15 13.15
CA ARG D 326 -32.62 -9.87 13.61
C ARG D 326 -32.94 -11.04 14.55
N PRO D 327 -33.85 -10.93 15.54
CA PRO D 327 -34.23 -12.16 16.25
C PRO D 327 -35.08 -13.12 15.42
N TYR D 328 -35.68 -12.67 14.31
CA TYR D 328 -36.28 -13.63 13.40
C TYR D 328 -35.24 -14.22 12.48
N PHE D 329 -34.05 -13.63 12.43
CA PHE D 329 -32.98 -14.21 11.62
C PHE D 329 -32.15 -15.20 12.43
N CYS D 330 -32.05 -15.00 13.74
CA CYS D 330 -31.36 -15.98 14.56
C CYS D 330 -32.30 -17.03 15.15
N MET D 331 -33.61 -16.83 15.07
CA MET D 331 -34.50 -17.95 15.34
C MET D 331 -34.37 -19.00 14.24
N LEU D 332 -34.29 -18.57 12.98
CA LEU D 332 -33.91 -19.47 11.90
C LEU D 332 -32.44 -19.86 11.95
N GLY D 333 -31.63 -19.18 12.76
CA GLY D 333 -30.26 -19.60 12.96
C GLY D 333 -30.19 -20.87 13.77
N ALA D 334 -30.78 -20.85 14.96
CA ALA D 334 -30.65 -21.99 15.87
C ALA D 334 -31.48 -23.20 15.44
N ILE D 335 -32.54 -23.00 14.67
CA ILE D 335 -33.29 -24.14 14.16
C ILE D 335 -32.47 -24.91 13.14
N TYR D 336 -31.71 -24.18 12.32
CA TYR D 336 -30.89 -24.85 11.31
C TYR D 336 -29.69 -25.55 11.90
N LEU D 337 -29.11 -25.02 12.97
CA LEU D 337 -27.94 -25.66 13.55
C LEU D 337 -28.35 -26.90 14.34
N LEU D 338 -29.57 -26.92 14.87
CA LEU D 338 -30.09 -28.14 15.49
C LEU D 338 -30.73 -29.07 14.47
N TYR D 339 -30.53 -28.81 13.18
CA TYR D 339 -30.95 -29.77 12.16
C TYR D 339 -29.78 -30.67 11.77
N ILE D 340 -28.60 -30.09 11.55
CA ILE D 340 -27.48 -30.86 11.05
C ILE D 340 -26.82 -31.66 12.17
N ILE D 341 -26.88 -31.15 13.40
CA ILE D 341 -26.37 -31.92 14.53
C ILE D 341 -27.26 -33.12 14.80
N CYS D 342 -28.57 -33.00 14.57
CA CYS D 342 -29.42 -34.17 14.56
C CYS D 342 -29.35 -34.96 13.25
N PHE D 343 -28.45 -34.59 12.35
CA PHE D 343 -28.17 -35.34 11.13
C PHE D 343 -26.80 -36.00 11.16
N THR D 344 -25.78 -35.31 11.66
CA THR D 344 -24.46 -35.92 11.82
C THR D 344 -24.49 -37.05 12.84
N MET D 345 -25.22 -36.86 13.95
CA MET D 345 -25.50 -37.95 14.87
C MET D 345 -26.29 -39.07 14.22
N CYS D 346 -27.13 -38.76 13.23
CA CYS D 346 -27.75 -39.83 12.45
C CYS D 346 -26.79 -40.43 11.45
N CYS D 347 -25.71 -39.72 11.09
CA CYS D 347 -24.79 -40.25 10.09
C CYS D 347 -23.80 -41.24 10.68
N ILE D 348 -23.17 -40.90 11.81
CA ILE D 348 -22.06 -41.71 12.30
C ILE D 348 -22.51 -43.03 12.91
N TYR D 349 -23.79 -43.23 13.14
CA TYR D 349 -24.28 -44.53 13.60
C TYR D 349 -24.91 -45.32 12.44
N ARG D 350 -24.11 -45.63 11.43
CA ARG D 350 -24.68 -46.44 10.37
C ARG D 350 -24.77 -47.91 10.79
N PRO D 351 -25.78 -48.63 10.32
CA PRO D 351 -25.91 -50.06 10.67
C PRO D 351 -24.86 -50.90 9.96
N LEU D 352 -24.01 -51.55 10.75
CA LEU D 352 -22.86 -52.29 10.23
C LEU D 352 -22.83 -53.69 10.83
N LYS D 353 -21.93 -54.52 10.29
CA LYS D 353 -21.72 -55.91 10.72
C LYS D 353 -20.31 -56.32 10.28
N PRO D 354 -19.80 -57.50 10.63
CA PRO D 354 -18.57 -57.95 9.99
C PRO D 354 -18.83 -58.49 8.61
N ARG D 355 -17.77 -58.59 7.80
CA ARG D 355 -17.88 -58.85 6.37
C ARG D 355 -17.95 -60.36 6.10
N THR D 356 -19.16 -60.88 6.12
CA THR D 356 -19.37 -62.31 5.92
C THR D 356 -19.73 -62.60 4.48
N ASN D 357 -19.51 -63.86 4.08
CA ASN D 357 -19.91 -64.44 2.78
C ASN D 357 -19.18 -63.80 1.59
N ASN D 358 -18.22 -62.93 1.87
CA ASN D 358 -17.43 -62.26 0.85
C ASN D 358 -15.99 -62.18 1.32
N ARG D 359 -15.45 -63.32 1.77
CA ARG D 359 -14.10 -63.40 2.34
C ARG D 359 -13.05 -62.90 1.36
N THR D 360 -12.00 -62.28 1.90
CA THR D 360 -11.09 -61.43 1.17
C THR D 360 -10.29 -62.18 0.10
N SER D 361 -10.65 -61.95 -1.17
CA SER D 361 -10.01 -62.65 -2.28
C SER D 361 -8.67 -62.01 -2.69
N PRO D 362 -8.56 -60.66 -2.96
CA PRO D 362 -7.23 -60.14 -3.26
C PRO D 362 -6.40 -60.01 -2.00
N ARG D 363 -5.10 -60.25 -2.07
CA ARG D 363 -4.28 -60.16 -0.88
C ARG D 363 -3.63 -58.80 -0.75
N ASP D 364 -3.85 -58.16 0.41
CA ASP D 364 -3.24 -56.91 0.87
C ASP D 364 -3.52 -55.75 -0.08
N ASN D 365 -4.61 -55.81 -0.85
CA ASN D 365 -4.99 -54.70 -1.71
C ASN D 365 -6.46 -54.37 -1.63
N THR D 366 -7.20 -54.98 -0.71
CA THR D 366 -8.54 -54.52 -0.36
C THR D 366 -8.63 -54.53 1.16
N LEU D 367 -9.24 -53.50 1.72
CA LEU D 367 -9.22 -53.39 3.17
C LEU D 367 -10.61 -52.95 3.63
N LEU D 368 -11.63 -53.65 3.14
CA LEU D 368 -13.00 -53.47 3.62
C LEU D 368 -13.32 -54.60 4.59
N GLN D 369 -14.05 -54.26 5.67
CA GLN D 369 -14.50 -55.31 6.58
C GLN D 369 -15.86 -55.00 7.19
N GLN D 370 -16.71 -54.23 6.51
CA GLN D 370 -18.00 -53.91 7.10
C GLN D 370 -19.22 -54.39 6.32
N LYS D 371 -19.43 -53.95 5.06
CA LYS D 371 -20.52 -54.40 4.19
C LYS D 371 -21.89 -54.17 4.83
N LEU D 372 -22.34 -52.91 4.88
CA LEU D 372 -23.49 -52.41 5.64
C LEU D 372 -24.79 -53.20 5.55
N LEU D 373 -25.60 -53.11 6.60
CA LEU D 373 -26.88 -53.80 6.76
C LEU D 373 -27.94 -53.23 5.81
N GLN D 374 -29.06 -53.96 5.69
CA GLN D 374 -30.14 -53.49 4.83
C GLN D 374 -31.54 -53.60 5.46
N GLU D 375 -31.74 -54.56 6.37
CA GLU D 375 -33.05 -54.85 6.94
C GLU D 375 -32.90 -55.04 8.46
N ALA D 376 -32.24 -54.07 9.09
CA ALA D 376 -31.95 -54.15 10.51
C ALA D 376 -32.43 -52.91 11.26
N TYR D 377 -33.66 -52.49 11.01
CA TYR D 377 -34.36 -51.54 11.87
C TYR D 377 -35.29 -52.25 12.84
N MET D 378 -34.97 -53.50 13.19
CA MET D 378 -35.72 -54.25 14.18
C MET D 378 -34.71 -54.72 15.24
N THR D 379 -34.45 -53.83 16.20
CA THR D 379 -33.43 -53.98 17.23
C THR D 379 -33.77 -53.00 18.35
N PRO D 380 -33.74 -53.41 19.63
CA PRO D 380 -34.14 -52.49 20.69
C PRO D 380 -33.07 -51.50 21.14
N LYS D 381 -32.38 -50.90 20.18
CA LYS D 381 -31.62 -49.67 20.42
C LYS D 381 -31.94 -48.73 19.27
N ASP D 382 -32.32 -49.30 18.14
CA ASP D 382 -32.31 -48.62 16.86
C ASP D 382 -33.58 -47.79 16.67
N ASP D 383 -34.48 -47.82 17.65
CA ASP D 383 -35.72 -47.07 17.53
C ASP D 383 -35.49 -45.57 17.65
N ILE D 384 -34.37 -45.15 18.27
CA ILE D 384 -34.10 -43.73 18.34
C ILE D 384 -33.56 -43.23 17.01
N ARG D 385 -32.84 -44.07 16.28
CA ARG D 385 -32.30 -43.65 14.99
C ARG D 385 -33.37 -43.64 13.90
N LEU D 386 -34.46 -44.38 14.10
CA LEU D 386 -35.61 -44.28 13.21
C LEU D 386 -36.23 -42.91 13.29
N VAL D 387 -36.20 -42.30 14.48
CA VAL D 387 -36.54 -40.89 14.62
C VAL D 387 -35.49 -40.02 13.94
N GLY D 388 -34.25 -40.50 13.91
CA GLY D 388 -33.15 -39.71 13.37
C GLY D 388 -33.25 -39.48 11.88
N GLU D 389 -33.63 -40.51 11.11
CA GLU D 389 -33.89 -40.28 9.70
C GLU D 389 -35.21 -39.57 9.48
N LEU D 390 -36.20 -39.81 10.33
CA LEU D 390 -37.53 -39.26 10.12
C LEU D 390 -37.55 -37.75 10.35
N VAL D 391 -36.64 -37.24 11.19
CA VAL D 391 -36.52 -35.80 11.35
C VAL D 391 -35.88 -35.18 10.13
N THR D 392 -34.74 -35.72 9.70
CA THR D 392 -33.97 -35.08 8.65
C THR D 392 -34.59 -35.28 7.27
N VAL D 393 -35.50 -36.23 7.10
CA VAL D 393 -36.09 -36.39 5.78
C VAL D 393 -37.38 -35.60 5.66
N ILE D 394 -37.98 -35.19 6.79
CA ILE D 394 -39.10 -34.26 6.72
C ILE D 394 -38.61 -32.86 6.34
N GLY D 395 -37.46 -32.47 6.89
CA GLY D 395 -36.90 -31.18 6.54
C GLY D 395 -36.45 -31.07 5.09
N ALA D 396 -35.99 -32.18 4.52
CA ALA D 396 -35.60 -32.16 3.11
C ALA D 396 -36.81 -32.02 2.20
N ILE D 397 -37.99 -32.43 2.65
CA ILE D 397 -39.21 -32.11 1.91
C ILE D 397 -39.52 -30.61 2.04
N ILE D 398 -39.26 -30.04 3.21
CA ILE D 398 -39.59 -28.63 3.45
C ILE D 398 -38.62 -27.70 2.72
N ILE D 399 -37.37 -28.13 2.52
CA ILE D 399 -36.42 -27.35 1.74
C ILE D 399 -36.86 -27.28 0.28
N LEU D 400 -37.26 -28.40 -0.31
CA LEU D 400 -37.68 -28.37 -1.70
C LEU D 400 -39.07 -27.77 -1.87
N LEU D 401 -39.85 -27.67 -0.80
CA LEU D 401 -41.14 -27.00 -0.92
C LEU D 401 -41.09 -25.56 -0.45
N VAL D 402 -39.91 -24.95 -0.38
CA VAL D 402 -39.79 -23.53 -0.05
C VAL D 402 -38.85 -22.81 -1.02
N GLU D 403 -38.14 -23.53 -1.88
CA GLU D 403 -37.27 -22.93 -2.87
C GLU D 403 -37.64 -23.27 -4.30
N VAL D 404 -38.01 -24.52 -4.58
CA VAL D 404 -38.43 -24.90 -5.94
C VAL D 404 -39.68 -24.15 -6.39
N PRO D 405 -40.68 -23.83 -5.51
CA PRO D 405 -41.71 -22.88 -5.97
C PRO D 405 -41.29 -21.42 -6.06
N ASP D 406 -39.99 -21.12 -6.02
CA ASP D 406 -39.55 -19.78 -6.39
C ASP D 406 -38.87 -19.75 -7.76
N ILE D 407 -38.98 -20.80 -8.57
CA ILE D 407 -38.50 -20.74 -9.95
C ILE D 407 -39.56 -21.28 -10.90
N PHE D 408 -40.79 -21.42 -10.43
CA PHE D 408 -41.92 -21.62 -11.34
C PHE D 408 -42.76 -20.35 -11.37
N ARG D 409 -42.79 -19.63 -10.25
CA ARG D 409 -43.40 -18.31 -10.23
C ARG D 409 -42.45 -17.24 -10.77
N MET D 410 -41.16 -17.40 -10.51
CA MET D 410 -40.12 -16.53 -11.03
C MET D 410 -39.43 -17.26 -12.19
N GLY D 411 -38.53 -16.59 -12.90
CA GLY D 411 -37.85 -17.19 -14.02
C GLY D 411 -36.78 -18.18 -13.60
N VAL D 412 -36.43 -19.07 -14.53
CA VAL D 412 -35.48 -20.15 -14.29
C VAL D 412 -34.03 -19.67 -14.39
N THR D 413 -33.82 -18.38 -14.68
CA THR D 413 -32.48 -17.82 -14.71
C THR D 413 -32.17 -16.90 -13.55
N ARG D 414 -33.05 -16.82 -12.55
CA ARG D 414 -32.80 -15.91 -11.44
C ARG D 414 -31.85 -16.53 -10.42
N PHE D 415 -31.74 -17.87 -10.41
CA PHE D 415 -30.67 -18.50 -9.64
C PHE D 415 -29.30 -18.17 -10.21
N PHE D 416 -29.23 -18.03 -11.54
CA PHE D 416 -28.07 -17.42 -12.19
C PHE D 416 -28.23 -15.91 -12.36
N GLY D 417 -29.16 -15.29 -11.62
CA GLY D 417 -29.42 -13.87 -11.74
C GLY D 417 -29.15 -13.07 -10.48
N GLN D 418 -29.35 -13.66 -9.31
CA GLN D 418 -29.00 -13.04 -8.04
C GLN D 418 -27.68 -13.58 -7.49
N THR D 419 -26.84 -14.16 -8.35
CA THR D 419 -25.67 -14.92 -7.92
C THR D 419 -24.59 -14.05 -7.28
N ILE D 420 -24.56 -12.76 -7.60
CA ILE D 420 -23.54 -11.89 -7.03
C ILE D 420 -23.87 -11.58 -5.57
N LEU D 421 -25.12 -11.24 -5.28
CA LEU D 421 -25.47 -10.77 -3.94
C LEU D 421 -25.70 -11.91 -2.94
N GLY D 422 -26.76 -12.67 -3.15
CA GLY D 422 -27.16 -13.71 -2.20
C GLY D 422 -27.46 -15.02 -2.89
N GLY D 423 -26.67 -15.34 -3.91
CA GLY D 423 -27.01 -16.35 -4.88
C GLY D 423 -26.52 -17.78 -4.74
N PRO D 424 -25.21 -18.03 -4.55
CA PRO D 424 -24.73 -19.42 -4.61
C PRO D 424 -25.17 -20.28 -3.43
N PHE D 425 -25.72 -19.69 -2.38
CA PHE D 425 -26.31 -20.51 -1.33
C PHE D 425 -27.65 -21.09 -1.75
N HIS D 426 -28.40 -20.41 -2.61
CA HIS D 426 -29.63 -21.00 -3.10
C HIS D 426 -29.37 -22.13 -4.08
N VAL D 427 -28.21 -22.14 -4.72
CA VAL D 427 -27.79 -23.34 -5.44
C VAL D 427 -27.42 -24.43 -4.45
N LEU D 428 -26.81 -24.04 -3.34
CA LEU D 428 -26.17 -25.02 -2.47
C LEU D 428 -27.19 -25.75 -1.59
N ILE D 429 -28.25 -25.05 -1.16
CA ILE D 429 -29.29 -25.69 -0.35
C ILE D 429 -30.18 -26.61 -1.18
N ILE D 430 -30.36 -26.35 -2.48
CA ILE D 430 -31.08 -27.28 -3.35
C ILE D 430 -30.30 -28.57 -3.49
N THR D 431 -28.98 -28.48 -3.67
CA THR D 431 -28.17 -29.66 -3.86
C THR D 431 -28.03 -30.48 -2.58
N TYR D 432 -28.15 -29.82 -1.42
CA TYR D 432 -28.15 -30.56 -0.16
C TYR D 432 -29.36 -31.47 -0.03
N ALA D 433 -30.55 -30.92 -0.23
CA ALA D 433 -31.77 -31.70 -0.07
C ALA D 433 -31.93 -32.75 -1.17
N PHE D 434 -31.30 -32.53 -2.33
CA PHE D 434 -31.37 -33.54 -3.37
C PHE D 434 -30.45 -34.72 -3.06
N MET D 435 -29.38 -34.49 -2.30
CA MET D 435 -28.52 -35.59 -1.91
C MET D 435 -29.09 -36.40 -0.75
N VAL D 436 -29.80 -35.77 0.18
CA VAL D 436 -30.38 -36.51 1.29
C VAL D 436 -31.57 -37.33 0.82
N LEU D 437 -32.26 -36.87 -0.22
CA LEU D 437 -33.31 -37.72 -0.79
C LEU D 437 -32.75 -38.90 -1.58
N VAL D 438 -31.49 -38.84 -2.01
CA VAL D 438 -30.90 -39.99 -2.68
C VAL D 438 -30.66 -41.13 -1.69
N THR D 439 -30.12 -40.81 -0.52
CA THR D 439 -29.79 -41.83 0.46
C THR D 439 -31.03 -42.45 1.10
N MET D 440 -32.21 -41.83 0.97
CA MET D 440 -33.44 -42.53 1.31
C MET D 440 -33.79 -43.55 0.24
N VAL D 441 -33.56 -43.22 -1.04
CA VAL D 441 -33.90 -44.12 -2.14
C VAL D 441 -33.02 -45.35 -2.11
N MET D 442 -31.73 -45.18 -1.83
CA MET D 442 -30.82 -46.32 -1.87
C MET D 442 -30.99 -47.23 -0.66
N ARG D 443 -31.28 -46.67 0.52
CA ARG D 443 -31.42 -47.51 1.69
C ARG D 443 -32.76 -48.24 1.72
N LEU D 444 -33.80 -47.65 1.13
CA LEU D 444 -35.06 -48.35 1.04
C LEU D 444 -35.00 -49.47 0.00
N ILE D 445 -34.25 -49.26 -1.08
CA ILE D 445 -34.09 -50.30 -2.10
C ILE D 445 -32.97 -51.25 -1.74
N SER D 446 -32.27 -51.02 -0.62
CA SER D 446 -31.16 -51.83 -0.11
C SER D 446 -30.00 -51.88 -1.11
N ALA D 447 -29.45 -50.72 -1.40
CA ALA D 447 -28.32 -50.62 -2.32
C ALA D 447 -27.02 -50.93 -1.60
N SER D 448 -25.95 -51.05 -2.37
CA SER D 448 -24.65 -51.37 -1.79
C SER D 448 -23.79 -50.12 -1.65
N GLY D 449 -23.57 -49.39 -2.73
CA GLY D 449 -22.81 -48.16 -2.67
C GLY D 449 -23.63 -47.10 -1.97
N GLU D 450 -23.23 -46.71 -0.77
CA GLU D 450 -24.08 -45.91 0.08
C GLU D 450 -23.43 -44.64 0.58
N VAL D 451 -22.12 -44.62 0.80
CA VAL D 451 -21.51 -43.44 1.38
C VAL D 451 -21.14 -42.41 0.33
N VAL D 452 -21.38 -42.69 -0.95
CA VAL D 452 -21.01 -41.77 -2.02
C VAL D 452 -21.91 -40.53 -2.03
N PRO D 453 -23.24 -40.60 -1.90
CA PRO D 453 -23.99 -39.35 -1.74
C PRO D 453 -24.07 -38.87 -0.31
N MET D 454 -23.83 -39.74 0.66
CA MET D 454 -23.99 -39.35 2.05
C MET D 454 -22.81 -38.51 2.53
N SER D 455 -21.67 -38.64 1.86
CA SER D 455 -20.54 -37.79 2.19
C SER D 455 -20.67 -36.42 1.51
N PHE D 456 -21.37 -36.37 0.37
CA PHE D 456 -21.70 -35.07 -0.20
C PHE D 456 -22.79 -34.39 0.60
N ALA D 457 -23.61 -35.18 1.30
CA ALA D 457 -24.68 -34.60 2.09
C ALA D 457 -24.22 -34.15 3.47
N LEU D 458 -22.93 -34.10 3.72
CA LEU D 458 -22.42 -33.68 5.00
C LEU D 458 -21.36 -32.60 4.90
N VAL D 459 -20.71 -32.47 3.75
CA VAL D 459 -20.00 -31.23 3.47
C VAL D 459 -20.98 -30.12 3.11
N LEU D 460 -21.93 -30.38 2.21
CA LEU D 460 -22.91 -29.37 1.81
C LEU D 460 -23.91 -29.03 2.90
N GLY D 461 -24.01 -29.84 3.95
CA GLY D 461 -24.74 -29.39 5.13
C GLY D 461 -23.93 -28.38 5.92
N TRP D 462 -22.76 -28.78 6.42
CA TRP D 462 -21.98 -27.95 7.31
C TRP D 462 -21.38 -26.73 6.62
N CYS D 463 -21.21 -26.78 5.30
CA CYS D 463 -20.76 -25.58 4.62
C CYS D 463 -21.92 -24.69 4.21
N ASN D 464 -23.15 -25.08 4.56
CA ASN D 464 -24.28 -24.20 4.26
C ASN D 464 -24.77 -23.49 5.52
N VAL D 465 -24.08 -23.68 6.64
CA VAL D 465 -24.35 -22.87 7.82
C VAL D 465 -23.42 -21.66 7.70
N MET D 466 -22.59 -21.66 6.65
CA MET D 466 -21.88 -20.46 6.23
C MET D 466 -22.83 -19.33 5.87
N TYR D 467 -24.01 -19.66 5.34
CA TYR D 467 -25.01 -18.67 4.92
C TYR D 467 -25.48 -17.79 6.07
N PHE D 468 -25.41 -18.27 7.30
CA PHE D 468 -25.80 -17.45 8.44
C PHE D 468 -24.67 -16.60 8.98
N ALA D 469 -23.64 -16.32 8.19
CA ALA D 469 -22.61 -15.40 8.62
C ALA D 469 -22.81 -13.99 8.09
N ARG D 470 -23.79 -13.78 7.22
CA ARG D 470 -24.07 -12.43 6.75
C ARG D 470 -24.82 -11.61 7.77
N GLY D 471 -25.45 -12.26 8.76
CA GLY D 471 -26.20 -11.54 9.75
C GLY D 471 -25.32 -10.78 10.73
N PHE D 472 -24.25 -11.42 11.19
CA PHE D 472 -23.43 -10.84 12.23
C PHE D 472 -22.38 -9.94 11.58
N GLN D 473 -22.22 -8.73 12.10
CA GLN D 473 -21.06 -7.95 11.72
C GLN D 473 -19.85 -8.57 12.41
N MET D 474 -18.66 -8.38 11.82
CA MET D 474 -17.36 -9.00 12.15
C MET D 474 -17.41 -10.47 11.73
N LEU D 475 -18.39 -10.83 10.91
CA LEU D 475 -18.35 -12.12 10.21
C LEU D 475 -18.92 -11.94 8.82
N GLY D 476 -19.21 -10.70 8.45
CA GLY D 476 -19.93 -10.37 7.25
C GLY D 476 -19.08 -9.87 6.10
N PRO D 477 -18.06 -9.05 6.38
CA PRO D 477 -17.02 -8.80 5.37
C PRO D 477 -15.99 -9.91 5.26
N PHE D 478 -16.27 -11.12 5.73
CA PHE D 478 -15.35 -12.23 5.58
C PHE D 478 -16.04 -13.41 4.88
N THR D 479 -17.35 -13.32 4.67
CA THR D 479 -18.00 -14.25 3.77
C THR D 479 -18.15 -13.66 2.37
N ILE D 480 -18.44 -12.35 2.27
CA ILE D 480 -18.52 -11.71 0.98
C ILE D 480 -17.13 -11.50 0.38
N MET D 481 -16.07 -11.64 1.17
CA MET D 481 -14.73 -11.64 0.62
C MET D 481 -14.39 -12.96 -0.02
N ILE D 482 -14.75 -14.07 0.62
CA ILE D 482 -14.35 -15.38 0.11
C ILE D 482 -15.24 -15.78 -1.08
N GLN D 483 -16.40 -15.15 -1.23
CA GLN D 483 -17.19 -15.34 -2.44
C GLN D 483 -16.55 -14.63 -3.62
N LYS D 484 -15.89 -13.51 -3.37
CA LYS D 484 -15.14 -12.81 -4.40
C LYS D 484 -13.80 -13.48 -4.67
N MET D 485 -13.47 -14.54 -3.94
CA MET D 485 -12.15 -15.15 -4.06
C MET D 485 -12.18 -16.57 -4.59
N ILE D 486 -13.20 -17.37 -4.24
CA ILE D 486 -13.33 -18.70 -4.83
C ILE D 486 -13.76 -18.61 -6.29
N PHE D 487 -14.36 -17.50 -6.70
CA PHE D 487 -14.48 -17.14 -8.11
C PHE D 487 -13.46 -16.04 -8.34
N GLY D 488 -13.09 -15.82 -9.58
CA GLY D 488 -12.12 -14.78 -9.82
C GLY D 488 -10.71 -15.29 -9.66
N ASP D 489 -10.11 -15.09 -8.48
CA ASP D 489 -8.67 -15.25 -8.35
C ASP D 489 -8.24 -16.71 -8.27
N LEU D 490 -9.04 -17.56 -7.63
CA LEU D 490 -8.61 -18.96 -7.56
C LEU D 490 -8.95 -19.71 -8.85
N MET D 491 -9.94 -19.25 -9.61
CA MET D 491 -10.13 -19.81 -10.95
C MET D 491 -9.15 -19.19 -11.93
N ARG D 492 -8.49 -18.11 -11.55
CA ARG D 492 -7.37 -17.59 -12.33
C ARG D 492 -6.13 -18.45 -12.12
N PHE D 493 -6.10 -19.25 -11.06
CA PHE D 493 -4.92 -19.99 -10.69
C PHE D 493 -5.08 -21.50 -10.87
N CYS D 494 -6.31 -22.01 -10.77
CA CYS D 494 -6.50 -23.45 -10.81
C CYS D 494 -6.29 -24.02 -12.20
N TRP D 495 -6.38 -23.17 -13.24
CA TRP D 495 -5.97 -23.62 -14.55
C TRP D 495 -4.45 -23.81 -14.61
N LEU D 496 -3.70 -22.76 -14.30
CA LEU D 496 -2.25 -22.86 -14.27
C LEU D 496 -1.71 -23.76 -13.19
N MET D 497 -2.52 -24.10 -12.18
CA MET D 497 -2.13 -25.20 -11.33
C MET D 497 -2.36 -26.54 -12.03
N ALA D 498 -3.48 -26.70 -12.71
CA ALA D 498 -3.76 -27.96 -13.40
C ALA D 498 -3.17 -28.03 -14.80
N VAL D 499 -2.14 -27.24 -15.08
CA VAL D 499 -1.35 -27.38 -16.29
C VAL D 499 0.08 -27.81 -15.97
N VAL D 500 0.63 -27.29 -14.87
CA VAL D 500 1.95 -27.75 -14.42
C VAL D 500 1.87 -29.16 -13.84
N ILE D 501 0.88 -29.44 -12.98
CA ILE D 501 0.87 -30.73 -12.31
C ILE D 501 0.42 -31.83 -13.26
N LEU D 502 -0.37 -31.50 -14.27
CA LEU D 502 -0.82 -32.50 -15.23
C LEU D 502 0.32 -32.99 -16.10
N GLY D 503 1.38 -32.20 -16.24
CA GLY D 503 2.54 -32.63 -16.99
C GLY D 503 3.59 -33.31 -16.14
N PHE D 504 3.92 -32.71 -15.00
CA PHE D 504 4.94 -33.26 -14.12
C PHE D 504 4.53 -34.61 -13.52
N ALA D 505 3.24 -34.85 -13.35
CA ALA D 505 2.81 -36.18 -12.96
C ALA D 505 3.07 -37.18 -14.06
N SER D 506 2.91 -36.76 -15.30
CA SER D 506 3.28 -37.61 -16.42
C SER D 506 4.79 -37.72 -16.56
N ALA D 507 5.55 -36.80 -15.98
CA ALA D 507 7.01 -36.95 -16.00
C ALA D 507 7.47 -37.92 -14.93
N PHE D 508 6.83 -37.90 -13.76
CA PHE D 508 7.21 -38.84 -12.71
C PHE D 508 6.69 -40.24 -13.01
N TYR D 509 5.57 -40.36 -13.71
CA TYR D 509 5.04 -41.69 -13.95
C TYR D 509 5.84 -42.45 -15.01
N ILE D 510 6.53 -41.74 -15.90
CA ILE D 510 7.50 -42.41 -16.75
C ILE D 510 8.70 -42.88 -15.93
N ILE D 511 9.16 -42.06 -14.99
CA ILE D 511 10.47 -42.27 -14.39
C ILE D 511 10.44 -43.33 -13.29
N PHE D 512 9.26 -43.76 -12.85
CA PHE D 512 9.14 -44.87 -11.92
C PHE D 512 8.45 -46.07 -12.56
N GLN D 513 8.44 -46.14 -13.89
CA GLN D 513 8.21 -47.41 -14.54
C GLN D 513 9.30 -48.40 -14.20
N THR D 514 10.54 -47.92 -14.07
CA THR D 514 11.68 -48.75 -13.72
C THR D 514 11.91 -48.75 -12.21
N GLU D 515 10.89 -49.15 -11.46
CA GLU D 515 10.96 -49.12 -10.00
C GLU D 515 9.91 -50.05 -9.41
N ASP D 516 10.33 -50.89 -8.48
CA ASP D 516 9.41 -51.71 -7.72
C ASP D 516 8.62 -50.82 -6.76
N PRO D 517 7.30 -50.86 -6.78
CA PRO D 517 6.50 -50.02 -5.88
C PRO D 517 6.55 -50.43 -4.40
N GLU D 518 7.33 -51.45 -4.03
CA GLU D 518 7.48 -51.80 -2.62
C GLU D 518 8.22 -50.71 -1.86
N GLU D 519 9.08 -49.97 -2.54
CA GLU D 519 9.66 -48.74 -2.02
C GLU D 519 9.28 -47.62 -2.98
N LEU D 520 9.07 -46.43 -2.42
CA LEU D 520 8.53 -45.26 -3.13
C LEU D 520 7.23 -45.62 -3.85
N GLY D 521 6.23 -45.94 -3.05
CA GLY D 521 4.96 -46.27 -3.64
C GLY D 521 4.11 -45.05 -3.97
N HIS D 522 4.73 -43.93 -4.30
CA HIS D 522 3.93 -42.75 -4.62
C HIS D 522 3.52 -42.74 -6.08
N PHE D 523 4.03 -43.66 -6.90
CA PHE D 523 3.78 -43.66 -8.33
C PHE D 523 3.73 -45.11 -8.79
N TYR D 524 2.52 -45.69 -8.86
CA TYR D 524 2.42 -47.00 -9.50
C TYR D 524 1.32 -46.97 -10.56
N ASP D 525 0.25 -46.24 -10.29
CA ASP D 525 -0.79 -46.02 -11.28
C ASP D 525 -0.85 -44.53 -11.59
N TYR D 526 -0.97 -44.22 -12.86
CA TYR D 526 -1.20 -42.86 -13.34
C TYR D 526 -2.43 -42.18 -12.72
N PRO D 527 -3.51 -42.87 -12.33
CA PRO D 527 -4.51 -42.17 -11.50
C PRO D 527 -4.04 -41.80 -10.11
N MET D 528 -2.94 -42.35 -9.61
CA MET D 528 -2.46 -41.86 -8.33
C MET D 528 -1.31 -40.89 -8.50
N ALA D 529 -0.55 -41.03 -9.59
CA ALA D 529 0.54 -40.10 -9.87
C ALA D 529 0.01 -38.69 -10.13
N LEU D 530 -1.15 -38.60 -10.77
CA LEU D 530 -1.82 -37.32 -10.92
C LEU D 530 -2.32 -36.79 -9.59
N PHE D 531 -2.61 -37.68 -8.64
CA PHE D 531 -3.01 -37.22 -7.31
C PHE D 531 -1.81 -36.83 -6.48
N SER D 532 -0.75 -37.64 -6.48
CA SER D 532 0.37 -37.38 -5.61
C SER D 532 1.23 -36.21 -6.07
N THR D 533 1.02 -35.73 -7.29
CA THR D 533 1.66 -34.49 -7.71
C THR D 533 0.87 -33.29 -7.20
N PHE D 534 -0.45 -33.36 -7.29
CA PHE D 534 -1.29 -32.29 -6.76
C PHE D 534 -1.18 -32.19 -5.25
N GLU D 535 -0.96 -33.31 -4.58
CA GLU D 535 -0.85 -33.26 -3.14
C GLU D 535 0.55 -32.88 -2.70
N LEU D 536 1.51 -32.88 -3.63
CA LEU D 536 2.85 -32.41 -3.33
C LEU D 536 3.04 -30.96 -3.76
N PHE D 537 2.18 -30.48 -4.64
CA PHE D 537 2.26 -29.11 -5.14
C PHE D 537 1.88 -28.12 -4.04
N LEU D 538 1.09 -28.55 -3.08
CA LEU D 538 0.72 -27.74 -1.94
C LEU D 538 1.53 -28.09 -0.70
N THR D 539 2.54 -28.96 -0.85
CA THR D 539 3.43 -29.42 0.21
C THR D 539 2.67 -30.02 1.40
N ILE D 540 1.71 -30.89 1.10
CA ILE D 540 1.01 -31.65 2.12
C ILE D 540 1.32 -33.14 1.99
N ILE D 541 2.41 -33.50 1.33
CA ILE D 541 3.13 -34.76 1.59
C ILE D 541 4.57 -34.32 1.77
N ASP D 542 5.38 -35.19 2.37
CA ASP D 542 6.79 -34.89 2.56
C ASP D 542 7.48 -34.77 1.22
N GLY D 543 7.61 -35.87 0.51
CA GLY D 543 8.39 -35.89 -0.69
C GLY D 543 9.10 -37.21 -0.78
N PRO D 544 9.12 -37.80 -1.96
CA PRO D 544 9.60 -39.18 -2.10
C PRO D 544 11.08 -39.32 -1.85
N ALA D 545 11.44 -40.03 -0.79
CA ALA D 545 12.83 -40.31 -0.48
C ALA D 545 12.89 -41.61 0.30
N ASN D 546 13.85 -42.46 -0.03
CA ASN D 546 14.01 -43.71 0.68
C ASN D 546 15.27 -43.75 1.51
N TYR D 547 16.39 -43.26 0.97
CA TYR D 547 17.68 -43.06 1.63
C TYR D 547 18.36 -44.36 2.07
N ASN D 548 17.79 -45.53 1.76
CA ASN D 548 18.49 -46.79 1.96
C ASN D 548 18.99 -47.30 0.62
N VAL D 549 18.10 -47.41 -0.35
CA VAL D 549 18.47 -47.62 -1.74
C VAL D 549 18.60 -46.25 -2.39
N ASP D 550 19.26 -46.20 -3.55
CA ASP D 550 19.39 -44.95 -4.28
C ASP D 550 18.11 -44.66 -5.07
N LEU D 551 18.14 -43.59 -5.84
CA LEU D 551 17.05 -43.14 -6.67
C LEU D 551 17.52 -43.12 -8.12
N PRO D 552 16.62 -43.12 -9.11
CA PRO D 552 17.07 -42.87 -10.48
C PRO D 552 17.53 -41.42 -10.62
N PHE D 553 18.56 -41.21 -11.45
CA PHE D 553 19.27 -39.93 -11.45
C PHE D 553 18.43 -38.79 -12.02
N MET D 554 17.62 -39.08 -13.02
CA MET D 554 16.79 -38.03 -13.61
C MET D 554 15.67 -37.59 -12.66
N TYR D 555 15.37 -38.38 -11.62
CA TYR D 555 14.39 -37.95 -10.63
C TYR D 555 14.86 -36.72 -9.86
N SER D 556 16.13 -36.69 -9.47
CA SER D 556 16.57 -35.67 -8.52
C SER D 556 16.66 -34.30 -9.17
N ILE D 557 16.85 -34.26 -10.49
CA ILE D 557 16.87 -32.97 -11.18
C ILE D 557 15.46 -32.46 -11.39
N THR D 558 14.59 -33.27 -12.00
CA THR D 558 13.28 -32.77 -12.40
C THR D 558 12.34 -32.64 -11.23
N TYR D 559 12.73 -33.13 -10.06
CA TYR D 559 11.96 -32.84 -8.86
C TYR D 559 12.42 -31.55 -8.20
N ALA D 560 13.70 -31.21 -8.35
CA ALA D 560 14.17 -29.93 -7.84
C ALA D 560 13.68 -28.79 -8.72
N ALA D 561 13.37 -29.07 -9.98
CA ALA D 561 12.75 -28.05 -10.82
C ALA D 561 11.28 -27.91 -10.51
N PHE D 562 10.69 -28.92 -9.86
CA PHE D 562 9.32 -28.79 -9.40
C PHE D 562 9.23 -27.90 -8.19
N ALA D 563 10.15 -28.08 -7.23
CA ALA D 563 10.11 -27.32 -5.99
C ALA D 563 10.41 -25.85 -6.23
N ILE D 564 11.22 -25.55 -7.24
CA ILE D 564 11.55 -24.16 -7.54
C ILE D 564 10.39 -23.49 -8.27
N ILE D 565 9.41 -24.28 -8.72
CA ILE D 565 8.18 -23.68 -9.23
C ILE D 565 7.08 -23.75 -8.18
N ALA D 566 6.92 -24.92 -7.55
CA ALA D 566 5.72 -25.19 -6.77
C ALA D 566 5.67 -24.49 -5.43
N THR D 567 6.79 -24.28 -4.77
CA THR D 567 6.74 -23.78 -3.41
C THR D 567 7.43 -22.43 -3.29
N LEU D 568 8.14 -21.99 -4.32
CA LEU D 568 8.87 -20.75 -4.21
C LEU D 568 8.49 -19.73 -5.27
N LEU D 569 7.80 -20.14 -6.34
CA LEU D 569 7.29 -19.18 -7.31
C LEU D 569 5.78 -19.21 -7.46
N MET D 570 5.22 -20.38 -7.75
CA MET D 570 3.81 -20.46 -8.14
C MET D 570 2.86 -20.35 -6.96
N LEU D 571 3.24 -20.85 -5.78
CA LEU D 571 2.32 -20.78 -4.65
C LEU D 571 2.47 -19.49 -3.86
N ASN D 572 3.66 -18.89 -3.81
CA ASN D 572 3.77 -17.59 -3.16
C ASN D 572 3.14 -16.49 -3.99
N LEU D 573 2.87 -16.72 -5.27
CA LEU D 573 2.20 -15.71 -6.07
C LEU D 573 0.72 -15.61 -5.74
N LEU D 574 0.17 -16.55 -4.97
CA LEU D 574 -1.17 -16.37 -4.41
C LEU D 574 -1.18 -15.26 -3.37
N ILE D 575 -0.22 -15.31 -2.43
CA ILE D 575 -0.18 -14.33 -1.36
C ILE D 575 0.16 -12.96 -1.89
N ALA D 576 0.87 -12.89 -3.02
CA ALA D 576 1.03 -11.61 -3.69
C ALA D 576 -0.28 -11.15 -4.33
N MET D 577 -1.13 -12.09 -4.78
CA MET D 577 -2.40 -11.64 -5.33
C MET D 577 -3.48 -11.53 -4.26
N MET D 578 -3.42 -12.35 -3.21
CA MET D 578 -4.34 -12.17 -2.10
C MET D 578 -4.10 -10.84 -1.41
N GLY D 579 -2.84 -10.42 -1.30
CA GLY D 579 -2.54 -9.17 -0.64
C GLY D 579 -2.74 -7.96 -1.53
N ASP D 580 -2.89 -8.20 -2.83
CA ASP D 580 -3.15 -7.07 -3.72
C ASP D 580 -4.64 -6.91 -4.00
N THR D 581 -5.39 -8.01 -4.00
CA THR D 581 -6.83 -7.89 -4.17
C THR D 581 -7.49 -7.32 -2.92
N HIS D 582 -7.02 -7.73 -1.74
CA HIS D 582 -7.76 -7.49 -0.50
C HIS D 582 -7.71 -6.06 -0.02
N TRP D 583 -7.02 -5.15 -0.71
CA TRP D 583 -7.16 -3.75 -0.34
C TRP D 583 -7.77 -2.88 -1.43
N ARG D 584 -7.84 -3.37 -2.67
CA ARG D 584 -8.55 -2.62 -3.69
C ARG D 584 -9.93 -3.17 -3.97
N VAL D 585 -10.41 -4.11 -3.17
CA VAL D 585 -11.83 -4.36 -3.04
C VAL D 585 -12.29 -4.13 -1.61
N ALA D 586 -11.49 -3.42 -0.82
CA ALA D 586 -11.83 -3.15 0.58
C ALA D 586 -12.89 -2.06 0.72
N HIS D 587 -13.31 -1.43 -0.37
CA HIS D 587 -14.47 -0.55 -0.32
C HIS D 587 -15.70 -1.20 -0.92
N GLU D 588 -15.54 -2.09 -1.90
CA GLU D 588 -16.66 -2.92 -2.30
C GLU D 588 -17.03 -3.93 -1.22
N ARG D 589 -16.08 -4.29 -0.36
CA ARG D 589 -16.33 -5.26 0.68
C ARG D 589 -17.36 -4.76 1.69
N ASP D 590 -17.16 -3.54 2.19
CA ASP D 590 -18.02 -3.06 3.25
C ASP D 590 -19.34 -2.51 2.68
N GLU D 591 -19.42 -2.36 1.36
CA GLU D 591 -20.68 -1.93 0.76
C GLU D 591 -21.52 -3.12 0.34
N LEU D 592 -20.87 -4.18 -0.16
CA LEU D 592 -21.60 -5.41 -0.50
C LEU D 592 -22.25 -6.05 0.72
N TRP D 593 -21.67 -5.84 1.89
CA TRP D 593 -22.30 -6.34 3.11
C TRP D 593 -23.59 -5.57 3.42
N ARG D 594 -23.63 -4.29 3.08
CA ARG D 594 -24.86 -3.52 3.33
C ARG D 594 -25.94 -3.91 2.34
N ALA D 595 -25.56 -4.24 1.12
CA ALA D 595 -26.57 -4.70 0.18
C ALA D 595 -26.99 -6.13 0.46
N GLN D 596 -26.13 -6.91 1.10
CA GLN D 596 -26.46 -8.27 1.47
C GLN D 596 -27.40 -8.33 2.66
N ILE D 597 -27.37 -7.30 3.51
CA ILE D 597 -28.30 -7.28 4.64
C ILE D 597 -29.70 -6.92 4.18
N VAL D 598 -29.85 -6.34 3.00
CA VAL D 598 -31.18 -5.94 2.51
C VAL D 598 -31.84 -7.11 1.79
N ALA D 599 -31.05 -7.91 1.07
CA ALA D 599 -31.58 -9.11 0.43
C ALA D 599 -32.02 -10.15 1.45
N THR D 600 -31.52 -10.07 2.67
CA THR D 600 -32.11 -10.84 3.74
C THR D 600 -33.37 -10.16 4.26
N THR D 601 -33.41 -8.82 4.24
CA THR D 601 -34.54 -8.11 4.82
C THR D 601 -35.78 -8.23 3.96
N VAL D 602 -35.64 -8.07 2.65
CA VAL D 602 -36.81 -8.13 1.77
C VAL D 602 -37.32 -9.56 1.65
N MET D 603 -36.42 -10.54 1.70
CA MET D 603 -36.82 -11.93 1.49
C MET D 603 -37.63 -12.47 2.66
N LEU D 604 -37.25 -12.12 3.90
CA LEU D 604 -37.96 -12.64 5.05
C LEU D 604 -39.34 -12.02 5.19
N GLU D 605 -39.48 -10.73 4.88
CA GLU D 605 -40.79 -10.09 4.97
C GLU D 605 -41.75 -10.61 3.91
N ARG D 606 -41.24 -11.11 2.79
CA ARG D 606 -42.10 -11.67 1.75
C ARG D 606 -42.59 -13.07 2.09
N LYS D 607 -41.85 -13.84 2.89
CA LYS D 607 -42.23 -15.20 3.21
C LYS D 607 -42.86 -15.38 4.59
N LEU D 608 -42.52 -14.54 5.55
CA LEU D 608 -43.20 -14.60 6.84
C LEU D 608 -44.62 -14.05 6.71
N PRO D 609 -45.56 -14.54 7.53
CA PRO D 609 -46.94 -14.04 7.43
C PRO D 609 -47.12 -12.65 8.04
N ARG D 610 -48.38 -12.19 8.09
CA ARG D 610 -48.65 -10.79 8.40
C ARG D 610 -48.81 -10.49 9.89
N CYS D 611 -49.06 -11.49 10.73
CA CYS D 611 -49.10 -11.26 12.17
C CYS D 611 -47.72 -10.89 12.69
N LEU D 612 -46.70 -11.56 12.17
CA LEU D 612 -45.33 -11.12 12.33
C LEU D 612 -45.03 -10.03 11.30
N TRP D 613 -43.90 -9.33 11.50
CA TRP D 613 -43.48 -8.17 10.72
C TRP D 613 -44.56 -7.09 10.62
N PRO D 614 -44.82 -6.31 11.66
CA PRO D 614 -45.62 -5.11 11.48
C PRO D 614 -44.87 -4.14 10.59
N ARG D 615 -45.63 -3.37 9.80
CA ARG D 615 -45.03 -2.46 8.83
C ARG D 615 -44.37 -1.31 9.59
N SER D 616 -43.17 -0.95 9.15
CA SER D 616 -42.38 0.02 9.90
C SER D 616 -42.92 1.42 9.71
N GLY D 617 -43.13 2.13 10.82
CA GLY D 617 -43.58 3.50 10.75
C GLY D 617 -44.95 3.73 11.35
N ILE D 618 -45.32 5.00 11.50
CA ILE D 618 -46.60 5.35 12.11
C ILE D 618 -47.67 5.39 11.04
N CYS D 619 -48.82 4.79 11.34
CA CYS D 619 -49.88 4.65 10.35
C CYS D 619 -50.68 5.95 10.22
N GLY D 620 -51.58 5.94 9.24
CA GLY D 620 -52.46 7.05 8.97
C GLY D 620 -53.88 6.79 9.43
N ARG D 621 -54.82 7.49 8.77
CA ARG D 621 -56.27 7.57 9.02
C ARG D 621 -56.63 7.70 10.49
N GLU D 622 -55.77 8.36 11.24
CA GLU D 622 -55.97 8.71 12.65
C GLU D 622 -55.56 10.13 12.95
N TYR D 623 -54.70 10.73 12.14
CA TYR D 623 -54.14 12.04 12.41
C TYR D 623 -54.30 12.99 11.23
N GLY D 624 -55.33 12.79 10.41
CA GLY D 624 -55.64 13.68 9.31
C GLY D 624 -54.63 13.69 8.19
N LEU D 625 -54.00 12.56 7.88
CA LEU D 625 -52.96 12.52 6.86
C LEU D 625 -53.38 11.74 5.61
N GLY D 626 -54.19 10.72 5.75
CA GLY D 626 -54.59 9.90 4.64
C GLY D 626 -54.47 8.43 4.99
N ASP D 627 -54.19 7.61 3.99
CA ASP D 627 -54.09 6.17 4.21
C ASP D 627 -52.67 5.64 4.03
N ARG D 628 -51.76 6.43 3.48
CA ARG D 628 -50.38 6.01 3.38
C ARG D 628 -49.69 6.18 4.73
N TRP D 629 -48.68 5.36 4.98
CA TRP D 629 -48.06 5.26 6.30
C TRP D 629 -46.67 5.86 6.27
N PHE D 630 -46.34 6.68 7.27
CA PHE D 630 -45.19 7.57 7.25
C PHE D 630 -44.05 7.08 8.12
N LEU D 631 -42.92 7.78 8.00
CA LEU D 631 -41.74 7.63 8.83
C LEU D 631 -41.17 9.02 9.11
N ARG D 632 -40.48 9.16 10.24
CA ARG D 632 -39.82 10.42 10.57
C ARG D 632 -38.36 10.19 10.85
N VAL D 633 -37.57 11.25 10.70
CA VAL D 633 -36.16 11.24 11.06
C VAL D 633 -35.78 12.68 11.43
N GLU D 634 -34.86 12.81 12.39
CA GLU D 634 -34.39 14.11 12.82
C GLU D 634 -32.86 14.10 12.91
N ASP D 635 -32.27 15.26 12.65
CA ASP D 635 -30.81 15.36 12.58
C ASP D 635 -30.40 16.77 12.97
N ARG D 636 -29.16 16.90 13.44
CA ARG D 636 -28.59 18.19 13.76
C ARG D 636 -28.15 18.86 12.47
N GLN D 637 -28.54 20.12 12.30
CA GLN D 637 -28.28 20.85 11.07
C GLN D 637 -26.80 21.11 10.85
N ASP D 638 -26.01 21.14 11.93
CA ASP D 638 -24.58 21.47 12.02
C ASP D 638 -24.34 22.91 11.59
N LEU D 639 -25.37 23.76 11.62
CA LEU D 639 -25.32 25.22 11.40
C LEU D 639 -24.69 25.64 10.08
#